data_6T0S
#
_entry.id   6T0S
#
_cell.length_a   1.00
_cell.length_b   1.00
_cell.length_c   1.00
_cell.angle_alpha   90.00
_cell.angle_beta   90.00
_cell.angle_gamma   90.00
#
_symmetry.space_group_name_H-M   'P 1'
#
loop_
_entity.id
_entity.type
_entity.pdbx_description
1 polymer 'Polymerase acidic protein'
2 polymer 'RNA-directed RNA polymerase catalytic subunit'
3 polymer 'Polymerase basic protein 2'
4 polymer vRNA
5 polymer mRNA
6 non-polymer 'MAGNESIUM ION'
#
loop_
_entity_poly.entity_id
_entity_poly.type
_entity_poly.pdbx_seq_one_letter_code
_entity_poly.pdbx_strand_id
1 'polypeptide(L)'
;GSHHHHHHHHGSGSMENFVRTNFNPMILERAEKTMKEYGENPQNEGNKFAAISTHMEVCFMYSDFHFIDLEGNTIVKEND
DDNAMLKHRFEIIEGQERNIAWTIVNSICNMTENSKPRFLPDLYDYKTNKFIEIGVTRRKVEDYYYEAASKLKGENVYIH
IFSFDGEEMATDDEYILDEESRARIKTRLFVLRQELATAGLWDSFRQSEKGEETLEEEFSYPPTFQRLANQSLPPSFKDY
HQFKAYVSSFKANGNIEAKLGAMSEKVNAQIESFDPRTIRELELPEGKFCTQRSKFLLMDAMKLSVLNPAHEGEGIPMKD
AKACLDTFWGWKKATIIKKHEKGVNTNYLMIWEQLLESIKEMEGKFLNLKKTNHLKWGLGEGQAPEKMDFEDCKEVPDLF
QYKSEPPEKRKLASWIQSEFNKASELTNSNWIEFDELGNDVAPIEHIASRRRNFFTAEVSQCRASEYIMKAVYINTALLN
SSCTAMEEYQVIPIITKCRDTSGQRRTNLYGFIIKGRSHLRNDTDVVNFISLEFSLTDPRNEIHKWEKYCVLEIGDMEIR
TSISTIMKPVYLYVRTNGTSKIKMKWGMEMRRCLLQSLQQVESMIEAESAVKEKDMTEPFFRNRENDWPIGESPQGIEKG
TIGKVCRVLLAKSVFNSIYASAQLEGFSAESRKLLLLIQAFRDNLDPGTFDLKGLYEAIEECIINDPWVLLNASWFNSFL
KAVQLSMGSGSGENLYFQ
;
A
2 'polypeptide(L)'
;GSGSGSGSGMDVNPMLIFLKVPVQNAISTTFPYTGDPPYSHGTGTGYTMDTVIRTHDYSSRGIWKTNSETGAQQLNPIDG
PLPEDNEPSGYAQTDCVLELIEGLDRSHPGLFETACQETIDAIQQTRVDKLTQGRQTYDWTLNRNQPAATALANTIEVFR
KNGYKLNESGRLIDFLKDVLLSFENDSMEVTTHFQKKKRIRDNHSKKMITQRTIGKKRVKLTKKNYLIRALTLNTMTKDA
ERGKLKRRAIATPGMQIRGFVYFVELLARNICERLEQSGLPVGGNEKKAKLANVIKKMMAKSTDEELSYTITGDNTKWNE
NQNPRIFLAMVLRITAGQPEWFRDLLAVAPIMFSNKVARLGRGYMFESKSMHLRTQISAENLSDINLRYFNEDTKKKIEK
IRHLMVEGTASLSPGMMMGMFNMLSTVLGVSVLNLGQREILKRTYWWDGLQSSDDFALIINGHFKEDIQQGVNHFYRTCK
LVGINMSQKKSYINKTGTFEFTSFFYRYGFVANFSMELPSFGVAGNNESADMSIGTTVIKTNMINNDLGPATAQMAIQLF
IKDYRYTYRCHRGDTNLETRRTKSIKRLWTETISKAGLLVADGGPNPYNLRNLHIPEVCLKWSLMDPDYRGRLCNPNNPF
VHHMEVESTNLAVVMPAHGPAKSLEYDAVATTHSWTPKRNRSILNTNQRGILEDERIYQKCCQVFEKFFPSSTYRRPIGM
ASMLDAMLSRARIDARIDLESGRISSQDFSEITNTCKAIEALKRQGSGSGENLYFQ
;
B
3 'polypeptide(L)'
;GSGSGSGSGMERIKELMEMVKNSRMREILTTTSVDHMAVIKKYTSGRQEKNPALRMKWMMAMKYPISASSRIREMIPEKD
EDGNTLWTNTKDAGSNRVLVSPNAVTWWNRAGPVSDVVHYPRVYKMYFDRLERLTHGTFGPVKFYNQVKVRKRVDINPGH
KDLTSREAQEVIMEVVFPNEVGARTLSSDAQLTITKEKKEELKNCKISPIMVAYMLERELVRRTRFLPIAGATSSTYVEV
LHLTQGTCWEQQYTPGGEAENDDLDQTLIIASRNIVRRSIVAIDPLASLLSMCHTTSISSEPLVEILRSNPTDEQAVNIC
KAALGIRINNSFSFGGYNFKRVKGSSQRTEKAVLTGNLQTLTMTIFEGYEEFNVSGKRASAVLKKGAQRLIQAIIGGRTL
EDILNLMITLMVFSQEEKMLKAVRGDLNFVNRANQRLNPMYQLLRHFQKDSSTLLKNWGTEEIDPIMGIAGIMPDGTINK
TQTLMGVRLSQGGVDEYSFNERIRVNIDKYLRVRNEKGELLISPEEVSEAQGQEKLPINYNSSLMWEVNGPESILTNTYH
WIIKNWELLKTQWMTDPTVLYNRIEFEPFQTLIPKGNRAIYSGFTRTLFQQMRDVEGTFDSIQIIKLLPFSAHPPSLGRT
QFSSFTLNIRGAPLRLLIRGNSQVFNYNQMENVIIVLGKSVGSPERSILTESSSIESAVLRGFLILGKANSKYGPVLTIG
ELDKLGRGEKANVLIGQGDTVLVMKRKRDSSILTDSQTALKRIRLEESKGWSHPQFEKGGGSGGGSGGSAWSHPQFEKGR
SGGENLYFQ
;
C
4 'polyribonucleotide' AGUAGUAACAAGAGCAUUUUUUCCGUCUCGCCUCUGCUUCUGCU V
5 'polyribonucleotide' GACGGAAAAAA M
#
loop_
_chem_comp.id
_chem_comp.type
_chem_comp.name
_chem_comp.formula
A RNA linking ADENOSINE-5'-MONOPHOSPHATE 'C10 H14 N5 O7 P'
C RNA linking CYTIDINE-5'-MONOPHOSPHATE 'C9 H14 N3 O8 P'
G RNA linking GUANOSINE-5'-MONOPHOSPHATE 'C10 H14 N5 O8 P'
MG non-polymer 'MAGNESIUM ION' 'Mg 2'
U RNA linking URIDINE-5'-MONOPHOSPHATE 'C9 H13 N2 O9 P'
#
# COMPACT_ATOMS: atom_id res chain seq x y z
N MET A 15 -5.84 -51.47 20.74
CA MET A 15 -5.73 -50.27 21.55
C MET A 15 -4.55 -49.40 21.11
N GLU A 16 -3.78 -48.93 22.10
CA GLU A 16 -2.67 -48.03 21.87
C GLU A 16 -1.34 -48.59 22.32
N ASN A 17 -1.30 -49.25 23.48
CA ASN A 17 -0.05 -49.79 24.00
C ASN A 17 0.39 -51.06 23.28
N PHE A 18 -0.54 -51.80 22.69
CA PHE A 18 -0.17 -52.94 21.86
C PHE A 18 0.56 -52.49 20.61
N VAL A 19 0.16 -51.36 20.04
CA VAL A 19 0.87 -50.82 18.88
C VAL A 19 2.20 -50.23 19.31
N ARG A 20 2.32 -49.79 20.56
CA ARG A 20 3.59 -49.29 21.07
C ARG A 20 4.52 -50.39 21.54
N THR A 21 4.03 -51.63 21.65
CA THR A 21 4.85 -52.75 22.07
C THR A 21 5.33 -53.60 20.89
N ASN A 22 4.41 -54.04 20.03
CA ASN A 22 4.70 -55.04 19.01
C ASN A 22 5.00 -54.43 17.64
N PHE A 23 5.63 -53.25 17.61
CA PHE A 23 6.03 -52.61 16.38
C PHE A 23 7.39 -51.96 16.58
N ASN A 24 8.10 -51.76 15.47
CA ASN A 24 9.35 -51.02 15.51
C ASN A 24 9.07 -49.54 15.73
N PRO A 25 9.98 -48.82 16.41
CA PRO A 25 9.72 -47.39 16.68
C PRO A 25 9.71 -46.52 15.44
N MET A 26 10.40 -46.93 14.37
CA MET A 26 10.31 -46.19 13.12
C MET A 26 8.94 -46.37 12.48
N ILE A 27 8.33 -47.55 12.63
CA ILE A 27 6.99 -47.78 12.12
C ILE A 27 5.98 -46.92 12.88
N LEU A 28 6.16 -46.81 14.20
CA LEU A 28 5.32 -45.93 15.02
C LEU A 28 5.53 -44.47 14.65
N GLU A 29 6.76 -44.08 14.29
CA GLU A 29 7.03 -42.70 13.90
C GLU A 29 6.36 -42.37 12.56
N ARG A 30 6.44 -43.28 11.59
CA ARG A 30 5.77 -43.08 10.31
C ARG A 30 4.25 -43.05 10.48
N ALA A 31 3.71 -43.91 11.35
CA ALA A 31 2.27 -43.93 11.58
C ALA A 31 1.80 -42.67 12.30
N GLU A 32 2.62 -42.15 13.22
CA GLU A 32 2.27 -40.91 13.90
C GLU A 32 2.34 -39.72 12.97
N LYS A 33 3.32 -39.69 12.06
CA LYS A 33 3.42 -38.61 11.09
C LYS A 33 2.30 -38.67 10.06
N THR A 34 1.81 -39.86 9.73
CA THR A 34 0.67 -39.95 8.83
C THR A 34 -0.66 -39.71 9.54
N MET A 35 -0.73 -39.91 10.85
CA MET A 35 -1.96 -39.58 11.59
C MET A 35 -2.05 -38.08 11.87
N LYS A 36 -0.91 -37.44 12.15
CA LYS A 36 -0.91 -36.00 12.38
C LYS A 36 -1.16 -35.21 11.09
N GLU A 37 -0.99 -35.83 9.93
CA GLU A 37 -1.32 -35.16 8.67
C GLU A 37 -2.82 -34.99 8.52
N TYR A 38 -3.61 -35.84 9.15
CA TYR A 38 -5.07 -35.75 9.10
C TYR A 38 -5.66 -35.13 10.35
N GLY A 39 -4.84 -34.82 11.34
CA GLY A 39 -5.33 -34.15 12.54
C GLY A 39 -6.00 -35.06 13.55
N GLU A 40 -5.57 -36.31 13.64
CA GLU A 40 -6.15 -37.27 14.57
C GLU A 40 -5.06 -37.89 15.41
N ASN A 41 -5.17 -37.75 16.74
CA ASN A 41 -4.21 -38.36 17.63
C ASN A 41 -4.44 -39.87 17.71
N PRO A 42 -3.40 -40.65 17.99
CA PRO A 42 -3.60 -42.10 18.21
C PRO A 42 -4.32 -42.43 19.51
N GLN A 43 -4.45 -41.48 20.43
CA GLN A 43 -5.14 -41.74 21.69
C GLN A 43 -6.65 -41.79 21.49
N ASN A 44 -7.18 -40.93 20.60
CA ASN A 44 -8.60 -40.92 20.34
C ASN A 44 -9.03 -42.09 19.47
N GLU A 45 -8.17 -42.53 18.55
CA GLU A 45 -8.43 -43.70 17.71
C GLU A 45 -7.19 -44.59 17.78
N GLY A 46 -7.27 -45.66 18.57
CA GLY A 46 -6.15 -46.58 18.73
C GLY A 46 -6.12 -47.67 17.68
N ASN A 47 -7.30 -48.17 17.30
CA ASN A 47 -7.34 -49.23 16.29
C ASN A 47 -7.06 -48.68 14.90
N LYS A 48 -7.40 -47.42 14.64
CA LYS A 48 -6.99 -46.79 13.39
C LYS A 48 -5.48 -46.61 13.34
N PHE A 49 -4.87 -46.30 14.49
CA PHE A 49 -3.42 -46.22 14.58
C PHE A 49 -2.78 -47.60 14.36
N ALA A 50 -3.42 -48.65 14.87
CA ALA A 50 -2.93 -50.01 14.65
C ALA A 50 -3.04 -50.41 13.19
N ALA A 51 -4.13 -50.02 12.52
CA ALA A 51 -4.30 -50.34 11.11
C ALA A 51 -3.30 -49.58 10.24
N ILE A 52 -3.04 -48.31 10.58
CA ILE A 52 -2.06 -47.53 9.83
C ILE A 52 -0.65 -48.07 10.03
N SER A 53 -0.33 -48.50 11.27
CA SER A 53 0.96 -49.12 11.53
C SER A 53 1.11 -50.46 10.82
N THR A 54 0.02 -51.23 10.71
CA THR A 54 0.09 -52.50 10.02
C THR A 54 0.26 -52.31 8.52
N HIS A 55 -0.43 -51.31 7.95
CA HIS A 55 -0.25 -50.96 6.54
C HIS A 55 1.17 -50.50 6.26
N MET A 56 1.73 -49.69 7.17
CA MET A 56 3.11 -49.23 7.05
C MET A 56 4.10 -50.40 7.12
N GLU A 57 3.87 -51.33 8.05
CA GLU A 57 4.78 -52.46 8.20
C GLU A 57 4.68 -53.42 7.01
N VAL A 58 3.49 -53.59 6.44
CA VAL A 58 3.35 -54.47 5.28
C VAL A 58 3.99 -53.84 4.05
N CYS A 59 3.86 -52.51 3.89
CA CYS A 59 4.55 -51.85 2.78
C CYS A 59 6.07 -51.87 2.97
N PHE A 60 6.54 -51.78 4.22
CA PHE A 60 7.97 -51.86 4.49
C PHE A 60 8.52 -53.26 4.23
N MET A 61 7.79 -54.30 4.63
CA MET A 61 8.21 -55.66 4.35
C MET A 61 8.09 -56.01 2.87
N TYR A 62 7.19 -55.34 2.14
CA TYR A 62 7.11 -55.53 0.70
C TYR A 62 8.28 -54.86 -0.01
N SER A 63 8.69 -53.68 0.45
CA SER A 63 9.68 -52.91 -0.29
C SER A 63 11.12 -53.20 0.12
N ASP A 64 11.35 -53.64 1.35
CA ASP A 64 12.72 -53.83 1.80
C ASP A 64 13.29 -55.14 1.26
N PHE A 65 14.63 -55.20 1.25
CA PHE A 65 15.43 -56.37 0.88
C PHE A 65 15.17 -56.83 -0.55
N HIS A 66 14.89 -55.89 -1.44
CA HIS A 66 14.77 -56.16 -2.87
C HIS A 66 15.61 -55.13 -3.61
N PHE A 67 16.69 -55.60 -4.23
CA PHE A 67 17.68 -54.72 -4.83
C PHE A 67 17.87 -55.08 -6.30
N ILE A 68 18.12 -54.05 -7.11
CA ILE A 68 18.42 -54.22 -8.53
C ILE A 68 19.92 -54.01 -8.71
N ASP A 69 20.59 -54.99 -9.32
CA ASP A 69 22.04 -54.97 -9.46
C ASP A 69 22.43 -54.12 -10.66
N LEU A 70 23.72 -54.20 -11.06
CA LEU A 70 24.21 -53.45 -12.20
C LEU A 70 23.65 -53.99 -13.51
N GLU A 71 23.41 -55.30 -13.60
CA GLU A 71 22.83 -55.88 -14.80
C GLU A 71 21.33 -55.60 -14.89
N GLY A 72 20.61 -55.75 -13.78
CA GLY A 72 19.20 -55.44 -13.77
C GLY A 72 18.34 -56.45 -13.05
N ASN A 73 18.89 -57.63 -12.76
CA ASN A 73 18.12 -58.69 -12.13
C ASN A 73 17.88 -58.40 -10.66
N THR A 74 16.65 -58.65 -10.21
CA THR A 74 16.26 -58.33 -8.84
C THR A 74 16.79 -59.41 -7.89
N ILE A 75 17.67 -59.01 -6.98
CA ILE A 75 18.26 -59.91 -6.01
C ILE A 75 17.79 -59.54 -4.62
N VAL A 76 17.64 -60.55 -3.77
CA VAL A 76 17.22 -60.37 -2.38
C VAL A 76 18.46 -60.46 -1.51
N LYS A 77 18.71 -59.41 -0.73
CA LYS A 77 19.88 -59.35 0.15
C LYS A 77 19.41 -59.26 1.59
N GLU A 78 20.27 -59.72 2.50
CA GLU A 78 19.93 -59.74 3.92
C GLU A 78 20.20 -58.40 4.58
N ASN A 79 21.17 -57.63 4.07
CA ASN A 79 21.51 -56.32 4.61
C ASN A 79 21.75 -55.37 3.45
N ASP A 80 22.15 -54.14 3.78
CA ASP A 80 22.45 -53.12 2.79
C ASP A 80 23.94 -53.11 2.49
N ASP A 81 24.38 -54.15 1.78
CA ASP A 81 25.79 -54.31 1.44
C ASP A 81 26.21 -53.29 0.38
N MET A 85 27.34 -51.33 -3.21
CA MET A 85 26.63 -50.41 -4.08
C MET A 85 25.42 -51.09 -4.72
N LEU A 86 24.24 -50.83 -4.16
CA LEU A 86 23.00 -51.36 -4.70
C LEU A 86 21.90 -50.31 -4.59
N LYS A 87 20.88 -50.45 -5.43
CA LYS A 87 19.73 -49.56 -5.44
C LYS A 87 18.47 -50.37 -5.16
N HIS A 88 17.48 -49.71 -4.55
CA HIS A 88 16.25 -50.38 -4.18
C HIS A 88 15.39 -50.69 -5.40
N ARG A 89 14.63 -51.78 -5.31
CA ARG A 89 13.74 -52.15 -6.40
C ARG A 89 12.49 -51.29 -6.41
N PHE A 90 11.89 -51.07 -5.24
CA PHE A 90 10.67 -50.28 -5.11
C PHE A 90 10.98 -48.89 -4.59
N GLU A 91 10.11 -47.95 -4.92
CA GLU A 91 10.08 -46.62 -4.33
C GLU A 91 8.89 -46.55 -3.39
N ILE A 92 9.14 -46.22 -2.13
CA ILE A 92 8.09 -46.14 -1.13
C ILE A 92 7.39 -44.81 -1.23
N ILE A 93 6.06 -44.84 -1.41
CA ILE A 93 5.25 -43.63 -1.53
C ILE A 93 4.40 -43.42 -0.30
N GLU A 94 3.84 -44.50 0.26
CA GLU A 94 3.04 -44.39 1.47
C GLU A 94 3.94 -44.18 2.68
N GLY A 95 3.54 -43.27 3.56
CA GLY A 95 4.29 -42.92 4.74
C GLY A 95 4.88 -41.53 4.73
N GLN A 96 4.97 -40.90 3.56
CA GLN A 96 5.50 -39.56 3.44
C GLN A 96 4.37 -38.55 3.61
N GLU A 97 4.70 -37.28 3.40
CA GLU A 97 3.67 -36.25 3.29
C GLU A 97 2.96 -36.39 1.96
N ARG A 98 1.77 -35.77 1.86
CA ARG A 98 0.99 -35.89 0.63
C ARG A 98 1.63 -35.13 -0.53
N ASN A 99 2.18 -33.95 -0.26
CA ASN A 99 2.83 -33.19 -1.32
C ASN A 99 4.17 -33.81 -1.71
N ILE A 100 4.87 -34.40 -0.74
CA ILE A 100 6.10 -35.16 -1.02
C ILE A 100 5.78 -36.36 -1.91
N ALA A 101 4.71 -37.08 -1.57
CA ALA A 101 4.32 -38.26 -2.33
C ALA A 101 3.87 -37.89 -3.73
N TRP A 102 3.15 -36.76 -3.88
CA TRP A 102 2.75 -36.35 -5.22
C TRP A 102 3.91 -35.80 -6.02
N THR A 103 4.94 -35.26 -5.35
CA THR A 103 6.16 -34.89 -6.05
C THR A 103 6.90 -36.12 -6.57
N ILE A 104 6.92 -37.20 -5.77
CA ILE A 104 7.52 -38.45 -6.20
C ILE A 104 6.75 -39.05 -7.38
N VAL A 105 5.41 -39.01 -7.30
CA VAL A 105 4.56 -39.54 -8.37
C VAL A 105 4.72 -38.72 -9.65
N ASN A 106 4.81 -37.40 -9.53
CA ASN A 106 5.02 -36.55 -10.70
C ASN A 106 6.41 -36.72 -11.30
N SER A 107 7.41 -36.99 -10.47
CA SER A 107 8.75 -37.25 -11.00
C SER A 107 8.81 -38.59 -11.71
N ILE A 108 8.05 -39.58 -11.24
CA ILE A 108 8.04 -40.88 -11.89
C ILE A 108 7.25 -40.82 -13.19
N CYS A 109 6.07 -40.18 -13.17
CA CYS A 109 5.20 -40.15 -14.33
C CYS A 109 5.74 -39.27 -15.46
N ASN A 110 6.60 -38.30 -15.14
CA ASN A 110 7.25 -37.49 -16.15
C ASN A 110 8.65 -38.00 -16.50
N MET A 111 8.96 -39.24 -16.15
CA MET A 111 10.14 -39.93 -16.63
C MET A 111 9.79 -41.05 -17.59
N THR A 112 8.74 -41.81 -17.29
CA THR A 112 8.12 -42.72 -18.23
C THR A 112 6.99 -42.00 -18.95
N GLU A 113 6.16 -42.75 -19.68
CA GLU A 113 4.96 -42.19 -20.30
C GLU A 113 3.69 -42.62 -19.57
N ASN A 114 3.81 -43.03 -18.31
CA ASN A 114 2.67 -43.51 -17.56
C ASN A 114 1.77 -42.36 -17.15
N SER A 115 0.46 -42.58 -17.27
CA SER A 115 -0.51 -41.59 -16.81
C SER A 115 -0.52 -41.52 -15.29
N LYS A 116 -0.87 -40.35 -14.78
CA LYS A 116 -0.87 -40.12 -13.34
C LYS A 116 -1.99 -40.92 -12.68
N PRO A 117 -1.72 -41.56 -11.54
CA PRO A 117 -2.80 -42.16 -10.76
C PRO A 117 -3.67 -41.08 -10.13
N ARG A 118 -4.98 -41.33 -10.14
CA ARG A 118 -5.92 -40.37 -9.56
C ARG A 118 -5.80 -40.29 -8.05
N PHE A 119 -5.45 -41.41 -7.41
CA PHE A 119 -5.23 -41.45 -5.97
C PHE A 119 -3.78 -41.82 -5.70
N LEU A 120 -3.34 -41.56 -4.48
CA LEU A 120 -1.95 -41.84 -4.09
C LEU A 120 -1.73 -43.33 -3.98
N PRO A 121 -0.77 -43.90 -4.72
CA PRO A 121 -0.44 -45.32 -4.54
C PRO A 121 0.45 -45.54 -3.32
N ASP A 122 0.90 -46.78 -3.11
CA ASP A 122 1.70 -47.11 -1.94
C ASP A 122 3.16 -47.35 -2.28
N LEU A 123 3.45 -48.14 -3.31
CA LEU A 123 4.82 -48.36 -3.76
C LEU A 123 4.90 -48.14 -5.26
N TYR A 124 6.12 -48.19 -5.80
CA TYR A 124 6.33 -48.16 -7.24
C TYR A 124 7.44 -49.12 -7.60
N ASP A 125 7.12 -50.14 -8.39
CA ASP A 125 8.12 -51.09 -8.85
C ASP A 125 8.80 -50.56 -10.12
N TYR A 126 10.11 -50.33 -10.02
CA TYR A 126 10.92 -49.93 -11.17
C TYR A 126 11.15 -51.08 -12.14
N LYS A 127 11.05 -52.33 -11.67
CA LYS A 127 11.35 -53.47 -12.53
C LYS A 127 10.25 -53.68 -13.56
N THR A 128 8.98 -53.49 -13.17
CA THR A 128 7.86 -53.55 -14.09
C THR A 128 7.25 -52.20 -14.37
N ASN A 129 7.79 -51.13 -13.76
CA ASN A 129 7.36 -49.74 -13.95
C ASN A 129 5.88 -49.55 -13.61
N LYS A 130 5.47 -50.08 -12.46
CA LYS A 130 4.06 -50.08 -12.09
C LYS A 130 3.87 -49.60 -10.66
N PHE A 131 2.87 -48.74 -10.47
CA PHE A 131 2.48 -48.36 -9.12
C PHE A 131 1.74 -49.52 -8.46
N ILE A 132 1.93 -49.66 -7.15
CA ILE A 132 1.42 -50.79 -6.39
C ILE A 132 0.60 -50.24 -5.23
N GLU A 133 -0.66 -50.65 -5.17
CA GLU A 133 -1.55 -50.32 -4.05
C GLU A 133 -1.70 -51.55 -3.17
N ILE A 134 -1.39 -51.39 -1.88
CA ILE A 134 -1.40 -52.49 -0.93
C ILE A 134 -2.39 -52.16 0.18
N GLY A 135 -3.45 -52.94 0.27
CA GLY A 135 -4.42 -52.82 1.35
C GLY A 135 -4.35 -54.02 2.26
N VAL A 136 -4.42 -53.79 3.57
CA VAL A 136 -4.35 -54.83 4.57
C VAL A 136 -5.67 -54.84 5.31
N THR A 137 -6.51 -55.83 5.02
CA THR A 137 -7.89 -55.86 5.47
C THR A 137 -8.07 -56.87 6.59
N ARG A 138 -9.30 -56.94 7.10
CA ARG A 138 -9.70 -57.91 8.12
C ARG A 138 -10.89 -58.74 7.69
N ARG A 139 -11.51 -58.43 6.55
CA ARG A 139 -12.54 -59.25 5.95
C ARG A 139 -11.88 -60.29 5.04
N LYS A 140 -12.67 -60.92 4.18
CA LYS A 140 -12.09 -61.80 3.18
C LYS A 140 -11.34 -60.97 2.13
N VAL A 141 -10.32 -61.60 1.55
CA VAL A 141 -9.41 -60.86 0.66
C VAL A 141 -10.10 -60.50 -0.65
N GLU A 142 -11.01 -61.35 -1.12
CA GLU A 142 -11.69 -61.11 -2.39
C GLU A 142 -12.68 -59.96 -2.29
N ASP A 143 -13.28 -59.77 -1.11
CA ASP A 143 -14.22 -58.67 -0.92
C ASP A 143 -13.51 -57.33 -0.97
N TYR A 144 -12.39 -57.20 -0.25
CA TYR A 144 -11.62 -55.97 -0.30
C TYR A 144 -10.93 -55.78 -1.65
N TYR A 145 -10.62 -56.88 -2.34
CA TYR A 145 -10.04 -56.77 -3.67
C TYR A 145 -11.05 -56.21 -4.67
N TYR A 146 -12.29 -56.71 -4.65
CA TYR A 146 -13.30 -56.18 -5.55
C TYR A 146 -13.74 -54.78 -5.13
N GLU A 147 -13.67 -54.46 -3.83
CA GLU A 147 -13.93 -53.09 -3.38
C GLU A 147 -12.86 -52.12 -3.89
N ALA A 148 -11.59 -52.54 -3.86
CA ALA A 148 -10.52 -51.70 -4.37
C ALA A 148 -10.58 -51.59 -5.89
N ALA A 149 -10.99 -52.67 -6.58
CA ALA A 149 -11.13 -52.60 -8.03
C ALA A 149 -12.32 -51.75 -8.45
N SER A 150 -13.36 -51.69 -7.61
CA SER A 150 -14.46 -50.76 -7.86
C SER A 150 -14.03 -49.34 -7.57
N LYS A 151 -13.18 -49.12 -6.58
CA LYS A 151 -12.71 -47.78 -6.25
C LYS A 151 -11.67 -47.28 -7.24
N LEU A 152 -10.88 -48.18 -7.84
CA LEU A 152 -9.81 -47.82 -8.77
C LEU A 152 -10.13 -48.25 -10.20
N LYS A 153 -11.39 -48.12 -10.61
CA LYS A 153 -11.81 -48.52 -11.95
C LYS A 153 -11.56 -47.37 -12.92
N GLY A 154 -10.64 -47.58 -13.85
CA GLY A 154 -10.33 -46.56 -14.84
C GLY A 154 -8.83 -46.34 -15.02
N GLU A 155 -8.06 -46.63 -13.97
CA GLU A 155 -6.61 -46.46 -13.99
C GLU A 155 -5.93 -47.81 -13.78
N ASN A 156 -4.70 -47.93 -14.30
CA ASN A 156 -3.96 -49.19 -14.29
C ASN A 156 -2.99 -49.18 -13.12
N VAL A 157 -3.50 -49.54 -11.95
CA VAL A 157 -2.73 -49.61 -10.72
C VAL A 157 -2.74 -51.05 -10.25
N TYR A 158 -1.55 -51.62 -10.05
CA TYR A 158 -1.44 -52.99 -9.56
C TYR A 158 -1.87 -53.07 -8.11
N ILE A 159 -2.72 -54.06 -7.80
CA ILE A 159 -3.28 -54.21 -6.47
C ILE A 159 -2.71 -55.48 -5.84
N HIS A 160 -2.56 -55.46 -4.53
CA HIS A 160 -2.08 -56.62 -3.79
C HIS A 160 -2.64 -56.53 -2.37
N ILE A 161 -3.73 -57.25 -2.13
CA ILE A 161 -4.44 -57.18 -0.86
C ILE A 161 -4.00 -58.35 0.01
N PHE A 162 -3.65 -58.05 1.26
CA PHE A 162 -3.36 -59.06 2.27
C PHE A 162 -4.43 -58.97 3.36
N SER A 163 -4.60 -60.07 4.08
CA SER A 163 -5.56 -60.11 5.18
C SER A 163 -4.94 -60.85 6.35
N PHE A 164 -5.62 -60.80 7.49
CA PHE A 164 -5.22 -61.54 8.67
C PHE A 164 -5.66 -63.00 8.65
N ASP A 165 -6.31 -63.44 7.57
CA ASP A 165 -6.77 -64.81 7.43
C ASP A 165 -5.71 -65.72 6.83
N GLY A 166 -4.46 -65.26 6.73
CA GLY A 166 -3.40 -66.08 6.19
C GLY A 166 -3.44 -66.26 4.69
N GLU A 167 -4.15 -65.39 3.97
CA GLU A 167 -4.28 -65.51 2.53
C GLU A 167 -4.17 -64.13 1.90
N GLU A 168 -3.90 -64.12 0.59
CA GLU A 168 -3.67 -62.90 -0.16
C GLU A 168 -4.43 -62.95 -1.47
N MET A 169 -4.45 -61.82 -2.16
CA MET A 169 -4.98 -61.76 -3.53
C MET A 169 -4.36 -60.58 -4.25
N ALA A 170 -3.62 -60.87 -5.32
CA ALA A 170 -3.06 -59.82 -6.17
C ALA A 170 -3.97 -59.61 -7.38
N THR A 171 -3.49 -58.83 -8.34
CA THR A 171 -4.21 -58.58 -9.58
C THR A 171 -3.90 -59.71 -10.56
N ASP A 172 -4.96 -60.40 -11.01
CA ASP A 172 -4.91 -61.55 -11.92
C ASP A 172 -4.10 -62.72 -11.37
N ASP A 173 -3.95 -62.80 -10.04
CA ASP A 173 -3.26 -63.87 -9.31
C ASP A 173 -1.80 -64.05 -9.73
N GLU A 174 -1.18 -63.04 -10.32
CA GLU A 174 0.20 -63.12 -10.80
C GLU A 174 1.07 -62.27 -9.88
N TYR A 175 1.68 -62.92 -8.89
CA TYR A 175 2.51 -62.22 -7.93
C TYR A 175 3.82 -61.78 -8.57
N ILE A 176 4.20 -60.52 -8.35
CA ILE A 176 5.48 -60.05 -8.84
C ILE A 176 6.56 -60.16 -7.77
N LEU A 177 6.19 -60.12 -6.50
CA LEU A 177 7.13 -60.34 -5.42
C LEU A 177 7.46 -61.83 -5.31
N ASP A 178 8.58 -62.11 -4.65
CA ASP A 178 9.00 -63.50 -4.44
C ASP A 178 8.12 -64.18 -3.39
N GLU A 179 8.25 -65.50 -3.31
CA GLU A 179 7.42 -66.28 -2.41
C GLU A 179 7.85 -66.15 -0.95
N GLU A 180 9.15 -65.94 -0.70
CA GLU A 180 9.66 -65.89 0.67
C GLU A 180 9.18 -64.64 1.40
N SER A 181 9.19 -63.49 0.73
CA SER A 181 8.76 -62.26 1.37
C SER A 181 7.26 -62.23 1.59
N ARG A 182 6.48 -62.80 0.67
CA ARG A 182 5.04 -62.89 0.88
C ARG A 182 4.70 -63.89 1.97
N ALA A 183 5.49 -64.96 2.11
CA ALA A 183 5.31 -65.89 3.23
C ALA A 183 5.66 -65.22 4.55
N ARG A 184 6.69 -64.35 4.56
CA ARG A 184 7.00 -63.58 5.75
C ARG A 184 5.88 -62.59 6.10
N ILE A 185 5.27 -61.98 5.08
CA ILE A 185 4.14 -61.08 5.29
C ILE A 185 2.97 -61.82 5.91
N LYS A 186 2.64 -63.01 5.36
CA LYS A 186 1.54 -63.80 5.88
C LYS A 186 1.81 -64.32 7.29
N THR A 187 3.07 -64.69 7.57
CA THR A 187 3.42 -65.15 8.91
C THR A 187 3.36 -64.00 9.92
N ARG A 188 3.80 -62.81 9.53
CA ARG A 188 3.73 -61.65 10.41
C ARG A 188 2.28 -61.24 10.67
N LEU A 189 1.43 -61.35 9.64
CA LEU A 189 0.02 -61.01 9.84
C LEU A 189 -0.70 -62.06 10.69
N PHE A 190 -0.31 -63.33 10.58
CA PHE A 190 -0.89 -64.35 11.45
C PHE A 190 -0.40 -64.19 12.88
N VAL A 191 0.85 -63.76 13.07
CA VAL A 191 1.37 -63.45 14.41
C VAL A 191 0.60 -62.28 15.01
N LEU A 192 0.35 -61.24 14.20
CA LEU A 192 -0.43 -60.09 14.69
C LEU A 192 -1.88 -60.47 14.97
N ARG A 193 -2.44 -61.41 14.20
CA ARG A 193 -3.81 -61.85 14.45
C ARG A 193 -3.91 -62.66 15.73
N GLN A 194 -2.92 -63.53 15.98
CA GLN A 194 -2.88 -64.28 17.24
C GLN A 194 -2.65 -63.35 18.43
N GLU A 195 -1.83 -62.30 18.24
CA GLU A 195 -1.59 -61.35 19.32
C GLU A 195 -2.82 -60.49 19.60
N LEU A 196 -3.59 -60.18 18.56
CA LEU A 196 -4.83 -59.45 18.77
C LEU A 196 -5.92 -60.35 19.35
N ALA A 197 -5.84 -61.65 19.10
CA ALA A 197 -6.76 -62.60 19.73
C ALA A 197 -6.46 -62.76 21.20
N THR A 198 -5.17 -62.92 21.55
CA THR A 198 -4.77 -63.11 22.94
C THR A 198 -4.87 -61.83 23.77
N ALA A 199 -5.03 -60.67 23.13
CA ALA A 199 -5.25 -59.43 23.85
C ALA A 199 -6.71 -59.05 23.94
N GLY A 200 -7.61 -59.87 23.39
CA GLY A 200 -9.03 -59.57 23.39
C GLY A 200 -9.40 -58.39 22.54
N LEU A 201 -8.63 -58.10 21.50
CA LEU A 201 -8.80 -56.90 20.70
C LEU A 201 -9.07 -57.18 19.23
N TRP A 202 -9.31 -58.43 18.85
CA TRP A 202 -9.44 -58.75 17.43
C TRP A 202 -10.77 -58.29 16.86
N ASP A 203 -11.89 -58.77 17.43
CA ASP A 203 -13.21 -58.43 16.91
C ASP A 203 -13.57 -56.96 17.14
N SER A 204 -12.94 -56.31 18.11
CA SER A 204 -13.05 -54.86 18.22
C SER A 204 -12.35 -54.18 17.04
N PHE A 205 -11.15 -54.64 16.72
CA PHE A 205 -10.42 -54.12 15.57
C PHE A 205 -11.03 -54.57 14.25
N ARG A 206 -11.62 -55.77 14.23
CA ARG A 206 -12.33 -56.24 13.04
C ARG A 206 -13.58 -55.40 12.78
N GLN A 207 -14.21 -54.88 13.83
CA GLN A 207 -15.37 -54.01 13.72
C GLN A 207 -15.02 -52.56 14.07
N SER A 208 -13.76 -52.16 13.88
CA SER A 208 -13.35 -50.79 14.09
C SER A 208 -13.45 -49.94 12.82
N GLU A 209 -13.75 -50.56 11.68
CA GLU A 209 -13.85 -49.83 10.43
C GLU A 209 -15.13 -49.01 10.39
N LYS A 210 -15.00 -47.74 9.97
CA LYS A 210 -16.10 -46.78 9.80
C LYS A 210 -16.93 -46.56 11.06
N THR A 214 -15.72 -39.57 7.54
CA THR A 214 -15.11 -38.25 7.74
C THR A 214 -15.63 -37.61 9.03
N LEU A 215 -14.74 -36.93 9.74
CA LEU A 215 -15.10 -36.25 10.97
C LEU A 215 -15.49 -34.81 10.69
N GLU A 216 -15.95 -34.13 11.74
CA GLU A 216 -16.36 -32.73 11.67
C GLU A 216 -15.29 -31.85 12.30
N GLU A 217 -15.52 -30.55 12.19
CA GLU A 217 -14.69 -29.57 12.89
C GLU A 217 -15.28 -29.27 14.27
N GLU A 218 -14.44 -28.78 15.17
CA GLU A 218 -14.89 -28.39 16.49
C GLU A 218 -14.09 -27.19 16.95
N PHE A 219 -14.70 -26.36 17.80
CA PHE A 219 -14.03 -25.19 18.33
C PHE A 219 -14.64 -24.91 19.70
N SER A 220 -13.99 -25.38 20.74
CA SER A 220 -14.49 -25.22 22.09
C SER A 220 -13.89 -23.99 22.74
N TYR A 221 -14.53 -23.54 23.80
CA TYR A 221 -13.98 -22.40 24.53
C TYR A 221 -13.25 -22.88 25.77
N PRO A 222 -12.01 -22.46 25.97
CA PRO A 222 -11.34 -22.66 27.26
C PRO A 222 -12.04 -21.85 28.35
N PRO A 223 -11.84 -22.21 29.63
CA PRO A 223 -12.60 -21.52 30.69
C PRO A 223 -12.26 -20.05 30.86
N THR A 224 -11.03 -19.64 30.56
CA THR A 224 -10.68 -18.22 30.63
C THR A 224 -11.41 -17.43 29.54
N PHE A 225 -11.43 -17.95 28.32
CA PHE A 225 -12.18 -17.25 27.29
C PHE A 225 -13.69 -17.42 27.46
N GLN A 226 -14.13 -18.46 28.15
CA GLN A 226 -15.55 -18.55 28.50
C GLN A 226 -15.94 -17.48 29.52
N ARG A 227 -15.04 -17.19 30.47
CA ARG A 227 -15.30 -16.11 31.41
C ARG A 227 -15.18 -14.74 30.75
N LEU A 228 -14.36 -14.62 29.70
CA LEU A 228 -14.37 -13.40 28.90
C LEU A 228 -15.64 -13.29 28.08
N ALA A 229 -16.17 -14.42 27.61
CA ALA A 229 -17.38 -14.45 26.81
C ALA A 229 -18.61 -14.10 27.64
N ASN A 230 -18.59 -14.44 28.93
CA ASN A 230 -19.70 -14.10 29.80
C ASN A 230 -19.79 -12.61 30.08
N GLN A 231 -18.70 -11.86 29.89
CA GLN A 231 -18.65 -10.43 30.16
C GLN A 231 -18.59 -9.60 28.89
N SER A 232 -19.19 -10.08 27.80
CA SER A 232 -19.19 -9.36 26.53
C SER A 232 -20.60 -9.29 25.96
N LEU A 233 -21.61 -9.22 26.84
CA LEU A 233 -23.00 -9.37 26.46
C LEU A 233 -23.78 -8.09 26.73
N PRO A 234 -25.04 -8.02 26.29
CA PRO A 234 -25.96 -7.03 26.87
C PRO A 234 -26.08 -7.23 28.37
N PRO A 235 -26.36 -6.16 29.12
CA PRO A 235 -26.27 -6.23 30.60
C PRO A 235 -27.33 -7.10 31.26
N SER A 236 -28.36 -7.53 30.54
CA SER A 236 -29.36 -8.41 31.14
C SER A 236 -28.86 -9.84 31.25
N PHE A 237 -28.04 -10.29 30.31
CA PHE A 237 -27.58 -11.67 30.25
C PHE A 237 -26.32 -11.85 31.09
N LYS A 238 -26.17 -13.05 31.66
CA LYS A 238 -25.01 -13.38 32.46
C LYS A 238 -24.17 -14.53 31.89
N ASP A 239 -24.71 -15.30 30.94
CA ASP A 239 -23.99 -16.39 30.31
C ASP A 239 -23.97 -16.17 28.80
N TYR A 240 -22.87 -16.59 28.16
CA TYR A 240 -22.76 -16.46 26.72
C TYR A 240 -23.70 -17.41 26.00
N HIS A 241 -23.93 -18.60 26.55
CA HIS A 241 -24.86 -19.53 25.93
C HIS A 241 -26.30 -19.07 26.05
N GLN A 242 -26.62 -18.35 27.13
CA GLN A 242 -27.96 -17.77 27.28
C GLN A 242 -28.24 -16.72 26.22
N PHE A 243 -27.27 -15.82 25.99
CA PHE A 243 -27.41 -14.82 24.93
C PHE A 243 -27.41 -15.46 23.56
N LYS A 244 -26.64 -16.53 23.38
CA LYS A 244 -26.62 -17.25 22.11
C LYS A 244 -27.97 -17.90 21.82
N ALA A 245 -28.60 -18.49 22.84
CA ALA A 245 -29.92 -19.07 22.69
C ALA A 245 -30.98 -17.99 22.47
N TYR A 246 -30.81 -16.82 23.09
CA TYR A 246 -31.74 -15.71 22.87
C TYR A 246 -31.68 -15.21 21.43
N VAL A 247 -30.48 -15.08 20.87
CA VAL A 247 -30.35 -14.60 19.51
C VAL A 247 -30.81 -15.65 18.51
N SER A 248 -30.53 -16.93 18.80
CA SER A 248 -31.03 -18.00 17.94
C SER A 248 -32.53 -18.22 18.06
N SER A 249 -33.15 -17.72 19.13
CA SER A 249 -34.59 -17.90 19.34
C SER A 249 -35.30 -16.56 19.41
N PHE A 250 -35.02 -15.67 18.46
CA PHE A 250 -35.59 -14.33 18.45
C PHE A 250 -36.45 -14.16 17.20
N LYS A 251 -37.71 -13.79 17.41
CA LYS A 251 -38.58 -13.31 16.34
C LYS A 251 -38.98 -11.88 16.63
N ALA A 252 -39.11 -11.07 15.59
CA ALA A 252 -39.38 -9.65 15.76
C ALA A 252 -40.83 -9.42 16.11
N ASN A 253 -41.05 -8.72 17.22
CA ASN A 253 -42.39 -8.36 17.69
C ASN A 253 -42.62 -6.85 17.62
N GLY A 254 -42.05 -6.22 16.60
CA GLY A 254 -42.19 -4.78 16.44
C GLY A 254 -41.39 -4.00 17.46
N ASN A 255 -40.11 -4.36 17.61
CA ASN A 255 -39.28 -3.71 18.62
C ASN A 255 -38.85 -2.30 18.19
N ILE A 256 -38.76 -2.06 16.88
CA ILE A 256 -38.29 -0.78 16.38
C ILE A 256 -39.32 0.31 16.64
N GLU A 257 -40.58 0.05 16.31
CA GLU A 257 -41.63 1.05 16.56
C GLU A 257 -41.91 1.21 18.05
N ALA A 258 -41.77 0.13 18.82
CA ALA A 258 -41.93 0.21 20.27
C ALA A 258 -40.84 1.07 20.91
N LYS A 259 -39.62 1.01 20.37
CA LYS A 259 -38.56 1.87 20.88
C LYS A 259 -38.64 3.28 20.31
N LEU A 260 -39.22 3.45 19.12
CA LEU A 260 -39.38 4.78 18.56
C LEU A 260 -40.49 5.56 19.25
N GLY A 261 -41.49 4.87 19.78
CA GLY A 261 -42.51 5.56 20.57
C GLY A 261 -41.98 6.06 21.90
N ALA A 262 -40.99 5.37 22.46
CA ALA A 262 -40.44 5.75 23.75
C ALA A 262 -39.32 6.78 23.65
N MET A 263 -38.76 6.99 22.46
CA MET A 263 -37.71 7.98 22.27
C MET A 263 -38.31 9.38 22.28
N SER A 264 -37.52 10.34 22.80
CA SER A 264 -37.98 11.71 22.95
C SER A 264 -38.16 12.39 21.59
N GLU A 265 -38.99 13.43 21.58
CA GLU A 265 -39.28 14.19 20.37
C GLU A 265 -38.14 15.09 19.95
N LYS A 266 -37.17 15.34 20.83
CA LYS A 266 -36.05 16.23 20.53
C LYS A 266 -34.92 15.53 19.79
N VAL A 267 -35.13 14.29 19.33
CA VAL A 267 -34.18 13.60 18.48
C VAL A 267 -34.78 13.53 17.08
N ASN A 268 -34.46 14.50 16.24
CA ASN A 268 -34.99 14.53 14.89
C ASN A 268 -34.06 15.35 14.01
N ALA A 269 -34.10 15.06 12.71
CA ALA A 269 -33.33 15.79 11.71
C ALA A 269 -34.29 16.73 10.98
N GLN A 270 -34.49 17.91 11.55
CA GLN A 270 -35.41 18.88 10.98
C GLN A 270 -34.75 19.59 9.81
N ILE A 271 -35.31 19.41 8.62
CA ILE A 271 -34.76 20.01 7.41
C ILE A 271 -35.07 21.50 7.41
N GLU A 272 -34.04 22.34 7.54
CA GLU A 272 -34.18 23.77 7.32
C GLU A 272 -33.79 24.07 5.88
N SER A 273 -34.64 24.82 5.18
CA SER A 273 -34.44 25.09 3.77
C SER A 273 -33.24 26.01 3.57
N PHE A 274 -32.52 25.78 2.47
CA PHE A 274 -31.30 26.50 2.17
C PHE A 274 -31.57 27.56 1.11
N ASP A 275 -31.19 28.79 1.42
CA ASP A 275 -31.29 29.89 0.47
C ASP A 275 -30.08 30.79 0.67
N PRO A 276 -29.18 30.87 -0.32
CA PRO A 276 -27.95 31.68 -0.15
C PRO A 276 -28.19 33.18 -0.09
N ARG A 277 -29.38 33.65 -0.44
CA ARG A 277 -29.75 35.04 -0.20
C ARG A 277 -30.11 35.31 1.25
N THR A 278 -30.24 34.27 2.07
CA THR A 278 -30.55 34.43 3.49
C THR A 278 -29.39 34.05 4.39
N ILE A 279 -28.45 33.23 3.93
CA ILE A 279 -27.31 32.82 4.76
C ILE A 279 -26.32 33.97 4.87
N ARG A 280 -25.39 33.85 5.79
CA ARG A 280 -24.42 34.90 6.08
C ARG A 280 -23.07 34.57 5.46
N GLU A 281 -22.21 35.58 5.41
CA GLU A 281 -20.85 35.37 4.96
C GLU A 281 -20.02 34.70 6.06
N LEU A 282 -18.85 34.23 5.67
CA LEU A 282 -17.92 33.70 6.65
C LEU A 282 -17.35 34.82 7.51
N GLU A 283 -17.10 34.52 8.78
CA GLU A 283 -16.54 35.47 9.72
C GLU A 283 -15.04 35.23 9.79
N LEU A 284 -14.29 36.05 9.08
CA LEU A 284 -12.83 35.98 9.12
C LEU A 284 -12.35 36.46 10.50
N PRO A 285 -11.28 35.87 11.03
CA PRO A 285 -10.83 36.22 12.38
C PRO A 285 -10.27 37.63 12.47
N GLU A 286 -10.14 38.10 13.70
CA GLU A 286 -9.75 39.47 13.99
C GLU A 286 -8.47 39.47 14.81
N GLY A 287 -7.53 40.33 14.44
CA GLY A 287 -6.26 40.42 15.13
C GLY A 287 -5.27 41.22 14.33
N LYS A 288 -4.00 40.83 14.44
CA LYS A 288 -2.97 41.45 13.62
C LYS A 288 -3.09 40.97 12.18
N PHE A 289 -2.41 41.67 11.28
CA PHE A 289 -2.47 41.32 9.86
C PHE A 289 -1.63 40.08 9.59
N CYS A 290 -2.00 39.37 8.53
CA CYS A 290 -1.32 38.12 8.19
C CYS A 290 0.04 38.40 7.58
N THR A 291 1.00 37.53 7.88
CA THR A 291 2.40 37.72 7.53
C THR A 291 2.76 36.85 6.34
N GLN A 292 3.73 37.33 5.54
CA GLN A 292 4.29 36.54 4.46
C GLN A 292 5.04 35.34 5.01
N ARG A 293 4.66 34.14 4.54
CA ARG A 293 5.25 32.90 5.02
C ARG A 293 5.76 32.02 3.88
N SER A 294 5.94 32.59 2.69
CA SER A 294 6.47 31.82 1.58
C SER A 294 7.97 31.61 1.74
N LYS A 295 8.52 30.73 0.92
CA LYS A 295 9.94 30.41 0.97
C LYS A 295 10.79 31.37 0.15
N PHE A 296 10.16 32.29 -0.58
CA PHE A 296 10.86 33.27 -1.38
C PHE A 296 9.92 34.43 -1.65
N LEU A 297 10.50 35.57 -2.04
CA LEU A 297 9.69 36.71 -2.42
C LEU A 297 9.03 36.44 -3.77
N LEU A 298 7.73 36.68 -3.86
CA LEU A 298 7.00 36.37 -5.10
C LEU A 298 6.90 37.59 -6.01
N MET A 299 6.24 38.64 -5.55
CA MET A 299 6.04 39.82 -6.38
C MET A 299 7.10 40.88 -6.15
N ASP A 300 7.81 40.81 -5.04
CA ASP A 300 8.82 41.79 -4.68
C ASP A 300 10.21 41.37 -5.08
N ALA A 301 10.37 40.20 -5.71
CA ALA A 301 11.68 39.67 -6.04
C ALA A 301 12.29 40.44 -7.21
N MET A 302 13.55 40.84 -7.04
CA MET A 302 14.32 41.48 -8.09
C MET A 302 15.47 40.56 -8.45
N LYS A 303 15.66 40.33 -9.75
CA LYS A 303 16.66 39.39 -10.23
C LYS A 303 17.84 40.13 -10.83
N LEU A 304 19.02 39.52 -10.69
CA LEU A 304 20.21 39.95 -11.41
C LEU A 304 20.44 38.95 -12.53
N SER A 305 20.44 39.42 -13.78
CA SER A 305 20.39 38.53 -14.91
C SER A 305 21.66 38.62 -15.74
N VAL A 306 21.99 37.49 -16.38
CA VAL A 306 22.98 37.45 -17.45
C VAL A 306 22.29 36.93 -18.71
N LEU A 307 22.53 37.62 -19.82
CA LEU A 307 21.92 37.30 -21.10
C LEU A 307 22.91 36.51 -21.94
N ASN A 308 22.51 35.29 -22.33
CA ASN A 308 23.32 34.29 -23.01
C ASN A 308 24.62 34.04 -22.24
N PRO A 309 24.55 33.37 -21.08
CA PRO A 309 25.75 33.25 -20.22
C PRO A 309 26.77 32.28 -20.78
N ALA A 310 27.92 32.81 -21.18
CA ALA A 310 28.99 32.02 -21.79
C ALA A 310 30.28 32.13 -20.99
N HIS A 311 30.18 32.23 -19.68
CA HIS A 311 31.35 32.23 -18.81
C HIS A 311 31.87 30.81 -18.65
N GLU A 312 33.01 30.67 -17.98
CA GLU A 312 33.66 29.38 -17.79
C GLU A 312 33.10 28.74 -16.52
N GLY A 313 32.21 27.77 -16.70
CA GLY A 313 31.57 27.12 -15.57
C GLY A 313 30.07 27.31 -15.57
N GLU A 314 29.50 27.54 -16.74
CA GLU A 314 28.06 27.74 -16.86
C GLU A 314 27.32 26.45 -16.59
N GLY A 315 26.33 26.51 -15.70
CA GLY A 315 25.63 25.34 -15.23
C GLY A 315 25.80 25.16 -13.74
N ILE A 316 27.01 25.40 -13.25
CA ILE A 316 27.29 25.33 -11.81
C ILE A 316 26.60 26.51 -11.12
N PRO A 317 25.90 26.28 -10.00
CA PRO A 317 25.12 27.37 -9.38
C PRO A 317 25.95 28.53 -8.84
N MET A 318 27.09 28.26 -8.21
CA MET A 318 27.88 29.35 -7.64
C MET A 318 28.60 30.16 -8.71
N LYS A 319 28.98 29.52 -9.81
CA LYS A 319 29.59 30.25 -10.93
C LYS A 319 28.58 31.19 -11.57
N ASP A 320 27.34 30.72 -11.78
CA ASP A 320 26.27 31.59 -12.27
C ASP A 320 25.92 32.68 -11.27
N ALA A 321 26.03 32.38 -9.97
CA ALA A 321 25.77 33.39 -8.94
C ALA A 321 26.81 34.51 -9.01
N LYS A 322 28.08 34.16 -9.15
CA LYS A 322 29.12 35.18 -9.26
C LYS A 322 29.02 35.95 -10.58
N ALA A 323 28.63 35.26 -11.66
CA ALA A 323 28.47 35.94 -12.95
C ALA A 323 27.27 36.88 -12.95
N CYS A 324 26.24 36.58 -12.15
CA CYS A 324 25.13 37.50 -12.01
C CYS A 324 25.45 38.64 -11.05
N LEU A 325 26.22 38.38 -9.99
CA LEU A 325 26.65 39.43 -9.08
C LEU A 325 27.63 40.40 -9.73
N ASP A 326 28.33 39.98 -10.79
CA ASP A 326 29.19 40.89 -11.52
C ASP A 326 28.41 41.89 -12.38
N THR A 327 27.12 41.68 -12.61
CA THR A 327 26.34 42.63 -13.39
C THR A 327 25.86 43.82 -12.58
N PHE A 328 26.04 43.79 -11.25
CA PHE A 328 25.61 44.88 -10.38
C PHE A 328 26.77 45.25 -9.48
N TRP A 329 27.25 46.49 -9.62
CA TRP A 329 28.37 46.99 -8.83
C TRP A 329 27.99 48.31 -8.16
N GLY A 330 26.80 48.36 -7.57
CA GLY A 330 26.39 49.50 -6.80
C GLY A 330 26.36 49.21 -5.31
N TRP A 331 27.25 48.32 -4.88
CA TRP A 331 27.26 47.82 -3.51
C TRP A 331 27.77 48.89 -2.55
N LYS A 332 26.87 49.53 -1.83
CA LYS A 332 27.25 50.39 -0.72
C LYS A 332 27.25 49.55 0.56
N LYS A 333 27.55 50.20 1.68
CA LYS A 333 27.53 49.49 2.96
C LYS A 333 26.10 49.22 3.40
N ALA A 334 25.86 48.00 3.86
CA ALA A 334 24.51 47.60 4.22
C ALA A 334 24.14 48.11 5.60
N THR A 335 22.96 48.72 5.70
CA THR A 335 22.44 49.23 6.97
C THR A 335 21.08 48.61 7.24
N ILE A 336 20.81 48.34 8.51
CA ILE A 336 19.56 47.70 8.93
C ILE A 336 18.43 48.72 8.78
N ILE A 337 17.57 48.50 7.79
CA ILE A 337 16.45 49.40 7.54
C ILE A 337 15.21 48.97 8.31
N LYS A 338 14.86 47.68 8.24
CA LYS A 338 13.70 47.16 8.93
C LYS A 338 14.15 46.03 9.84
N LYS A 339 13.98 46.22 11.15
CA LYS A 339 14.46 45.24 12.12
C LYS A 339 13.48 44.08 12.25
N HIS A 340 14.02 42.89 12.40
CA HIS A 340 13.25 41.76 12.90
C HIS A 340 13.08 41.95 14.40
N GLU A 341 11.82 41.99 14.86
CA GLU A 341 11.55 42.43 16.23
C GLU A 341 11.93 41.38 17.26
N LYS A 342 11.78 40.10 16.92
CA LYS A 342 12.10 39.03 17.85
C LYS A 342 13.55 38.56 17.75
N GLY A 343 14.28 38.98 16.72
CA GLY A 343 15.63 38.51 16.52
C GLY A 343 16.70 39.60 16.55
N VAL A 344 17.93 39.19 16.86
CA VAL A 344 19.08 40.09 16.83
C VAL A 344 19.40 40.41 15.37
N ASN A 345 19.33 41.68 15.01
CA ASN A 345 19.46 42.10 13.61
C ASN A 345 20.91 42.33 13.19
N THR A 346 21.78 42.66 14.14
CA THR A 346 23.21 42.77 13.84
C THR A 346 23.78 41.41 13.44
N ASN A 347 23.21 40.32 13.97
CA ASN A 347 23.57 39.00 13.49
C ASN A 347 23.22 38.80 12.03
N TYR A 348 22.06 39.30 11.59
CA TYR A 348 21.68 39.22 10.19
C TYR A 348 22.60 40.06 9.30
N LEU A 349 22.98 41.25 9.78
CA LEU A 349 23.89 42.12 9.04
C LEU A 349 25.27 41.47 8.91
N MET A 350 25.78 40.87 10.00
CA MET A 350 27.06 40.18 9.94
C MET A 350 26.98 38.91 9.10
N ILE A 351 25.81 38.26 9.04
CA ILE A 351 25.62 37.10 8.18
C ILE A 351 25.72 37.51 6.71
N TRP A 352 25.09 38.63 6.35
CA TRP A 352 25.17 39.09 4.96
C TRP A 352 26.59 39.55 4.61
N GLU A 353 27.28 40.18 5.55
CA GLU A 353 28.65 40.61 5.27
C GLU A 353 29.61 39.43 5.16
N GLN A 354 29.42 38.41 5.98
CA GLN A 354 30.21 37.18 5.87
C GLN A 354 29.93 36.46 4.57
N LEU A 355 28.65 36.43 4.15
CA LEU A 355 28.28 35.78 2.90
C LEU A 355 28.89 36.48 1.70
N LEU A 356 28.83 37.82 1.67
CA LEU A 356 29.40 38.56 0.54
C LEU A 356 30.92 38.46 0.52
N GLU A 357 31.55 38.49 1.69
CA GLU A 357 33.01 38.37 1.78
C GLU A 357 33.47 36.98 1.35
N SER A 358 32.74 35.93 1.73
CA SER A 358 33.12 34.59 1.33
C SER A 358 32.80 34.30 -0.13
N ILE A 359 31.81 34.99 -0.69
CA ILE A 359 31.55 34.87 -2.12
C ILE A 359 32.65 35.53 -2.92
N LYS A 360 33.10 36.72 -2.50
CA LYS A 360 34.07 37.48 -3.28
C LYS A 360 35.48 36.90 -3.26
N GLU A 361 35.76 35.84 -2.48
CA GLU A 361 37.04 35.14 -2.56
C GLU A 361 36.80 33.68 -2.20
N MET A 362 36.61 32.85 -3.23
CA MET A 362 36.39 31.42 -3.02
C MET A 362 36.77 30.67 -4.29
N GLU A 363 37.09 29.39 -4.12
CA GLU A 363 37.36 28.48 -5.23
C GLU A 363 36.47 27.26 -5.08
N GLY A 364 36.44 26.44 -6.12
CA GLY A 364 35.65 25.23 -6.12
C GLY A 364 34.26 25.44 -6.68
N LYS A 365 33.42 24.42 -6.46
CA LYS A 365 32.03 24.48 -6.91
C LYS A 365 31.08 24.97 -5.83
N PHE A 366 31.35 24.63 -4.57
CA PHE A 366 30.47 24.94 -3.47
C PHE A 366 31.12 25.95 -2.52
N LEU A 367 30.29 26.60 -1.73
CA LEU A 367 30.75 27.55 -0.71
C LEU A 367 30.16 27.14 0.63
N ASN A 368 30.97 26.48 1.44
CA ASN A 368 30.59 26.17 2.82
C ASN A 368 31.10 27.29 3.72
N LEU A 369 30.20 27.83 4.54
CA LEU A 369 30.54 28.98 5.36
C LEU A 369 31.13 28.54 6.70
N LYS A 370 31.97 29.40 7.25
CA LYS A 370 32.54 29.15 8.57
C LYS A 370 31.46 29.34 9.64
N LYS A 371 31.41 28.41 10.58
CA LYS A 371 30.37 28.39 11.61
C LYS A 371 30.70 29.43 12.67
N THR A 372 30.35 30.69 12.36
CA THR A 372 30.51 31.79 13.29
C THR A 372 29.30 31.89 14.21
N ASN A 373 29.42 32.74 15.24
CA ASN A 373 28.39 32.81 16.28
C ASN A 373 27.09 33.42 15.77
N HIS A 374 27.19 34.43 14.90
CA HIS A 374 25.98 35.03 14.35
C HIS A 374 25.29 34.09 13.37
N LEU A 375 26.06 33.33 12.60
CA LEU A 375 25.48 32.33 11.72
C LEU A 375 24.94 31.13 12.50
N LYS A 376 25.58 30.80 13.63
CA LYS A 376 25.04 29.76 14.51
C LYS A 376 23.73 30.20 15.14
N TRP A 377 23.60 31.49 15.47
CA TRP A 377 22.32 32.00 15.96
C TRP A 377 21.27 32.00 14.86
N GLY A 378 21.64 32.45 13.65
CA GLY A 378 20.69 32.54 12.57
C GLY A 378 20.24 31.21 12.02
N LEU A 379 21.04 30.16 12.16
CA LEU A 379 20.67 28.83 11.73
C LEU A 379 20.17 27.96 12.88
N GLY A 380 20.16 28.49 14.09
CA GLY A 380 19.58 27.80 15.23
C GLY A 380 20.36 26.61 15.74
N GLU A 381 21.69 26.70 15.75
CA GLU A 381 22.51 25.63 16.28
C GLU A 381 22.60 25.75 17.79
N GLY A 382 22.29 24.67 18.49
CA GLY A 382 22.31 24.65 19.94
C GLY A 382 21.00 25.04 20.59
N GLN A 383 19.97 25.37 19.81
CA GLN A 383 18.68 25.73 20.39
C GLN A 383 17.92 24.52 20.93
N ALA A 384 18.19 23.33 20.40
CA ALA A 384 17.53 22.14 20.89
C ALA A 384 18.11 21.75 22.25
N PRO A 385 17.27 21.43 23.23
CA PRO A 385 17.77 20.84 24.47
C PRO A 385 18.36 19.46 24.22
N GLU A 386 19.30 19.08 25.07
CA GLU A 386 19.93 17.77 24.93
C GLU A 386 18.94 16.67 25.33
N LYS A 387 18.88 15.63 24.51
CA LYS A 387 17.94 14.55 24.73
C LYS A 387 18.57 13.45 25.57
N MET A 388 17.92 13.11 26.68
CA MET A 388 18.35 12.01 27.53
C MET A 388 17.14 11.10 27.80
N ASP A 389 17.43 9.88 28.21
CA ASP A 389 16.37 8.96 28.58
C ASP A 389 15.81 9.31 29.95
N PHE A 390 14.61 8.82 30.22
CA PHE A 390 13.92 9.14 31.47
C PHE A 390 14.54 8.45 32.67
N GLU A 391 15.30 7.37 32.46
CA GLU A 391 16.02 6.72 33.54
C GLU A 391 17.13 7.61 34.09
N ASP A 392 17.77 8.41 33.23
CA ASP A 392 18.74 9.40 33.64
C ASP A 392 18.11 10.76 33.88
N CYS A 393 16.79 10.84 33.93
CA CYS A 393 16.04 12.07 34.16
C CYS A 393 14.95 11.85 35.19
N LYS A 394 15.31 11.21 36.31
CA LYS A 394 14.34 10.85 37.33
C LYS A 394 14.31 11.80 38.51
N GLU A 395 15.42 12.49 38.80
CA GLU A 395 15.49 13.45 39.89
C GLU A 395 15.59 14.89 39.39
N VAL A 396 14.99 15.18 38.23
CA VAL A 396 15.00 16.51 37.64
C VAL A 396 13.72 17.21 38.09
N PRO A 397 13.81 18.28 38.89
CA PRO A 397 12.59 18.90 39.44
C PRO A 397 11.99 19.98 38.56
N ASP A 398 12.40 20.08 37.29
CA ASP A 398 11.89 21.11 36.40
C ASP A 398 11.31 20.56 35.10
N LEU A 399 11.06 19.26 35.02
CA LEU A 399 10.58 18.64 33.79
C LEU A 399 9.12 19.03 33.56
N PHE A 400 8.90 20.01 32.69
CA PHE A 400 7.56 20.43 32.29
C PHE A 400 7.30 20.02 30.85
N GLN A 401 6.01 19.87 30.54
CA GLN A 401 5.61 19.34 29.24
C GLN A 401 5.80 20.39 28.15
N TYR A 402 5.87 19.90 26.91
CA TYR A 402 5.86 20.79 25.75
C TYR A 402 4.51 21.49 25.65
N LYS A 403 4.53 22.71 25.13
CA LYS A 403 3.32 23.51 24.99
C LYS A 403 2.66 23.17 23.66
N SER A 404 1.36 22.88 23.71
CA SER A 404 0.60 22.46 22.54
C SER A 404 -0.51 23.45 22.26
N GLU A 405 -0.18 24.74 22.29
CA GLU A 405 -1.17 25.78 22.13
C GLU A 405 -1.63 25.89 20.68
N PRO A 406 -2.87 26.32 20.45
CA PRO A 406 -3.33 26.57 19.07
C PRO A 406 -2.67 27.81 18.51
N PRO A 407 -2.69 27.99 17.19
CA PRO A 407 -2.13 29.22 16.60
C PRO A 407 -2.97 30.44 16.96
N GLU A 408 -2.31 31.60 16.92
CA GLU A 408 -3.01 32.84 17.17
C GLU A 408 -3.70 33.30 15.89
N LYS A 409 -4.88 33.89 16.03
CA LYS A 409 -5.66 34.30 14.87
C LYS A 409 -5.10 35.58 14.29
N ARG A 410 -5.20 35.69 12.96
CA ARG A 410 -4.69 36.84 12.24
C ARG A 410 -5.77 37.38 11.30
N LYS A 411 -5.68 38.67 11.00
CA LYS A 411 -6.62 39.33 10.12
C LYS A 411 -6.11 39.28 8.69
N LEU A 412 -7.05 39.29 7.75
CA LEU A 412 -6.70 39.31 6.33
C LEU A 412 -6.13 40.68 5.96
N ALA A 413 -5.11 40.67 5.10
CA ALA A 413 -4.54 41.88 4.57
C ALA A 413 -4.59 41.86 3.05
N SER A 414 -4.39 43.03 2.45
CA SER A 414 -4.53 43.19 1.00
C SER A 414 -3.32 42.70 0.22
N TRP A 415 -2.21 42.37 0.90
CA TRP A 415 -1.01 41.98 0.16
C TRP A 415 -1.17 40.63 -0.50
N ILE A 416 -1.96 39.73 0.07
CA ILE A 416 -2.12 38.41 -0.55
C ILE A 416 -3.01 38.50 -1.79
N GLN A 417 -3.98 39.40 -1.79
CA GLN A 417 -4.74 39.68 -3.01
C GLN A 417 -3.86 40.36 -4.05
N SER A 418 -2.94 41.22 -3.60
CA SER A 418 -1.97 41.82 -4.52
C SER A 418 -1.06 40.75 -5.13
N GLU A 419 -0.64 39.77 -4.33
CA GLU A 419 0.19 38.68 -4.82
C GLU A 419 -0.54 37.84 -5.84
N PHE A 420 -1.82 37.55 -5.59
CA PHE A 420 -2.56 36.73 -6.54
C PHE A 420 -2.90 37.50 -7.81
N ASN A 421 -3.05 38.83 -7.71
CA ASN A 421 -3.24 39.62 -8.92
C ASN A 421 -1.96 39.69 -9.74
N LYS A 422 -0.80 39.77 -9.07
CA LYS A 422 0.46 39.81 -9.80
C LYS A 422 0.86 38.45 -10.34
N ALA A 423 0.40 37.37 -9.70
CA ALA A 423 0.79 36.01 -10.10
C ALA A 423 0.01 35.49 -11.29
N SER A 424 -1.06 36.18 -11.71
CA SER A 424 -1.82 35.78 -12.88
C SER A 424 -1.43 36.57 -14.12
N GLU A 425 -0.36 37.36 -14.04
CA GLU A 425 0.01 38.26 -15.11
C GLU A 425 1.04 37.63 -16.04
N LEU A 426 1.01 38.05 -17.30
CA LEU A 426 1.98 37.61 -18.29
C LEU A 426 3.28 38.38 -18.16
N THR A 427 4.39 37.69 -18.37
CA THR A 427 5.72 38.29 -18.38
C THR A 427 6.31 38.16 -19.78
N ASN A 428 7.51 38.71 -19.95
CA ASN A 428 8.22 38.68 -21.23
C ASN A 428 9.31 37.63 -21.24
N SER A 429 9.08 36.50 -20.60
CA SER A 429 10.05 35.42 -20.56
C SER A 429 9.32 34.09 -20.57
N ASN A 430 9.77 33.17 -21.42
CA ASN A 430 9.27 31.79 -21.39
C ASN A 430 9.90 31.10 -20.19
N TRP A 431 9.12 30.88 -19.14
CA TRP A 431 9.67 30.38 -17.89
C TRP A 431 9.74 28.87 -17.82
N ILE A 432 8.90 28.16 -18.57
CA ILE A 432 8.86 26.70 -18.52
C ILE A 432 9.06 26.18 -19.93
N GLU A 433 10.10 25.39 -20.13
CA GLU A 433 10.43 24.81 -21.43
C GLU A 433 10.03 23.34 -21.41
N PHE A 434 9.15 22.95 -22.31
CA PHE A 434 8.66 21.59 -22.38
C PHE A 434 9.53 20.77 -23.32
N ASP A 435 9.78 19.52 -22.94
CA ASP A 435 10.61 18.65 -23.74
C ASP A 435 9.85 18.17 -24.98
N GLU A 436 10.57 17.46 -25.85
CA GLU A 436 10.02 17.06 -27.13
C GLU A 436 9.01 15.92 -26.96
N LEU A 437 8.15 15.78 -27.96
CA LEU A 437 7.19 14.69 -28.04
C LEU A 437 7.58 13.76 -29.18
N GLY A 438 6.73 12.77 -29.44
CA GLY A 438 6.87 11.95 -30.62
C GLY A 438 6.20 12.59 -31.83
N ASN A 439 6.26 11.87 -32.95
CA ASN A 439 5.59 12.32 -34.15
C ASN A 439 4.07 12.20 -33.99
N ASP A 440 3.35 13.23 -34.43
CA ASP A 440 1.89 13.19 -34.40
C ASP A 440 1.38 12.49 -35.65
N VAL A 441 0.74 11.34 -35.46
CA VAL A 441 0.22 10.53 -36.56
C VAL A 441 -1.30 10.57 -36.61
N ALA A 442 -1.96 10.35 -35.47
CA ALA A 442 -3.41 10.39 -35.42
C ALA A 442 -3.91 11.82 -35.56
N PRO A 443 -5.12 12.02 -36.09
CA PRO A 443 -5.67 13.39 -36.16
C PRO A 443 -5.97 13.98 -34.80
N ILE A 444 -6.31 13.15 -33.81
CA ILE A 444 -6.51 13.66 -32.46
C ILE A 444 -5.18 14.10 -31.84
N GLU A 445 -4.06 13.54 -32.31
CA GLU A 445 -2.76 14.03 -31.85
C GLU A 445 -2.45 15.40 -32.41
N HIS A 446 -2.86 15.69 -33.65
CA HIS A 446 -2.70 17.03 -34.19
C HIS A 446 -3.62 18.03 -33.51
N ILE A 447 -4.85 17.60 -33.20
CA ILE A 447 -5.79 18.45 -32.45
C ILE A 447 -5.24 18.76 -31.06
N ALA A 448 -4.70 17.76 -30.38
CA ALA A 448 -4.10 17.95 -29.08
C ALA A 448 -2.82 18.77 -29.16
N SER A 449 -2.09 18.69 -30.26
CA SER A 449 -0.89 19.51 -30.40
C SER A 449 -1.25 20.98 -30.61
N ARG A 450 -2.33 21.27 -31.35
CA ARG A 450 -2.79 22.65 -31.49
C ARG A 450 -3.30 23.20 -30.16
N ARG A 451 -4.05 22.40 -29.41
CA ARG A 451 -4.55 22.83 -28.12
C ARG A 451 -3.42 23.00 -27.11
N ARG A 452 -2.40 22.13 -27.19
CA ARG A 452 -1.23 22.22 -26.32
C ARG A 452 -0.39 23.45 -26.65
N ASN A 453 -0.29 23.80 -27.94
CA ASN A 453 0.43 25.00 -28.32
C ASN A 453 -0.30 26.26 -27.87
N PHE A 454 -1.64 26.23 -27.90
CA PHE A 454 -2.40 27.33 -27.31
C PHE A 454 -2.19 27.42 -25.80
N PHE A 455 -2.19 26.28 -25.11
CA PHE A 455 -1.96 26.25 -23.67
C PHE A 455 -0.58 26.77 -23.31
N THR A 456 0.44 26.39 -24.07
CA THR A 456 1.80 26.83 -23.80
C THR A 456 1.99 28.30 -24.17
N ALA A 457 1.27 28.79 -25.18
CA ALA A 457 1.33 30.21 -25.50
C ALA A 457 0.67 31.05 -24.40
N GLU A 458 -0.36 30.52 -23.75
CA GLU A 458 -1.02 31.27 -22.68
C GLU A 458 -0.41 31.06 -21.31
N VAL A 459 0.33 29.97 -21.07
CA VAL A 459 0.67 29.57 -19.71
C VAL A 459 2.16 29.66 -19.40
N SER A 460 3.04 29.67 -20.40
CA SER A 460 4.47 29.57 -20.12
C SER A 460 5.08 30.89 -19.66
N GLN A 461 4.48 32.01 -20.02
CA GLN A 461 5.00 33.33 -19.68
C GLN A 461 4.37 33.90 -18.41
N CYS A 462 3.63 33.10 -17.66
CA CYS A 462 2.96 33.57 -16.47
C CYS A 462 3.96 33.74 -15.32
N ARG A 463 3.57 34.56 -14.33
CA ARG A 463 4.37 34.68 -13.11
C ARG A 463 4.34 33.41 -12.29
N ALA A 464 3.24 32.65 -12.38
CA ALA A 464 3.14 31.40 -11.66
C ALA A 464 4.10 30.35 -12.19
N SER A 465 4.44 30.41 -13.48
CA SER A 465 5.46 29.53 -14.03
C SER A 465 6.84 29.88 -13.49
N GLU A 466 7.10 31.18 -13.31
CA GLU A 466 8.33 31.62 -12.66
C GLU A 466 8.40 31.14 -11.22
N TYR A 467 7.27 31.16 -10.52
CA TYR A 467 7.25 30.67 -9.15
C TYR A 467 7.42 29.16 -9.08
N ILE A 468 6.87 28.44 -10.07
CA ILE A 468 7.05 26.99 -10.18
C ILE A 468 8.53 26.66 -10.36
N MET A 469 9.20 27.35 -11.28
CA MET A 469 10.61 27.04 -11.54
C MET A 469 11.50 27.49 -10.40
N LYS A 470 11.16 28.61 -9.75
CA LYS A 470 11.92 29.07 -8.60
C LYS A 470 11.81 28.10 -7.44
N ALA A 471 10.60 27.57 -7.18
CA ALA A 471 10.42 26.61 -6.10
C ALA A 471 11.06 25.28 -6.43
N VAL A 472 11.01 24.86 -7.70
CA VAL A 472 11.64 23.60 -8.12
C VAL A 472 13.15 23.67 -7.94
N TYR A 473 13.76 24.78 -8.38
CA TYR A 473 15.21 24.96 -8.23
C TYR A 473 15.63 25.05 -6.76
N ILE A 474 14.88 25.81 -5.95
CA ILE A 474 15.21 25.99 -4.55
C ILE A 474 15.10 24.67 -3.79
N ASN A 475 13.99 23.94 -4.01
CA ASN A 475 13.78 22.71 -3.26
C ASN A 475 14.70 21.60 -3.73
N THR A 476 15.03 21.55 -5.03
CA THR A 476 15.96 20.55 -5.52
C THR A 476 17.36 20.77 -4.98
N ALA A 477 17.87 22.01 -5.10
CA ALA A 477 19.23 22.29 -4.63
C ALA A 477 19.32 22.23 -3.10
N LEU A 478 18.23 22.60 -2.40
CA LEU A 478 18.21 22.51 -0.96
C LEU A 478 18.18 21.06 -0.49
N LEU A 479 17.46 20.19 -1.21
CA LEU A 479 17.45 18.77 -0.89
C LEU A 479 18.80 18.13 -1.14
N ASN A 480 19.45 18.48 -2.25
CA ASN A 480 20.77 17.91 -2.57
C ASN A 480 21.82 18.37 -1.57
N SER A 481 21.81 19.65 -1.21
CA SER A 481 22.75 20.15 -0.20
C SER A 481 22.42 19.59 1.19
N SER A 482 21.15 19.30 1.47
CA SER A 482 20.80 18.74 2.75
C SER A 482 21.21 17.27 2.86
N CYS A 483 21.24 16.56 1.74
CA CYS A 483 21.56 15.14 1.79
C CYS A 483 23.03 14.85 1.55
N THR A 484 23.80 15.76 0.96
CA THR A 484 25.22 15.53 0.75
C THR A 484 26.12 16.28 1.73
N ALA A 485 25.65 17.39 2.28
CA ALA A 485 26.46 18.30 3.09
C ALA A 485 25.79 18.55 4.44
N MET A 486 25.47 17.45 5.14
CA MET A 486 24.70 17.49 6.39
C MET A 486 25.35 18.32 7.50
N GLU A 487 26.66 18.51 7.47
CA GLU A 487 27.34 19.30 8.51
C GLU A 487 27.64 20.72 8.08
N GLU A 488 27.98 20.95 6.82
CA GLU A 488 28.46 22.24 6.37
C GLU A 488 27.32 23.21 6.14
N TYR A 489 27.67 24.50 6.06
CA TYR A 489 26.71 25.58 5.84
C TYR A 489 26.76 25.96 4.36
N GLN A 490 25.96 25.26 3.56
CA GLN A 490 26.00 25.44 2.11
C GLN A 490 25.34 26.74 1.70
N VAL A 491 25.99 27.46 0.78
CA VAL A 491 25.40 28.60 0.11
C VAL A 491 24.75 28.11 -1.16
N ILE A 492 23.42 28.20 -1.23
CA ILE A 492 22.61 27.78 -2.36
C ILE A 492 22.06 29.05 -3.02
N PRO A 493 22.52 29.42 -4.20
CA PRO A 493 21.96 30.60 -4.86
C PRO A 493 20.60 30.28 -5.47
N ILE A 494 19.74 31.29 -5.48
CA ILE A 494 18.40 31.15 -6.05
C ILE A 494 18.54 31.47 -7.54
N ILE A 495 18.77 30.43 -8.33
CA ILE A 495 19.00 30.54 -9.77
C ILE A 495 17.75 30.06 -10.49
N THR A 496 17.30 30.83 -11.49
CA THR A 496 16.37 30.33 -12.48
C THR A 496 16.94 30.61 -13.87
N LYS A 497 16.44 29.89 -14.85
CA LYS A 497 16.85 30.05 -16.24
C LYS A 497 15.61 30.18 -17.10
N CYS A 498 15.58 31.19 -17.95
CA CYS A 498 14.43 31.48 -18.79
C CYS A 498 14.88 31.84 -20.20
N ARG A 499 13.92 32.08 -21.07
CA ARG A 499 14.16 32.56 -22.42
C ARG A 499 13.20 33.71 -22.70
N ASP A 500 13.74 34.83 -23.16
CA ASP A 500 12.93 36.00 -23.44
C ASP A 500 12.17 35.83 -24.76
N THR A 501 11.47 36.89 -25.16
CA THR A 501 10.72 36.89 -26.41
C THR A 501 11.64 36.93 -27.63
N SER A 502 12.91 37.32 -27.45
CA SER A 502 13.88 37.31 -28.54
C SER A 502 14.39 35.91 -28.86
N GLY A 503 14.08 34.91 -28.04
CA GLY A 503 14.60 33.58 -28.26
C GLY A 503 16.01 33.37 -27.77
N GLN A 504 16.42 34.10 -26.73
CA GLN A 504 17.75 33.99 -26.17
C GLN A 504 17.65 33.62 -24.69
N ARG A 505 18.63 32.85 -24.22
N ARG A 505 18.63 32.85 -24.22
CA ARG A 505 18.61 32.36 -22.86
CA ARG A 505 18.62 32.37 -22.86
C ARG A 505 18.98 33.47 -21.88
C ARG A 505 18.98 33.48 -21.88
N ARG A 506 18.61 33.27 -20.62
CA ARG A 506 18.88 34.22 -19.56
C ARG A 506 18.94 33.49 -18.24
N THR A 507 19.91 33.85 -17.39
CA THR A 507 20.06 33.23 -16.09
C THR A 507 19.90 34.30 -15.02
N ASN A 508 18.92 34.12 -14.14
CA ASN A 508 18.55 35.10 -13.14
C ASN A 508 18.88 34.60 -11.74
N LEU A 509 19.38 35.52 -10.91
CA LEU A 509 19.73 35.25 -9.52
C LEU A 509 18.87 36.12 -8.62
N TYR A 510 18.16 35.50 -7.69
CA TYR A 510 17.27 36.22 -6.78
C TYR A 510 17.84 36.42 -5.40
N GLY A 511 18.94 35.78 -5.07
CA GLY A 511 19.49 35.84 -3.74
C GLY A 511 20.12 34.52 -3.36
N PHE A 512 20.29 34.32 -2.06
CA PHE A 512 21.03 33.17 -1.55
C PHE A 512 20.29 32.55 -0.38
N ILE A 513 20.65 31.30 -0.10
CA ILE A 513 20.10 30.51 0.99
C ILE A 513 21.27 29.85 1.71
N ILE A 514 21.47 30.18 2.97
CA ILE A 514 22.50 29.54 3.78
C ILE A 514 21.85 28.38 4.50
N LYS A 515 22.26 27.16 4.15
CA LYS A 515 21.69 25.95 4.72
C LYS A 515 22.27 25.68 6.10
N GLY A 516 21.45 25.15 6.98
CA GLY A 516 21.88 24.86 8.34
C GLY A 516 22.59 23.52 8.46
N ARG A 517 22.46 22.90 9.63
CA ARG A 517 23.03 21.59 9.90
C ARG A 517 21.90 20.58 9.78
N SER A 518 21.79 19.94 8.61
CA SER A 518 20.63 19.16 8.23
C SER A 518 20.94 17.67 8.38
N HIS A 519 20.70 17.15 9.58
CA HIS A 519 20.83 15.73 9.88
C HIS A 519 19.47 15.05 9.98
N LEU A 520 18.55 15.40 9.08
CA LEU A 520 17.15 15.00 9.17
C LEU A 520 17.00 13.50 8.97
N ARG A 521 16.41 12.83 9.96
CA ARG A 521 16.10 11.41 9.87
C ARG A 521 14.60 11.14 9.76
N ASN A 522 13.78 11.87 10.50
CA ASN A 522 12.33 11.77 10.36
C ASN A 522 11.88 12.56 9.13
N ASP A 523 10.62 12.35 8.74
CA ASP A 523 10.06 13.07 7.61
C ASP A 523 9.79 14.53 7.95
N THR A 524 9.42 14.81 9.20
CA THR A 524 9.05 16.14 9.62
C THR A 524 10.19 16.89 10.32
N ASP A 525 11.41 16.37 10.24
CA ASP A 525 12.54 17.08 10.82
C ASP A 525 12.87 18.31 9.99
N VAL A 526 13.10 19.42 10.66
CA VAL A 526 13.25 20.72 10.03
C VAL A 526 14.72 21.04 9.86
N VAL A 527 15.11 21.34 8.62
CA VAL A 527 16.38 22.00 8.35
C VAL A 527 16.10 23.50 8.31
N ASN A 528 16.82 24.25 9.15
CA ASN A 528 16.74 25.68 9.13
C ASN A 528 17.66 26.23 8.05
N PHE A 529 17.26 27.34 7.46
CA PHE A 529 18.09 28.03 6.50
C PHE A 529 17.85 29.53 6.63
N ILE A 530 18.71 30.30 5.98
CA ILE A 530 18.61 31.76 5.98
C ILE A 530 18.45 32.22 4.55
N SER A 531 17.34 32.88 4.26
CA SER A 531 17.09 33.42 2.93
C SER A 531 17.46 34.89 2.89
N LEU A 532 18.32 35.25 1.95
CA LEU A 532 18.74 36.64 1.72
C LEU A 532 18.39 36.95 0.27
N GLU A 533 17.31 37.68 0.05
CA GLU A 533 16.75 37.89 -1.27
C GLU A 533 16.82 39.36 -1.66
N PHE A 534 17.30 39.63 -2.88
CA PHE A 534 17.33 40.99 -3.38
C PHE A 534 15.92 41.46 -3.73
N SER A 535 15.69 42.77 -3.56
CA SER A 535 14.37 43.32 -3.83
C SER A 535 14.49 44.83 -4.04
N LEU A 536 13.40 45.42 -4.53
CA LEU A 536 13.28 46.87 -4.68
C LEU A 536 12.08 47.42 -3.92
N THR A 537 11.41 46.61 -3.11
CA THR A 537 10.23 47.04 -2.38
C THR A 537 10.63 47.56 -1.00
N ASP A 538 10.15 48.75 -0.66
CA ASP A 538 10.43 49.31 0.65
C ASP A 538 9.61 48.58 1.71
N PRO A 539 10.24 48.07 2.78
CA PRO A 539 9.50 47.39 3.83
C PRO A 539 8.76 48.30 4.80
N ARG A 540 8.75 49.61 4.57
CA ARG A 540 8.05 50.54 5.46
C ARG A 540 6.67 50.91 4.95
N ASN A 541 6.33 50.54 3.72
CA ASN A 541 4.99 50.82 3.21
C ASN A 541 3.98 49.77 3.66
N GLU A 542 4.42 48.52 3.79
CA GLU A 542 3.55 47.40 4.11
C GLU A 542 4.21 46.53 5.18
N ILE A 543 4.60 47.17 6.28
CA ILE A 543 5.50 46.56 7.28
C ILE A 543 4.87 45.34 7.95
N HIS A 544 3.53 45.26 8.00
CA HIS A 544 2.86 44.09 8.57
C HIS A 544 3.07 42.83 7.74
N LYS A 545 3.39 42.98 6.46
CA LYS A 545 3.75 41.83 5.63
C LYS A 545 5.11 41.26 6.01
N TRP A 546 5.96 42.04 6.68
CA TRP A 546 7.35 41.66 6.86
C TRP A 546 7.75 41.52 8.32
N GLU A 547 6.94 40.84 9.12
CA GLU A 547 7.25 40.67 10.54
C GLU A 547 8.44 39.75 10.74
N LYS A 548 8.52 38.65 9.99
CA LYS A 548 9.57 37.66 10.16
C LYS A 548 10.86 38.01 9.42
N TYR A 549 10.99 39.21 8.89
CA TYR A 549 12.12 39.58 8.03
C TYR A 549 12.95 40.67 8.67
N CYS A 550 14.25 40.63 8.39
CA CYS A 550 15.16 41.74 8.63
C CYS A 550 15.62 42.26 7.28
N VAL A 551 15.30 43.51 6.98
CA VAL A 551 15.55 44.09 5.66
C VAL A 551 16.70 45.08 5.78
N LEU A 552 17.77 44.82 5.03
CA LEU A 552 18.90 45.72 4.89
C LEU A 552 18.75 46.54 3.62
N GLU A 553 19.59 47.56 3.48
CA GLU A 553 19.69 48.35 2.25
C GLU A 553 21.10 48.16 1.71
N ILE A 554 21.25 47.34 0.67
CA ILE A 554 22.57 46.90 0.25
C ILE A 554 23.07 47.62 -1.00
N GLY A 555 22.22 48.32 -1.73
CA GLY A 555 22.77 48.99 -2.89
C GLY A 555 21.88 50.08 -3.44
N ASP A 556 22.31 50.63 -4.59
CA ASP A 556 21.54 51.59 -5.36
C ASP A 556 21.58 51.17 -6.82
N MET A 557 20.46 51.34 -7.52
CA MET A 557 20.34 50.93 -8.91
C MET A 557 19.74 52.04 -9.74
N GLU A 558 20.36 52.33 -10.88
CA GLU A 558 19.83 53.28 -11.84
C GLU A 558 18.72 52.60 -12.63
N ILE A 559 17.51 52.66 -12.10
CA ILE A 559 16.34 52.14 -12.81
C ILE A 559 15.96 53.14 -13.88
N ARG A 560 15.94 52.70 -15.14
CA ARG A 560 15.66 53.56 -16.28
C ARG A 560 14.27 53.19 -16.82
N THR A 561 13.28 54.02 -16.50
CA THR A 561 11.94 53.88 -17.05
C THR A 561 11.87 54.54 -18.42
N SER A 562 10.64 54.74 -18.91
CA SER A 562 10.45 55.41 -20.20
C SER A 562 10.90 56.87 -20.14
N ILE A 563 10.89 57.49 -18.97
CA ILE A 563 11.20 58.91 -18.82
C ILE A 563 12.52 59.13 -18.08
N SER A 564 12.60 58.69 -16.82
CA SER A 564 13.68 59.09 -15.93
C SER A 564 14.57 57.90 -15.56
N THR A 565 15.82 58.23 -15.22
CA THR A 565 16.78 57.28 -14.67
C THR A 565 16.95 57.62 -13.20
N ILE A 566 16.27 56.87 -12.34
CA ILE A 566 16.21 57.19 -10.91
C ILE A 566 17.10 56.21 -10.14
N MET A 567 17.44 56.61 -8.93
CA MET A 567 18.32 55.85 -8.05
C MET A 567 17.45 55.13 -7.02
N LYS A 568 17.02 53.93 -7.36
CA LYS A 568 16.19 53.18 -6.42
C LYS A 568 17.09 52.35 -5.49
N PRO A 569 16.84 52.36 -4.18
CA PRO A 569 17.67 51.55 -3.28
C PRO A 569 17.32 50.07 -3.38
N VAL A 570 18.35 49.26 -3.60
CA VAL A 570 18.22 47.81 -3.65
C VAL A 570 18.31 47.28 -2.22
N TYR A 571 17.23 46.68 -1.76
CA TYR A 571 17.12 46.12 -0.43
C TYR A 571 17.41 44.62 -0.45
N LEU A 572 17.70 44.08 0.72
CA LEU A 572 17.93 42.66 0.89
C LEU A 572 17.12 42.16 2.06
N TYR A 573 16.14 41.30 1.78
CA TYR A 573 15.28 40.72 2.79
C TYR A 573 15.98 39.48 3.36
N VAL A 574 16.36 39.53 4.63
CA VAL A 574 17.01 38.43 5.31
C VAL A 574 16.03 37.85 6.32
N ARG A 575 15.87 36.53 6.30
CA ARG A 575 15.04 35.90 7.31
C ARG A 575 15.54 34.49 7.58
N THR A 576 15.23 34.00 8.77
CA THR A 576 15.43 32.60 9.11
C THR A 576 14.14 31.85 8.79
N ASN A 577 14.25 30.83 7.94
CA ASN A 577 13.12 30.01 7.57
C ASN A 577 13.50 28.54 7.82
N GLY A 578 12.56 27.64 7.56
CA GLY A 578 12.84 26.23 7.75
C GLY A 578 11.96 25.40 6.86
N THR A 579 12.44 24.20 6.55
CA THR A 579 11.67 23.28 5.72
C THR A 579 11.96 21.85 6.15
N SER A 580 11.30 20.91 5.51
CA SER A 580 11.50 19.49 5.79
C SER A 580 11.60 18.74 4.47
N LYS A 581 11.81 17.43 4.56
CA LYS A 581 11.96 16.62 3.35
C LYS A 581 10.65 16.49 2.59
N ILE A 582 9.52 16.51 3.29
CA ILE A 582 8.23 16.42 2.63
C ILE A 582 7.91 17.71 1.89
N LYS A 583 8.20 18.86 2.50
CA LYS A 583 7.96 20.14 1.86
C LYS A 583 8.87 20.33 0.65
N MET A 584 10.13 19.88 0.76
CA MET A 584 11.03 19.94 -0.39
C MET A 584 10.60 18.97 -1.49
N LYS A 585 10.05 17.82 -1.11
CA LYS A 585 9.56 16.86 -2.10
C LYS A 585 8.38 17.41 -2.88
N TRP A 586 7.41 18.01 -2.17
CA TRP A 586 6.27 18.60 -2.86
C TRP A 586 6.60 19.93 -3.52
N GLY A 587 7.72 20.56 -3.16
CA GLY A 587 8.18 21.73 -3.87
C GLY A 587 8.86 21.37 -5.17
N MET A 588 9.57 20.25 -5.20
CA MET A 588 10.19 19.78 -6.43
C MET A 588 9.18 19.34 -7.48
N GLU A 589 7.97 18.96 -7.06
CA GLU A 589 6.95 18.44 -7.96
C GLU A 589 5.86 19.47 -8.26
N MET A 590 6.21 20.75 -8.31
CA MET A 590 5.21 21.80 -8.49
C MET A 590 4.75 21.94 -9.93
N ARG A 591 5.45 21.34 -10.89
CA ARG A 591 5.05 21.43 -12.30
C ARG A 591 3.73 20.73 -12.58
N ARG A 592 3.30 19.80 -11.72
CA ARG A 592 1.98 19.20 -11.84
C ARG A 592 0.86 20.19 -11.61
N CYS A 593 1.15 21.37 -11.02
CA CYS A 593 0.20 22.47 -10.99
C CYS A 593 -0.24 22.85 -12.40
N LEU A 594 0.70 22.81 -13.36
CA LEU A 594 0.38 23.01 -14.78
C LEU A 594 -0.67 22.03 -15.28
N LEU A 595 -0.70 20.82 -14.72
CA LEU A 595 -1.76 19.88 -15.07
C LEU A 595 -3.10 20.37 -14.53
N GLN A 596 -3.13 20.75 -13.24
CA GLN A 596 -4.40 20.95 -12.54
C GLN A 596 -5.16 22.16 -13.07
N SER A 597 -4.44 23.18 -13.53
CA SER A 597 -5.07 24.24 -14.29
C SER A 597 -5.60 23.70 -15.61
N LEU A 598 -4.71 23.15 -16.44
CA LEU A 598 -5.02 23.00 -17.86
C LEU A 598 -6.00 21.86 -18.11
N GLN A 599 -5.92 20.78 -17.32
CA GLN A 599 -6.92 19.73 -17.37
C GLN A 599 -8.30 20.26 -17.04
N GLN A 600 -8.40 21.23 -16.14
CA GLN A 600 -9.67 21.89 -15.93
C GLN A 600 -10.08 22.66 -17.18
N VAL A 601 -9.16 23.45 -17.73
CA VAL A 601 -9.47 24.38 -18.80
C VAL A 601 -9.86 23.63 -20.07
N GLU A 602 -9.07 22.62 -20.41
CA GLU A 602 -9.37 21.75 -21.55
C GLU A 602 -10.72 21.07 -21.40
N SER A 603 -11.09 20.71 -20.17
CA SER A 603 -12.38 20.07 -19.94
C SER A 603 -13.52 21.03 -20.28
N MET A 604 -13.35 22.32 -19.95
CA MET A 604 -14.32 23.32 -20.40
C MET A 604 -14.31 23.43 -21.91
N ILE A 605 -13.11 23.40 -22.51
CA ILE A 605 -12.97 23.38 -23.97
C ILE A 605 -13.57 22.09 -24.53
N GLU A 606 -13.52 21.00 -23.77
CA GLU A 606 -14.16 19.79 -24.24
C GLU A 606 -15.68 19.86 -24.08
N ALA A 607 -16.16 20.55 -23.04
CA ALA A 607 -17.58 20.53 -22.71
C ALA A 607 -18.41 21.21 -23.80
N GLU A 608 -18.00 22.42 -24.19
CA GLU A 608 -18.61 23.09 -25.33
C GLU A 608 -18.39 22.31 -26.63
N SER A 609 -17.28 21.56 -26.72
CA SER A 609 -17.06 20.74 -27.90
C SER A 609 -18.01 19.55 -27.95
N ALA A 610 -18.66 19.20 -26.84
CA ALA A 610 -19.72 18.21 -26.90
C ALA A 610 -21.04 18.83 -27.33
N VAL A 611 -21.19 20.15 -27.18
CA VAL A 611 -22.45 20.81 -27.52
C VAL A 611 -22.42 21.38 -28.94
N LYS A 612 -21.30 22.00 -29.33
CA LYS A 612 -21.18 22.61 -30.64
C LYS A 612 -20.81 21.61 -31.73
N GLU A 613 -20.42 20.38 -31.35
CA GLU A 613 -20.03 19.29 -32.26
C GLU A 613 -18.88 19.68 -33.19
N LYS A 614 -17.96 20.50 -32.70
CA LYS A 614 -16.77 20.88 -33.44
C LYS A 614 -15.62 21.04 -32.45
N ASP A 615 -14.47 21.44 -32.95
CA ASP A 615 -13.29 21.66 -32.11
C ASP A 615 -13.32 23.11 -31.64
N MET A 616 -13.72 23.33 -30.39
CA MET A 616 -13.90 24.65 -29.83
C MET A 616 -12.64 25.20 -29.17
N THR A 617 -11.46 24.69 -29.54
CA THR A 617 -10.21 25.23 -29.02
C THR A 617 -9.92 26.59 -29.65
N GLU A 618 -9.85 26.62 -30.98
CA GLU A 618 -9.57 27.86 -31.70
C GLU A 618 -10.65 28.95 -31.56
N PRO A 619 -11.97 28.67 -31.53
CA PRO A 619 -12.90 29.75 -31.18
C PRO A 619 -12.74 30.28 -29.76
N PHE A 620 -12.31 29.45 -28.82
CA PHE A 620 -12.11 29.94 -27.46
C PHE A 620 -10.86 30.81 -27.37
N PHE A 621 -9.77 30.41 -28.04
CA PHE A 621 -8.52 31.15 -27.86
C PHE A 621 -8.43 32.36 -28.77
N ARG A 622 -8.81 32.23 -30.05
CA ARG A 622 -8.63 33.33 -30.98
C ARG A 622 -9.72 34.38 -30.81
N ASN A 623 -10.98 33.96 -30.84
CA ASN A 623 -12.09 34.91 -30.68
C ASN A 623 -12.21 35.33 -29.23
N ARG A 624 -11.45 36.36 -28.84
CA ARG A 624 -11.45 36.84 -27.48
C ARG A 624 -12.75 37.60 -27.21
N GLU A 625 -13.60 37.02 -26.35
CA GLU A 625 -14.91 37.58 -26.06
C GLU A 625 -15.13 37.91 -24.60
N ASN A 626 -14.20 37.57 -23.71
CA ASN A 626 -14.30 37.72 -22.25
C ASN A 626 -15.55 37.00 -21.72
N ASP A 627 -15.51 35.68 -21.85
CA ASP A 627 -16.66 34.84 -21.50
C ASP A 627 -16.71 34.43 -20.04
N TRP A 628 -15.55 34.31 -19.35
CA TRP A 628 -15.68 33.76 -18.02
C TRP A 628 -15.42 34.82 -16.95
N PRO A 629 -16.23 34.88 -15.90
CA PRO A 629 -16.01 35.88 -14.84
C PRO A 629 -14.86 35.45 -13.94
N ILE A 630 -13.83 36.30 -13.85
CA ILE A 630 -12.66 35.93 -13.06
C ILE A 630 -12.21 37.06 -12.15
N GLY A 631 -13.02 38.10 -12.01
CA GLY A 631 -12.58 39.26 -11.28
C GLY A 631 -13.71 40.04 -10.66
N GLU A 632 -13.37 40.76 -9.59
CA GLU A 632 -14.27 41.67 -8.91
C GLU A 632 -13.61 43.03 -8.86
N SER A 633 -14.34 44.06 -9.28
CA SER A 633 -13.81 45.41 -9.34
C SER A 633 -14.70 46.35 -8.53
N PRO A 634 -14.27 47.59 -8.27
CA PRO A 634 -15.24 48.59 -7.77
C PRO A 634 -16.38 48.87 -8.75
N GLN A 635 -16.16 48.68 -10.05
CA GLN A 635 -17.26 48.71 -11.00
C GLN A 635 -18.19 47.53 -10.80
N GLY A 636 -17.66 46.30 -10.88
CA GLY A 636 -18.45 45.12 -10.67
C GLY A 636 -17.70 43.83 -10.94
N ILE A 637 -18.36 42.87 -11.58
CA ILE A 637 -17.75 41.59 -11.92
C ILE A 637 -17.05 41.71 -13.27
N GLU A 638 -15.78 41.32 -13.31
CA GLU A 638 -14.98 41.40 -14.52
C GLU A 638 -14.86 40.05 -15.18
N LYS A 639 -14.86 40.04 -16.50
CA LYS A 639 -14.80 38.82 -17.29
C LYS A 639 -13.54 38.82 -18.14
N GLY A 640 -12.91 37.65 -18.24
CA GLY A 640 -11.74 37.46 -19.06
C GLY A 640 -11.90 36.27 -20.00
N THR A 641 -10.89 36.08 -20.83
CA THR A 641 -10.86 35.03 -21.84
C THR A 641 -10.29 33.74 -21.23
N ILE A 642 -10.26 32.69 -22.05
CA ILE A 642 -9.87 31.36 -21.59
C ILE A 642 -8.38 31.29 -21.24
N GLY A 643 -7.54 32.13 -21.85
CA GLY A 643 -6.14 32.18 -21.46
C GLY A 643 -5.95 32.82 -20.10
N LYS A 644 -6.74 33.86 -19.81
CA LYS A 644 -6.73 34.46 -18.48
C LYS A 644 -7.24 33.47 -17.44
N VAL A 645 -8.24 32.66 -17.80
CA VAL A 645 -8.76 31.64 -16.88
C VAL A 645 -7.71 30.57 -16.62
N CYS A 646 -6.94 30.20 -17.64
CA CYS A 646 -5.89 29.20 -17.45
C CYS A 646 -4.76 29.75 -16.59
N ARG A 647 -4.41 31.04 -16.75
CA ARG A 647 -3.41 31.65 -15.88
C ARG A 647 -3.90 31.79 -14.45
N VAL A 648 -5.19 32.07 -14.26
CA VAL A 648 -5.75 32.22 -12.92
C VAL A 648 -5.78 30.88 -12.20
N LEU A 649 -6.17 29.82 -12.90
CA LEU A 649 -6.18 28.50 -12.28
C LEU A 649 -4.75 27.99 -12.04
N LEU A 650 -3.80 28.39 -12.90
CA LEU A 650 -2.41 28.05 -12.65
C LEU A 650 -1.88 28.74 -11.39
N ALA A 651 -2.18 30.02 -11.24
CA ALA A 651 -1.78 30.75 -10.04
C ALA A 651 -2.48 30.22 -8.79
N LYS A 652 -3.70 29.72 -8.94
CA LYS A 652 -4.42 29.12 -7.82
C LYS A 652 -3.75 27.81 -7.38
N SER A 653 -3.35 26.98 -8.34
CA SER A 653 -2.65 25.74 -7.99
C SER A 653 -1.27 26.03 -7.41
N VAL A 654 -0.60 27.06 -7.93
CA VAL A 654 0.72 27.46 -7.43
C VAL A 654 0.63 27.94 -5.99
N PHE A 655 -0.37 28.75 -5.68
CA PHE A 655 -0.54 29.21 -4.30
C PHE A 655 -1.09 28.12 -3.38
N ASN A 656 -1.80 27.12 -3.92
CA ASN A 656 -2.14 25.95 -3.12
C ASN A 656 -0.91 25.12 -2.79
N SER A 657 0.09 25.11 -3.68
CA SER A 657 1.29 24.34 -3.38
C SER A 657 2.26 25.10 -2.49
N ILE A 658 2.36 26.43 -2.67
CA ILE A 658 3.27 27.24 -1.88
C ILE A 658 2.75 27.40 -0.46
N TYR A 659 1.49 27.80 -0.31
CA TYR A 659 0.89 28.08 0.98
C TYR A 659 0.08 26.89 1.49
N ALA A 660 0.56 25.67 1.26
CA ALA A 660 -0.13 24.48 1.72
C ALA A 660 -0.06 24.36 3.24
N SER A 661 -1.20 24.08 3.85
CA SER A 661 -1.32 23.93 5.29
C SER A 661 -2.55 23.10 5.59
N ALA A 662 -2.67 22.68 6.86
CA ALA A 662 -3.84 21.92 7.29
C ALA A 662 -5.09 22.79 7.30
N GLN A 663 -4.92 24.10 7.49
CA GLN A 663 -6.02 25.04 7.42
C GLN A 663 -6.64 25.06 6.03
N LEU A 664 -5.81 24.95 4.99
CA LEU A 664 -6.32 24.95 3.61
C LEU A 664 -7.06 23.65 3.31
N GLU A 665 -6.57 22.53 3.83
CA GLU A 665 -7.25 21.24 3.62
C GLU A 665 -8.61 21.24 4.30
N GLY A 666 -8.66 21.69 5.56
CA GLY A 666 -9.92 21.76 6.28
C GLY A 666 -10.90 22.73 5.66
N PHE A 667 -10.41 23.91 5.24
CA PHE A 667 -11.28 24.91 4.64
C PHE A 667 -11.84 24.45 3.30
N SER A 668 -11.01 23.82 2.46
CA SER A 668 -11.48 23.35 1.17
C SER A 668 -12.49 22.22 1.33
N ALA A 669 -12.20 21.27 2.23
CA ALA A 669 -13.09 20.13 2.44
C ALA A 669 -14.42 20.56 3.03
N GLU A 670 -14.42 21.58 3.90
CA GLU A 670 -15.68 21.99 4.49
C GLU A 670 -16.46 22.98 3.62
N SER A 671 -15.78 23.87 2.89
CA SER A 671 -16.46 24.80 2.01
C SER A 671 -16.93 24.16 0.71
N ARG A 672 -16.41 22.97 0.38
CA ARG A 672 -16.93 22.23 -0.78
C ARG A 672 -18.41 21.89 -0.60
N LYS A 673 -18.83 21.60 0.63
CA LYS A 673 -20.23 21.29 0.90
C LYS A 673 -21.12 22.52 0.71
N LEU A 674 -20.64 23.70 1.10
CA LEU A 674 -21.44 24.91 0.93
C LEU A 674 -21.47 25.33 -0.54
N LEU A 675 -20.39 25.11 -1.28
CA LEU A 675 -20.40 25.33 -2.73
C LEU A 675 -21.38 24.39 -3.42
N LEU A 676 -21.44 23.12 -2.98
CA LEU A 676 -22.39 22.17 -3.54
C LEU A 676 -23.82 22.50 -3.15
N LEU A 677 -24.03 23.10 -1.97
CA LEU A 677 -25.37 23.56 -1.59
C LEU A 677 -25.82 24.73 -2.45
N ILE A 678 -24.92 25.67 -2.72
CA ILE A 678 -25.23 26.79 -3.62
C ILE A 678 -25.52 26.29 -5.03
N GLN A 679 -24.77 25.28 -5.48
CA GLN A 679 -25.02 24.70 -6.80
C GLN A 679 -26.34 23.95 -6.86
N ALA A 680 -26.70 23.25 -5.77
CA ALA A 680 -27.99 22.57 -5.71
C ALA A 680 -29.14 23.58 -5.65
N PHE A 681 -28.90 24.76 -5.08
CA PHE A 681 -29.91 25.81 -5.13
C PHE A 681 -30.06 26.37 -6.54
N ARG A 682 -28.95 26.56 -7.25
CA ARG A 682 -29.03 27.16 -8.58
C ARG A 682 -29.60 26.21 -9.63
N ASP A 683 -29.62 24.92 -9.35
CA ASP A 683 -30.24 23.94 -10.24
C ASP A 683 -31.73 23.76 -9.96
N ASN A 684 -32.28 24.54 -9.02
CA ASN A 684 -33.65 24.42 -8.52
C ASN A 684 -33.94 22.99 -8.03
N LEU A 685 -33.02 22.47 -7.23
CA LEU A 685 -33.14 21.14 -6.64
C LEU A 685 -33.55 21.19 -5.18
N ASP A 686 -33.95 22.36 -4.68
CA ASP A 686 -34.47 22.61 -3.33
C ASP A 686 -33.55 22.08 -2.24
N PRO A 687 -32.40 22.70 -2.00
CA PRO A 687 -31.46 22.15 -1.02
C PRO A 687 -31.92 22.42 0.40
N GLY A 688 -31.60 21.49 1.28
CA GLY A 688 -31.90 21.63 2.69
C GLY A 688 -30.74 21.14 3.53
N THR A 689 -30.60 21.74 4.70
CA THR A 689 -29.56 21.37 5.64
C THR A 689 -30.22 20.88 6.93
N PHE A 690 -29.40 20.27 7.79
CA PHE A 690 -29.84 19.86 9.11
C PHE A 690 -29.21 20.68 10.23
N ASP A 691 -27.97 21.13 10.03
CA ASP A 691 -27.33 22.08 10.96
C ASP A 691 -26.39 22.95 10.13
N LEU A 692 -26.89 24.10 9.68
CA LEU A 692 -26.07 25.02 8.91
C LEU A 692 -25.11 25.80 9.80
N LYS A 693 -25.52 26.06 11.05
CA LYS A 693 -24.65 26.72 12.01
C LYS A 693 -23.43 25.86 12.34
N GLY A 694 -23.62 24.54 12.44
CA GLY A 694 -22.49 23.66 12.67
C GLY A 694 -21.57 23.54 11.47
N LEU A 695 -22.13 23.60 10.27
CA LEU A 695 -21.30 23.64 9.05
C LEU A 695 -20.50 24.93 8.98
N TYR A 696 -21.10 26.05 9.38
CA TYR A 696 -20.38 27.32 9.41
C TYR A 696 -19.29 27.32 10.48
N GLU A 697 -19.55 26.68 11.62
CA GLU A 697 -18.51 26.56 12.64
C GLU A 697 -17.40 25.61 12.21
N ALA A 698 -17.71 24.63 11.36
CA ALA A 698 -16.69 23.75 10.82
C ALA A 698 -15.85 24.42 9.74
N ILE A 699 -16.45 25.33 8.96
CA ILE A 699 -15.68 26.09 7.98
C ILE A 699 -14.80 27.12 8.67
N GLU A 700 -15.39 27.90 9.58
CA GLU A 700 -14.68 28.99 10.25
C GLU A 700 -13.68 28.51 11.28
N GLU A 701 -13.66 27.22 11.61
CA GLU A 701 -12.63 26.70 12.50
C GLU A 701 -11.26 26.67 11.82
N CYS A 702 -11.24 26.47 10.51
CA CYS A 702 -10.00 26.31 9.76
C CYS A 702 -9.46 27.62 9.22
N ILE A 703 -10.08 28.76 9.55
CA ILE A 703 -9.60 30.07 9.13
C ILE A 703 -8.91 30.67 10.35
N ILE A 704 -7.60 30.45 10.47
CA ILE A 704 -6.90 30.91 11.67
C ILE A 704 -5.89 32.00 11.35
N ASN A 705 -4.81 31.65 10.65
CA ASN A 705 -3.81 32.67 10.34
C ASN A 705 -3.15 32.52 8.97
N ASP A 706 -3.52 31.56 8.15
CA ASP A 706 -2.90 31.39 6.86
C ASP A 706 -3.44 32.45 5.90
N PRO A 707 -2.59 33.24 5.24
CA PRO A 707 -3.08 34.28 4.32
C PRO A 707 -3.86 33.73 3.14
N TRP A 708 -3.50 32.55 2.65
CA TRP A 708 -4.20 31.95 1.52
C TRP A 708 -5.58 31.46 1.91
N VAL A 709 -5.73 30.96 3.15
CA VAL A 709 -7.05 30.54 3.62
C VAL A 709 -7.96 31.75 3.84
N LEU A 710 -7.40 32.84 4.38
CA LEU A 710 -8.16 34.08 4.55
C LEU A 710 -8.57 34.66 3.19
N LEU A 711 -7.69 34.55 2.20
CA LEU A 711 -8.01 35.04 0.86
C LEU A 711 -9.09 34.18 0.20
N ASN A 712 -9.03 32.86 0.40
CA ASN A 712 -10.08 32.00 -0.13
C ASN A 712 -11.40 32.21 0.59
N ALA A 713 -11.38 32.56 1.87
CA ALA A 713 -12.60 32.90 2.59
C ALA A 713 -13.22 34.19 2.07
N SER A 714 -12.38 35.21 1.81
CA SER A 714 -12.87 36.44 1.20
C SER A 714 -13.39 36.19 -0.21
N TRP A 715 -12.75 35.27 -0.94
CA TRP A 715 -13.23 34.88 -2.26
C TRP A 715 -14.57 34.19 -2.20
N PHE A 716 -14.77 33.36 -1.17
CA PHE A 716 -16.06 32.69 -1.00
C PHE A 716 -17.15 33.68 -0.64
N ASN A 717 -16.83 34.69 0.18
CA ASN A 717 -17.82 35.72 0.49
C ASN A 717 -18.15 36.58 -0.73
N SER A 718 -17.15 36.86 -1.57
CA SER A 718 -17.39 37.61 -2.80
C SER A 718 -18.22 36.80 -3.80
N PHE A 719 -17.96 35.50 -3.88
CA PHE A 719 -18.77 34.63 -4.73
C PHE A 719 -20.19 34.51 -4.23
N LEU A 720 -20.36 34.49 -2.90
CA LEU A 720 -21.70 34.47 -2.31
C LEU A 720 -22.47 35.75 -2.62
N LYS A 721 -21.79 36.90 -2.54
CA LYS A 721 -22.45 38.16 -2.90
C LYS A 721 -22.74 38.25 -4.39
N ALA A 722 -21.89 37.65 -5.23
CA ALA A 722 -22.15 37.63 -6.67
C ALA A 722 -23.35 36.73 -6.99
N VAL A 723 -23.49 35.62 -6.27
CA VAL A 723 -24.65 34.75 -6.42
C VAL A 723 -25.92 35.47 -5.96
N GLN A 724 -25.84 36.19 -4.83
CA GLN A 724 -26.99 36.93 -4.32
C GLN A 724 -27.40 38.07 -5.23
N LEU A 725 -26.44 38.71 -5.90
CA LEU A 725 -26.80 39.72 -6.89
C LEU A 725 -27.30 39.08 -8.18
N SER A 726 -26.89 37.86 -8.48
CA SER A 726 -27.31 37.20 -9.71
C SER A 726 -28.77 36.75 -9.65
N MET A 727 -29.35 36.64 -8.47
CA MET A 727 -30.76 36.27 -8.32
C MET A 727 -31.64 37.48 -8.05
N GLY A 728 -31.32 38.62 -8.64
CA GLY A 728 -32.11 39.82 -8.48
C GLY A 728 -32.37 40.54 -9.79
N MET B 10 -8.83 45.45 -11.06
CA MET B 10 -9.57 44.21 -10.91
C MET B 10 -8.92 43.29 -9.89
N ASP B 11 -9.68 42.90 -8.86
CA ASP B 11 -9.24 41.89 -7.91
C ASP B 11 -9.66 40.52 -8.45
N VAL B 12 -8.68 39.64 -8.65
CA VAL B 12 -8.89 38.38 -9.32
C VAL B 12 -9.53 37.39 -8.36
N ASN B 13 -10.60 36.73 -8.81
CA ASN B 13 -11.32 35.75 -7.99
C ASN B 13 -11.52 34.47 -8.79
N PRO B 14 -10.88 33.36 -8.40
CA PRO B 14 -11.12 32.08 -9.10
C PRO B 14 -12.46 31.44 -8.76
N MET B 15 -13.13 31.87 -7.69
CA MET B 15 -14.43 31.31 -7.36
C MET B 15 -15.51 31.73 -8.34
N LEU B 16 -15.34 32.87 -9.00
CA LEU B 16 -16.36 33.41 -9.90
C LEU B 16 -16.52 32.60 -11.19
N ILE B 17 -15.60 31.67 -11.46
CA ILE B 17 -15.79 30.71 -12.54
C ILE B 17 -16.95 29.76 -12.23
N PHE B 18 -17.32 29.62 -10.96
CA PHE B 18 -18.54 28.91 -10.59
C PHE B 18 -19.81 29.67 -10.95
N LEU B 19 -19.71 30.94 -11.37
CA LEU B 19 -20.88 31.67 -11.83
C LEU B 19 -21.34 31.23 -13.21
N LYS B 20 -20.44 30.66 -14.01
CA LYS B 20 -20.78 30.14 -15.33
C LYS B 20 -20.71 28.62 -15.37
N VAL B 21 -19.58 28.05 -14.98
CA VAL B 21 -19.38 26.60 -14.93
C VAL B 21 -20.09 26.08 -13.69
N PRO B 22 -20.78 24.94 -13.77
CA PRO B 22 -21.30 24.31 -12.55
C PRO B 22 -20.18 23.82 -11.64
N VAL B 23 -20.54 23.60 -10.38
CA VAL B 23 -19.55 23.29 -9.36
C VAL B 23 -18.99 21.89 -9.54
N GLN B 24 -19.85 20.93 -9.88
CA GLN B 24 -19.37 19.57 -10.12
C GLN B 24 -18.57 19.46 -11.41
N ASN B 25 -18.72 20.41 -12.33
CA ASN B 25 -17.92 20.44 -13.54
C ASN B 25 -16.59 21.17 -13.36
N ALA B 26 -16.34 21.72 -12.17
CA ALA B 26 -15.07 22.34 -11.85
C ALA B 26 -14.64 21.97 -10.43
N ILE B 27 -15.09 20.81 -9.94
CA ILE B 27 -14.84 20.38 -8.57
C ILE B 27 -13.36 20.08 -8.34
N SER B 28 -12.59 19.84 -9.41
CA SER B 28 -11.15 19.67 -9.30
C SER B 28 -10.44 20.95 -8.86
N THR B 29 -11.09 22.11 -8.98
CA THR B 29 -10.53 23.32 -8.42
C THR B 29 -10.71 23.41 -6.91
N THR B 30 -11.59 22.60 -6.33
CA THR B 30 -11.81 22.60 -4.89
C THR B 30 -10.91 21.63 -4.15
N PHE B 31 -10.05 20.90 -4.85
CA PHE B 31 -9.12 19.96 -4.24
C PHE B 31 -7.71 20.54 -4.30
N PRO B 32 -7.16 21.05 -3.21
CA PRO B 32 -5.78 21.59 -3.22
C PRO B 32 -4.73 20.49 -3.09
N TYR B 33 -4.67 19.61 -4.08
CA TYR B 33 -3.85 18.41 -4.02
C TYR B 33 -2.51 18.59 -4.72
N THR B 34 -1.96 19.80 -4.68
CA THR B 34 -0.65 20.09 -5.22
C THR B 34 0.38 20.43 -4.17
N GLY B 35 -0.04 20.66 -2.92
CA GLY B 35 0.86 20.89 -1.81
C GLY B 35 0.97 19.67 -0.92
N ASP B 36 1.85 19.79 0.07
CA ASP B 36 2.11 18.66 0.95
C ASP B 36 0.93 18.44 1.90
N PRO B 37 0.51 17.19 2.09
CA PRO B 37 -0.57 16.91 3.04
C PRO B 37 -0.11 17.10 4.47
N PRO B 38 -1.02 17.36 5.40
CA PRO B 38 -0.61 17.63 6.78
C PRO B 38 -0.12 16.36 7.48
N TYR B 39 1.08 16.44 8.02
CA TYR B 39 1.66 15.37 8.81
C TYR B 39 1.46 15.64 10.29
N SER B 40 1.62 14.60 11.09
CA SER B 40 1.43 14.67 12.53
C SER B 40 2.78 14.57 13.23
N HIS B 41 3.08 15.54 14.07
CA HIS B 41 4.33 15.57 14.82
C HIS B 41 4.13 14.96 16.20
N GLY B 42 5.22 14.43 16.75
CA GLY B 42 5.20 13.90 18.09
C GLY B 42 4.47 12.59 18.23
N THR B 43 3.79 12.41 19.37
CA THR B 43 3.21 11.14 19.75
C THR B 43 1.71 11.13 19.53
N GLY B 44 1.16 9.92 19.36
CA GLY B 44 -0.26 9.75 19.21
C GLY B 44 -0.94 9.44 20.54
N THR B 45 -0.32 9.87 21.64
CA THR B 45 -0.90 9.64 22.97
C THR B 45 -2.13 10.51 23.19
N GLY B 46 -2.06 11.78 22.79
CA GLY B 46 -3.17 12.69 23.03
C GLY B 46 -4.40 12.36 22.21
N TYR B 47 -4.19 11.91 20.97
CA TYR B 47 -5.32 11.50 20.15
C TYR B 47 -5.92 10.19 20.65
N THR B 48 -5.09 9.30 21.22
CA THR B 48 -5.60 8.07 21.81
C THR B 48 -6.43 8.36 23.05
N MET B 49 -5.96 9.27 23.91
CA MET B 49 -6.74 9.65 25.08
C MET B 49 -8.01 10.40 24.69
N ASP B 50 -7.95 11.19 23.61
CA ASP B 50 -9.14 11.82 23.06
C ASP B 50 -10.16 10.79 22.59
N THR B 51 -9.69 9.73 21.93
CA THR B 51 -10.58 8.69 21.44
C THR B 51 -11.20 7.91 22.61
N VAL B 52 -10.41 7.64 23.65
CA VAL B 52 -10.93 6.92 24.82
C VAL B 52 -11.96 7.77 25.56
N ILE B 53 -11.69 9.07 25.72
CA ILE B 53 -12.62 9.94 26.46
C ILE B 53 -13.88 10.19 25.64
N ARG B 54 -13.75 10.34 24.32
CA ARG B 54 -14.93 10.49 23.48
C ARG B 54 -15.74 9.20 23.39
N THR B 55 -15.08 8.04 23.55
CA THR B 55 -15.81 6.79 23.58
C THR B 55 -16.57 6.62 24.89
N HIS B 56 -15.95 6.99 26.00
CA HIS B 56 -16.60 6.83 27.30
C HIS B 56 -17.51 7.99 27.67
N ASP B 57 -17.53 9.06 26.88
CA ASP B 57 -18.42 10.18 27.12
C ASP B 57 -19.67 10.16 26.25
N TYR B 58 -19.65 9.42 25.14
CA TYR B 58 -20.85 9.15 24.38
C TYR B 58 -21.56 7.90 24.88
N SER B 59 -21.05 7.28 25.94
CA SER B 59 -21.58 6.03 26.45
C SER B 59 -21.63 6.02 27.98
N SER B 60 -21.58 7.20 28.61
CA SER B 60 -21.35 7.32 30.04
C SER B 60 -22.55 6.89 30.89
N ARG B 61 -23.71 6.69 30.30
CA ARG B 61 -24.90 6.30 31.05
C ARG B 61 -25.07 4.78 31.13
N GLY B 62 -24.08 4.01 30.70
CA GLY B 62 -24.14 2.56 30.75
C GLY B 62 -23.73 2.00 32.10
N ILE B 63 -23.45 0.71 32.10
CA ILE B 63 -23.16 -0.04 33.32
C ILE B 63 -21.66 -0.27 33.40
N TRP B 64 -21.05 0.15 34.49
CA TRP B 64 -19.62 -0.05 34.73
C TRP B 64 -19.41 -1.37 35.47
N LYS B 65 -18.52 -2.21 34.96
CA LYS B 65 -18.20 -3.49 35.57
C LYS B 65 -16.70 -3.71 35.54
N THR B 66 -16.20 -4.41 36.56
CA THR B 66 -14.81 -4.80 36.63
C THR B 66 -14.65 -6.18 35.99
N ASN B 67 -13.71 -6.29 35.05
CA ASN B 67 -13.47 -7.54 34.37
C ASN B 67 -12.83 -8.55 35.32
N SER B 68 -13.33 -9.78 35.30
CA SER B 68 -12.85 -10.81 36.22
C SER B 68 -11.50 -11.38 35.82
N GLU B 69 -11.02 -11.11 34.62
CA GLU B 69 -9.77 -11.66 34.12
C GLU B 69 -8.65 -10.64 34.03
N THR B 70 -8.95 -9.42 33.62
CA THR B 70 -7.94 -8.38 33.48
C THR B 70 -8.02 -7.31 34.56
N GLY B 71 -9.09 -7.28 35.34
CA GLY B 71 -9.25 -6.27 36.36
C GLY B 71 -9.55 -4.88 35.85
N ALA B 72 -9.94 -4.76 34.58
CA ALA B 72 -10.17 -3.47 33.95
C ALA B 72 -11.62 -3.02 34.14
N GLN B 73 -11.81 -1.71 34.14
CA GLN B 73 -13.14 -1.13 34.22
C GLN B 73 -13.77 -1.14 32.83
N GLN B 74 -14.93 -1.78 32.70
CA GLN B 74 -15.56 -1.98 31.41
C GLN B 74 -16.95 -1.36 31.40
N LEU B 75 -17.27 -0.65 30.32
CA LEU B 75 -18.55 0.03 30.16
C LEU B 75 -19.47 -0.82 29.30
N ASN B 76 -20.74 -0.95 29.72
CA ASN B 76 -21.74 -1.69 28.97
C ASN B 76 -22.89 -0.75 28.66
N PRO B 77 -22.78 0.05 27.60
CA PRO B 77 -23.81 1.06 27.31
C PRO B 77 -24.98 0.56 26.49
N ILE B 78 -24.90 -0.62 25.89
CA ILE B 78 -25.97 -1.09 25.03
C ILE B 78 -27.16 -1.53 25.87
N ASP B 79 -28.35 -1.48 25.27
CA ASP B 79 -29.65 -1.64 25.94
C ASP B 79 -29.79 -0.69 27.14
N GLY B 80 -29.25 0.51 26.99
CA GLY B 80 -29.28 1.51 28.03
C GLY B 80 -30.40 2.49 27.80
N PRO B 81 -30.27 3.69 28.38
CA PRO B 81 -31.31 4.71 28.20
C PRO B 81 -31.27 5.29 26.79
N LEU B 82 -32.45 5.62 26.28
CA LEU B 82 -32.58 6.16 24.94
C LEU B 82 -31.98 7.57 24.89
N PRO B 83 -31.44 7.98 23.73
CA PRO B 83 -30.88 9.33 23.62
C PRO B 83 -31.98 10.39 23.65
N GLU B 84 -31.67 11.50 24.33
CA GLU B 84 -32.62 12.58 24.51
C GLU B 84 -32.22 13.85 23.78
N ASP B 85 -31.15 13.82 23.00
CA ASP B 85 -30.72 14.96 22.21
C ASP B 85 -30.09 14.45 20.92
N ASN B 86 -29.66 15.39 20.07
CA ASN B 86 -29.02 15.06 18.80
C ASN B 86 -27.51 14.89 18.92
N GLU B 87 -27.01 14.68 20.13
CA GLU B 87 -25.59 14.42 20.34
C GLU B 87 -25.27 12.98 19.96
N PRO B 88 -24.01 12.69 19.60
CA PRO B 88 -23.61 11.31 19.33
C PRO B 88 -23.69 10.44 20.59
N SER B 89 -24.49 9.37 20.51
CA SER B 89 -24.72 8.46 21.61
C SER B 89 -24.42 7.04 21.17
N GLY B 90 -24.03 6.21 22.14
CA GLY B 90 -23.71 4.83 21.85
C GLY B 90 -24.54 3.83 22.63
N TYR B 91 -25.80 4.17 22.90
CA TYR B 91 -26.71 3.28 23.61
C TYR B 91 -27.56 2.55 22.58
N ALA B 92 -26.94 1.57 21.92
CA ALA B 92 -27.63 0.80 20.91
C ALA B 92 -28.53 -0.25 21.55
N GLN B 93 -29.72 -0.42 20.98
CA GLN B 93 -30.68 -1.39 21.48
C GLN B 93 -30.46 -2.71 20.76
N THR B 94 -30.43 -3.81 21.54
CA THR B 94 -30.10 -5.11 20.97
C THR B 94 -31.25 -5.65 20.12
N ASP B 95 -32.49 -5.44 20.57
CA ASP B 95 -33.64 -5.97 19.85
C ASP B 95 -33.87 -5.25 18.53
N CYS B 96 -33.53 -3.96 18.46
CA CYS B 96 -33.65 -3.23 17.20
C CYS B 96 -32.62 -3.70 16.18
N VAL B 97 -31.40 -3.98 16.65
CA VAL B 97 -30.35 -4.52 15.79
C VAL B 97 -30.74 -5.91 15.28
N LEU B 98 -31.28 -6.75 16.17
CA LEU B 98 -31.70 -8.09 15.75
C LEU B 98 -32.90 -8.04 14.81
N GLU B 99 -33.80 -7.08 14.99
CA GLU B 99 -34.92 -6.92 14.08
C GLU B 99 -34.45 -6.43 12.70
N LEU B 100 -33.44 -5.57 12.68
CA LEU B 100 -32.90 -5.09 11.40
C LEU B 100 -32.17 -6.21 10.65
N ILE B 101 -31.39 -7.03 11.37
CA ILE B 101 -30.71 -8.16 10.72
C ILE B 101 -31.73 -9.22 10.29
N GLU B 102 -32.81 -9.40 11.05
CA GLU B 102 -33.86 -10.34 10.66
C GLU B 102 -34.60 -9.86 9.41
N GLY B 103 -34.89 -8.56 9.32
CA GLY B 103 -35.48 -8.02 8.11
C GLY B 103 -34.54 -8.04 6.92
N LEU B 104 -33.23 -7.94 7.19
CA LEU B 104 -32.25 -8.06 6.12
C LEU B 104 -32.19 -9.49 5.58
N ASP B 105 -32.31 -10.47 6.47
CA ASP B 105 -32.40 -11.86 6.02
C ASP B 105 -33.72 -12.15 5.33
N ARG B 106 -34.80 -11.48 5.75
CA ARG B 106 -36.11 -11.74 5.17
C ARG B 106 -36.24 -11.12 3.78
N SER B 107 -35.70 -9.91 3.58
CA SER B 107 -35.80 -9.27 2.28
C SER B 107 -34.78 -9.79 1.28
N HIS B 108 -33.82 -10.60 1.71
CA HIS B 108 -32.85 -11.24 0.84
C HIS B 108 -32.83 -12.72 1.19
N PRO B 109 -33.70 -13.52 0.58
CA PRO B 109 -33.81 -14.94 0.98
C PRO B 109 -32.61 -15.74 0.49
N GLY B 110 -32.05 -16.54 1.40
CA GLY B 110 -30.88 -17.33 1.07
C GLY B 110 -29.61 -16.52 0.94
N LEU B 111 -29.50 -15.40 1.66
CA LEU B 111 -28.31 -14.58 1.63
C LEU B 111 -27.30 -14.99 2.70
N PHE B 112 -27.77 -15.20 3.92
CA PHE B 112 -26.87 -15.54 5.01
C PHE B 112 -26.36 -16.97 4.89
N GLU B 113 -27.14 -17.85 4.25
CA GLU B 113 -26.77 -19.25 4.15
C GLU B 113 -25.60 -19.46 3.19
N THR B 114 -25.64 -18.81 2.03
CA THR B 114 -24.54 -18.94 1.06
C THR B 114 -23.27 -18.27 1.56
N ALA B 115 -23.40 -17.15 2.27
CA ALA B 115 -22.23 -16.48 2.82
C ALA B 115 -21.61 -17.29 3.95
N CYS B 116 -22.45 -17.86 4.82
CA CYS B 116 -21.95 -18.73 5.87
C CYS B 116 -21.35 -20.00 5.31
N GLN B 117 -21.88 -20.52 4.20
CA GLN B 117 -21.30 -21.71 3.59
C GLN B 117 -19.99 -21.43 2.88
N GLU B 118 -19.86 -20.24 2.27
CA GLU B 118 -18.57 -19.84 1.71
C GLU B 118 -17.53 -19.62 2.80
N THR B 119 -17.95 -19.10 3.95
CA THR B 119 -17.03 -18.97 5.08
C THR B 119 -16.68 -20.33 5.67
N ILE B 120 -17.62 -21.27 5.65
CA ILE B 120 -17.34 -22.65 6.08
C ILE B 120 -16.31 -23.29 5.17
N ASP B 121 -16.46 -23.12 3.85
CA ASP B 121 -15.52 -23.70 2.90
C ASP B 121 -14.17 -23.02 2.95
N ALA B 122 -14.12 -21.73 3.25
CA ALA B 122 -12.86 -21.01 3.30
C ALA B 122 -12.15 -21.15 4.63
N ILE B 123 -12.86 -21.51 5.70
CA ILE B 123 -12.21 -21.71 7.00
C ILE B 123 -11.37 -22.98 6.97
N GLN B 124 -11.86 -24.03 6.31
CA GLN B 124 -11.13 -25.29 6.22
C GLN B 124 -9.89 -25.18 5.34
N GLN B 125 -9.83 -24.21 4.43
CA GLN B 125 -8.76 -24.12 3.45
C GLN B 125 -7.73 -23.04 3.74
N THR B 126 -8.01 -22.14 4.69
CA THR B 126 -7.11 -21.02 4.94
C THR B 126 -5.96 -21.45 5.84
N ARG B 127 -4.76 -20.99 5.52
CA ARG B 127 -3.54 -21.31 6.25
C ARG B 127 -3.08 -20.11 7.08
N VAL B 128 -2.00 -20.32 7.83
CA VAL B 128 -1.57 -19.33 8.83
C VAL B 128 -0.98 -18.09 8.17
N ASP B 129 -0.33 -18.25 7.02
CA ASP B 129 0.33 -17.13 6.34
C ASP B 129 -0.65 -16.20 5.62
N LYS B 130 -1.96 -16.42 5.75
CA LYS B 130 -2.94 -15.39 5.44
C LYS B 130 -2.86 -14.24 6.46
N LEU B 131 -2.32 -14.49 7.65
CA LEU B 131 -2.11 -13.42 8.61
C LEU B 131 -0.85 -12.61 8.33
N THR B 132 -0.04 -13.00 7.35
CA THR B 132 1.05 -12.16 6.85
C THR B 132 0.59 -11.31 5.68
N GLN B 133 -0.55 -10.64 5.85
CA GLN B 133 -1.10 -9.75 4.84
C GLN B 133 -1.35 -8.35 5.35
N GLY B 134 -1.48 -8.16 6.65
CA GLY B 134 -1.61 -6.83 7.20
C GLY B 134 -0.32 -6.04 7.08
N ARG B 135 -0.47 -4.72 7.19
CA ARG B 135 0.67 -3.82 6.95
C ARG B 135 1.63 -3.86 8.13
N GLN B 136 1.17 -3.48 9.31
CA GLN B 136 1.93 -3.60 10.53
C GLN B 136 1.07 -4.27 11.59
N THR B 137 1.73 -4.78 12.64
CA THR B 137 1.04 -5.54 13.67
C THR B 137 1.71 -5.24 15.01
N TYR B 138 0.90 -5.04 16.04
CA TYR B 138 1.43 -4.94 17.40
C TYR B 138 1.98 -6.29 17.83
N ASP B 139 3.25 -6.32 18.23
CA ASP B 139 3.90 -7.54 18.68
C ASP B 139 3.91 -7.52 20.20
N TRP B 140 3.10 -8.40 20.80
CA TRP B 140 3.02 -8.50 22.25
C TRP B 140 4.29 -9.09 22.87
N THR B 141 5.09 -9.79 22.07
CA THR B 141 6.36 -10.31 22.56
C THR B 141 7.36 -9.18 22.81
N LEU B 142 7.29 -8.10 22.03
CA LEU B 142 8.25 -7.02 22.11
C LEU B 142 7.66 -5.71 22.62
N ASN B 143 6.33 -5.61 22.73
CA ASN B 143 5.59 -4.36 22.98
C ASN B 143 5.98 -3.29 21.96
N ARG B 144 5.78 -3.63 20.69
CA ARG B 144 6.32 -2.83 19.60
C ARG B 144 5.57 -3.16 18.32
N ASN B 145 5.40 -2.15 17.46
CA ASN B 145 4.86 -2.40 16.14
C ASN B 145 5.88 -3.14 15.29
N GLN B 146 5.41 -4.17 14.61
CA GLN B 146 6.24 -4.97 13.72
C GLN B 146 5.44 -5.26 12.46
N PRO B 147 6.09 -5.67 11.37
CA PRO B 147 5.36 -6.24 10.24
C PRO B 147 4.62 -7.52 10.64
N ALA B 148 3.66 -7.90 9.79
CA ALA B 148 2.77 -9.02 10.12
C ALA B 148 3.51 -10.36 10.12
N ALA B 149 4.51 -10.51 9.25
CA ALA B 149 5.21 -11.78 9.14
C ALA B 149 6.10 -12.03 10.35
N THR B 150 6.85 -11.02 10.79
CA THR B 150 7.71 -11.23 11.96
C THR B 150 6.91 -11.29 13.26
N ALA B 151 5.79 -10.59 13.33
CA ALA B 151 4.91 -10.71 14.49
C ALA B 151 4.28 -12.09 14.57
N LEU B 152 3.87 -12.63 13.43
CA LEU B 152 3.32 -13.99 13.41
C LEU B 152 4.40 -15.02 13.72
N ALA B 153 5.62 -14.81 13.24
CA ALA B 153 6.72 -15.72 13.53
C ALA B 153 7.08 -15.71 15.01
N ASN B 154 7.09 -14.53 15.63
CA ASN B 154 7.38 -14.45 17.05
C ASN B 154 6.26 -15.07 17.89
N THR B 155 4.99 -14.85 17.48
CA THR B 155 3.87 -15.46 18.18
C THR B 155 3.90 -16.99 18.08
N ILE B 156 4.26 -17.50 16.90
CA ILE B 156 4.32 -18.95 16.70
C ILE B 156 5.48 -19.56 17.48
N GLU B 157 6.63 -18.87 17.53
CA GLU B 157 7.77 -19.39 18.28
C GLU B 157 7.51 -19.37 19.79
N VAL B 158 6.89 -18.32 20.30
CA VAL B 158 6.60 -18.27 21.74
C VAL B 158 5.48 -19.27 22.08
N PHE B 159 4.56 -19.53 21.14
CA PHE B 159 3.52 -20.53 21.39
C PHE B 159 4.11 -21.94 21.43
N ARG B 160 4.85 -22.33 20.40
CA ARG B 160 5.37 -23.69 20.35
C ARG B 160 6.61 -23.89 21.21
N LYS B 161 7.16 -22.85 21.82
CA LYS B 161 8.12 -23.01 22.90
C LYS B 161 7.45 -23.07 24.26
N ASN B 162 6.12 -22.98 24.31
CA ASN B 162 5.35 -23.15 25.53
C ASN B 162 4.39 -24.34 25.44
N GLY B 163 4.54 -25.20 24.44
CA GLY B 163 3.75 -26.40 24.32
C GLY B 163 2.56 -26.30 23.40
N TYR B 164 2.19 -25.10 22.97
CA TYR B 164 1.03 -24.92 22.09
C TYR B 164 1.48 -25.17 20.66
N LYS B 165 1.42 -26.43 20.25
CA LYS B 165 1.91 -26.88 18.96
C LYS B 165 0.79 -27.39 18.06
N LEU B 166 -0.38 -26.76 18.13
CA LEU B 166 -1.44 -27.07 17.17
C LEU B 166 -1.22 -26.38 15.83
N ASN B 167 -0.50 -25.27 15.81
CA ASN B 167 -0.26 -24.51 14.59
C ASN B 167 0.80 -25.14 13.70
N GLU B 168 1.36 -26.30 14.07
CA GLU B 168 2.24 -27.06 13.19
C GLU B 168 1.48 -27.82 12.11
N SER B 169 0.15 -27.82 12.16
CA SER B 169 -0.64 -28.49 11.13
C SER B 169 -0.82 -27.62 9.88
N GLY B 170 -0.54 -26.33 9.97
CA GLY B 170 -0.58 -25.45 8.83
C GLY B 170 -1.88 -24.67 8.68
N ARG B 171 -2.96 -25.12 9.30
CA ARG B 171 -4.24 -24.44 9.15
C ARG B 171 -4.31 -23.23 10.08
N LEU B 172 -5.09 -22.23 9.65
CA LEU B 172 -5.26 -21.03 10.47
C LEU B 172 -6.12 -21.31 11.69
N ILE B 173 -7.12 -22.20 11.56
CA ILE B 173 -8.04 -22.47 12.66
C ILE B 173 -7.34 -23.21 13.80
N ASP B 174 -6.30 -23.98 13.50
CA ASP B 174 -5.53 -24.62 14.56
C ASP B 174 -4.65 -23.60 15.28
N PHE B 175 -4.13 -22.62 14.56
CA PHE B 175 -3.43 -21.50 15.19
C PHE B 175 -4.38 -20.70 16.08
N LEU B 176 -5.64 -20.56 15.66
CA LEU B 176 -6.62 -19.87 16.49
C LEU B 176 -7.00 -20.69 17.72
N LYS B 177 -7.02 -22.02 17.60
CA LYS B 177 -7.19 -22.86 18.78
C LYS B 177 -6.03 -22.72 19.75
N ASP B 178 -4.81 -22.58 19.23
CA ASP B 178 -3.65 -22.31 20.08
C ASP B 178 -3.74 -20.94 20.73
N VAL B 179 -4.28 -19.95 19.99
CA VAL B 179 -4.47 -18.60 20.52
C VAL B 179 -5.44 -18.64 21.69
N LEU B 180 -6.54 -19.36 21.54
CA LEU B 180 -7.53 -19.44 22.61
C LEU B 180 -7.04 -20.29 23.78
N LEU B 181 -6.23 -21.31 23.52
CA LEU B 181 -5.71 -22.15 24.60
C LEU B 181 -4.53 -21.52 25.32
N SER B 182 -3.85 -20.54 24.72
CA SER B 182 -2.71 -19.90 25.36
C SER B 182 -3.11 -18.99 26.53
N PHE B 183 -4.39 -18.69 26.69
CA PHE B 183 -4.87 -17.87 27.79
C PHE B 183 -4.91 -18.63 29.12
N GLU B 184 -4.61 -19.93 29.12
CA GLU B 184 -4.63 -20.74 30.32
C GLU B 184 -3.27 -20.84 31.00
N ASN B 185 -2.21 -20.37 30.36
CA ASN B 185 -0.88 -20.49 30.93
C ASN B 185 -0.72 -19.50 32.09
N ASP B 186 -0.24 -19.99 33.22
CA ASP B 186 0.00 -19.13 34.37
C ASP B 186 1.26 -18.28 34.21
N SER B 187 2.22 -18.74 33.41
CA SER B 187 3.45 -17.97 33.18
C SER B 187 3.88 -18.21 31.74
N MET B 188 3.59 -17.25 30.87
CA MET B 188 4.03 -17.29 29.49
C MET B 188 5.43 -16.70 29.39
N GLU B 189 6.35 -17.44 28.78
CA GLU B 189 7.74 -17.03 28.66
C GLU B 189 7.98 -16.51 27.25
N VAL B 190 8.38 -15.25 27.14
CA VAL B 190 8.48 -14.57 25.85
C VAL B 190 9.94 -14.28 25.52
N THR B 191 10.18 -13.73 24.33
CA THR B 191 11.51 -13.35 23.87
C THR B 191 11.51 -11.84 23.60
N THR B 192 11.88 -11.07 24.61
CA THR B 192 11.82 -9.61 24.54
C THR B 192 13.15 -9.06 24.02
N HIS B 193 13.25 -7.73 23.99
CA HIS B 193 14.45 -7.04 23.58
C HIS B 193 14.88 -6.05 24.67
N PHE B 194 16.17 -5.72 24.67
CA PHE B 194 16.72 -4.75 25.60
C PHE B 194 17.74 -3.90 24.85
N GLN B 195 18.46 -3.06 25.58
CA GLN B 195 19.51 -2.25 24.97
C GLN B 195 20.63 -2.04 25.99
N LYS B 196 21.81 -1.72 25.48
CA LYS B 196 23.00 -1.46 26.30
C LYS B 196 23.59 -0.12 25.87
N LYS B 197 23.29 0.92 26.63
CA LYS B 197 23.85 2.24 26.36
C LYS B 197 25.30 2.30 26.81
N LYS B 198 26.17 2.82 25.95
CA LYS B 198 27.56 3.05 26.31
C LYS B 198 28.02 4.38 25.70
N ARG B 199 28.58 5.24 26.55
CA ARG B 199 29.02 6.56 26.14
C ARG B 199 30.35 6.44 25.40
N ILE B 200 30.30 6.48 24.06
CA ILE B 200 31.49 6.47 23.21
C ILE B 200 31.52 7.79 22.45
N ARG B 201 32.70 8.39 22.35
CA ARG B 201 32.85 9.60 21.57
C ARG B 201 32.69 9.33 20.07
N ASP B 202 32.12 10.30 19.37
CA ASP B 202 32.06 10.23 17.92
C ASP B 202 33.40 10.66 17.33
N ASN B 203 33.80 10.00 16.24
CA ASN B 203 35.10 10.23 15.63
C ASN B 203 35.06 11.29 14.54
N HIS B 204 33.94 12.00 14.37
CA HIS B 204 33.84 13.08 13.41
C HIS B 204 33.36 14.39 13.99
N SER B 205 32.90 14.41 15.25
CA SER B 205 32.48 15.64 15.90
C SER B 205 33.00 15.80 17.32
N LYS B 206 33.68 14.78 17.86
CA LYS B 206 34.18 14.73 19.25
C LYS B 206 33.07 14.97 20.28
N LYS B 207 31.87 14.48 19.98
CA LYS B 207 30.72 14.63 20.85
C LYS B 207 30.31 13.27 21.38
N MET B 208 29.97 13.23 22.66
CA MET B 208 29.66 11.96 23.32
C MET B 208 28.27 11.49 22.92
N ILE B 209 28.21 10.33 22.27
CA ILE B 209 26.96 9.70 21.91
C ILE B 209 26.82 8.41 22.72
N THR B 210 25.67 7.77 22.61
CA THR B 210 25.38 6.53 23.33
C THR B 210 25.10 5.42 22.31
N GLN B 211 26.06 4.52 22.13
CA GLN B 211 25.91 3.40 21.20
C GLN B 211 25.05 2.33 21.85
N ARG B 212 23.74 2.47 21.69
CA ARG B 212 22.80 1.48 22.22
C ARG B 212 22.79 0.25 21.32
N THR B 213 23.06 -0.92 21.91
CA THR B 213 23.13 -2.18 21.19
C THR B 213 21.91 -3.02 21.52
N ILE B 214 21.18 -3.43 20.49
CA ILE B 214 19.92 -4.15 20.67
C ILE B 214 20.25 -5.64 20.79
N GLY B 215 19.62 -6.30 21.77
CA GLY B 215 19.86 -7.71 22.01
C GLY B 215 18.60 -8.40 22.47
N LYS B 216 18.68 -9.72 22.57
CA LYS B 216 17.53 -10.56 22.87
C LYS B 216 17.52 -10.92 24.35
N LYS B 217 16.35 -10.76 24.97
CA LYS B 217 16.12 -11.12 26.36
C LYS B 217 14.91 -12.04 26.43
N ARG B 218 14.89 -12.91 27.44
CA ARG B 218 13.76 -13.81 27.64
C ARG B 218 13.33 -13.76 29.10
N VAL B 219 12.06 -13.41 29.33
CA VAL B 219 11.49 -13.25 30.66
C VAL B 219 10.08 -13.82 30.65
N LYS B 220 9.59 -14.15 31.85
CA LYS B 220 8.28 -14.73 32.01
C LYS B 220 7.23 -13.65 32.29
N LEU B 221 6.07 -13.81 31.67
CA LEU B 221 4.92 -12.95 31.93
C LEU B 221 4.02 -13.58 32.98
N THR B 222 3.03 -12.81 33.41
CA THR B 222 1.96 -13.32 34.25
C THR B 222 0.77 -13.67 33.36
N LYS B 223 -0.24 -14.29 33.97
CA LYS B 223 -1.45 -14.62 33.22
C LYS B 223 -2.25 -13.37 32.88
N LYS B 224 -2.37 -12.46 33.85
CA LYS B 224 -3.09 -11.21 33.60
C LYS B 224 -2.30 -10.30 32.68
N ASN B 225 -0.96 -10.32 32.80
CA ASN B 225 -0.13 -9.51 31.91
C ASN B 225 -0.18 -10.03 30.47
N TYR B 226 -0.21 -11.35 30.30
CA TYR B 226 -0.34 -11.90 28.95
C TYR B 226 -1.72 -11.64 28.37
N LEU B 227 -2.76 -11.68 29.22
CA LEU B 227 -4.10 -11.40 28.72
C LEU B 227 -4.28 -9.91 28.39
N ILE B 228 -3.56 -9.03 29.09
CA ILE B 228 -3.55 -7.62 28.73
C ILE B 228 -2.82 -7.42 27.41
N ARG B 229 -1.65 -8.03 27.25
CA ARG B 229 -0.87 -7.91 26.02
C ARG B 229 -1.54 -8.58 24.83
N ALA B 230 -2.44 -9.53 25.04
CA ALA B 230 -3.12 -10.18 23.94
C ALA B 230 -4.32 -9.39 23.44
N LEU B 231 -5.00 -8.67 24.34
CA LEU B 231 -6.13 -7.84 23.98
C LEU B 231 -5.74 -6.38 23.72
N THR B 232 -4.46 -6.12 23.47
CA THR B 232 -3.96 -4.76 23.34
C THR B 232 -4.02 -4.31 21.88
N LEU B 233 -4.64 -3.16 21.64
CA LEU B 233 -4.58 -2.48 20.36
C LEU B 233 -3.57 -1.35 20.48
N ASN B 234 -2.47 -1.46 19.74
CA ASN B 234 -1.49 -0.40 19.75
C ASN B 234 -1.97 0.76 18.89
N THR B 235 -1.49 1.96 19.21
CA THR B 235 -1.99 3.17 18.56
C THR B 235 -0.85 3.99 17.97
N MET B 236 -1.17 4.70 16.89
CA MET B 236 -0.27 5.69 16.31
C MET B 236 -1.14 6.74 15.63
N THR B 237 -0.49 7.70 14.98
CA THR B 237 -1.20 8.79 14.32
C THR B 237 -1.19 8.59 12.82
N LYS B 238 -2.32 8.89 12.18
CA LYS B 238 -2.42 8.81 10.73
C LYS B 238 -1.75 10.01 10.09
N ASP B 239 -0.82 9.75 9.18
CA ASP B 239 -0.07 10.80 8.49
C ASP B 239 -0.57 10.96 7.07
N ALA B 240 -0.32 12.16 6.53
CA ALA B 240 -0.57 12.52 5.12
C ALA B 240 -2.04 12.36 4.74
N GLU B 241 -2.93 12.79 5.64
CA GLU B 241 -4.36 12.69 5.42
C GLU B 241 -4.90 14.03 4.92
N ARG B 242 -5.65 13.97 3.83
CA ARG B 242 -6.21 15.17 3.22
C ARG B 242 -7.61 15.44 3.77
N GLY B 243 -7.97 16.73 3.82
CA GLY B 243 -9.32 17.12 4.13
C GLY B 243 -9.61 17.39 5.60
N LYS B 244 -8.65 17.18 6.49
CA LYS B 244 -8.88 17.34 7.92
C LYS B 244 -7.92 18.38 8.48
N LEU B 245 -8.44 19.24 9.35
CA LEU B 245 -7.62 20.25 10.00
C LEU B 245 -6.81 19.65 11.15
N LYS B 246 -7.41 18.76 11.93
CA LYS B 246 -6.77 18.14 13.08
C LYS B 246 -6.57 16.66 12.82
N ARG B 247 -5.52 16.11 13.41
CA ARG B 247 -5.13 14.74 13.17
C ARG B 247 -5.92 13.79 14.07
N ARG B 248 -5.76 12.49 13.81
CA ARG B 248 -6.45 11.47 14.58
C ARG B 248 -5.60 10.22 14.62
N ALA B 249 -5.92 9.34 15.57
CA ALA B 249 -5.15 8.14 15.82
C ALA B 249 -5.77 6.94 15.12
N ILE B 250 -4.91 6.14 14.48
CA ILE B 250 -5.27 4.83 14.00
C ILE B 250 -4.70 3.80 14.97
N ALA B 251 -5.22 2.58 14.90
CA ALA B 251 -4.80 1.51 15.79
C ALA B 251 -4.53 0.25 14.99
N THR B 252 -3.75 -0.65 15.59
CA THR B 252 -3.40 -1.93 15.02
C THR B 252 -3.57 -3.00 16.08
N PRO B 253 -4.21 -4.12 15.75
CA PRO B 253 -4.39 -5.18 16.74
C PRO B 253 -3.21 -6.17 16.76
N GLY B 254 -3.14 -6.93 17.84
CA GLY B 254 -2.12 -7.93 17.99
C GLY B 254 -2.40 -9.16 17.15
N MET B 255 -1.49 -10.13 17.24
CA MET B 255 -1.62 -11.35 16.45
C MET B 255 -2.67 -12.31 16.99
N GLN B 256 -3.16 -12.10 18.21
CA GLN B 256 -4.24 -12.93 18.70
C GLN B 256 -5.59 -12.50 18.13
N ILE B 257 -5.81 -11.19 18.02
CA ILE B 257 -7.07 -10.70 17.48
C ILE B 257 -7.05 -10.63 15.96
N ARG B 258 -5.87 -10.70 15.33
CA ARG B 258 -5.77 -10.58 13.88
C ARG B 258 -6.37 -11.77 13.15
N GLY B 259 -6.42 -12.94 13.80
CA GLY B 259 -6.87 -14.14 13.12
C GLY B 259 -8.37 -14.25 12.96
N PHE B 260 -9.10 -13.95 14.04
CA PHE B 260 -10.55 -14.06 14.01
C PHE B 260 -11.20 -12.93 13.25
N VAL B 261 -10.55 -11.76 13.26
CA VAL B 261 -11.01 -10.59 12.51
C VAL B 261 -11.04 -10.88 11.02
N TYR B 262 -10.09 -11.68 10.53
CA TYR B 262 -10.09 -12.08 9.12
C TYR B 262 -11.31 -12.92 8.76
N PHE B 263 -11.71 -13.83 9.65
CA PHE B 263 -12.86 -14.68 9.37
C PHE B 263 -14.16 -13.89 9.44
N VAL B 264 -14.28 -12.97 10.41
CA VAL B 264 -15.47 -12.13 10.49
C VAL B 264 -15.57 -11.20 9.30
N GLU B 265 -14.44 -10.62 8.87
CA GLU B 265 -14.42 -9.77 7.70
C GLU B 265 -14.69 -10.56 6.43
N LEU B 266 -14.30 -11.84 6.37
CA LEU B 266 -14.59 -12.67 5.22
C LEU B 266 -16.08 -12.98 5.11
N LEU B 267 -16.71 -13.30 6.25
CA LEU B 267 -18.16 -13.52 6.27
C LEU B 267 -18.92 -12.26 5.87
N ALA B 268 -18.58 -11.13 6.48
CA ALA B 268 -19.26 -9.87 6.17
C ALA B 268 -18.94 -9.36 4.78
N ARG B 269 -17.80 -9.76 4.19
CA ARG B 269 -17.50 -9.41 2.81
C ARG B 269 -18.31 -10.27 1.84
N ASN B 270 -18.50 -11.55 2.15
CA ASN B 270 -19.39 -12.39 1.35
C ASN B 270 -20.83 -11.90 1.43
N ILE B 271 -21.22 -11.32 2.56
CA ILE B 271 -22.54 -10.69 2.64
C ILE B 271 -22.58 -9.40 1.83
N CYS B 272 -21.54 -8.55 1.96
CA CYS B 272 -21.52 -7.25 1.31
C CYS B 272 -21.37 -7.34 -0.20
N GLU B 273 -20.82 -8.44 -0.73
CA GLU B 273 -20.69 -8.57 -2.17
C GLU B 273 -22.03 -8.78 -2.84
N ARG B 274 -22.97 -9.43 -2.16
CA ARG B 274 -24.26 -9.78 -2.73
C ARG B 274 -25.36 -8.78 -2.41
N LEU B 275 -25.09 -7.80 -1.54
CA LEU B 275 -26.06 -6.75 -1.28
C LEU B 275 -25.95 -5.66 -2.34
N GLU B 276 -27.10 -5.20 -2.81
CA GLU B 276 -27.13 -4.21 -3.88
C GLU B 276 -26.87 -2.80 -3.38
N GLN B 277 -27.03 -2.56 -2.08
CA GLN B 277 -26.90 -1.23 -1.50
C GLN B 277 -25.52 -0.99 -0.89
N SER B 278 -24.68 -2.01 -0.81
CA SER B 278 -23.37 -1.86 -0.18
C SER B 278 -22.35 -1.36 -1.20
N GLY B 279 -21.65 -0.27 -0.84
CA GLY B 279 -20.57 0.25 -1.64
C GLY B 279 -19.24 -0.45 -1.44
N LEU B 280 -19.17 -1.44 -0.55
CA LEU B 280 -18.03 -2.27 -0.25
C LEU B 280 -18.33 -3.72 -0.67
N PRO B 281 -17.32 -4.47 -1.16
CA PRO B 281 -15.92 -4.10 -1.36
C PRO B 281 -15.57 -3.67 -2.79
N VAL B 282 -16.54 -3.16 -3.54
CA VAL B 282 -16.23 -2.70 -4.88
C VAL B 282 -15.46 -1.38 -4.82
N GLY B 283 -14.73 -1.10 -5.89
CA GLY B 283 -13.96 0.12 -5.95
C GLY B 283 -13.67 0.49 -7.40
N GLY B 284 -13.44 1.78 -7.60
CA GLY B 284 -13.07 2.25 -8.93
C GLY B 284 -14.26 2.31 -9.85
N ASN B 285 -14.09 1.78 -11.06
CA ASN B 285 -15.15 1.85 -12.05
C ASN B 285 -16.25 0.84 -11.82
N GLU B 286 -15.96 -0.28 -11.16
CA GLU B 286 -17.01 -1.25 -10.85
C GLU B 286 -17.96 -0.70 -9.80
N LYS B 287 -17.42 0.03 -8.81
CA LYS B 287 -18.25 0.68 -7.81
C LYS B 287 -19.09 1.78 -8.44
N LYS B 288 -18.53 2.54 -9.39
CA LYS B 288 -19.28 3.61 -10.04
C LYS B 288 -20.40 3.04 -10.90
N ALA B 289 -20.15 1.90 -11.57
CA ALA B 289 -21.18 1.27 -12.38
C ALA B 289 -22.30 0.70 -11.51
N LYS B 290 -21.95 0.07 -10.39
CA LYS B 290 -22.95 -0.45 -9.46
C LYS B 290 -23.78 0.67 -8.84
N LEU B 291 -23.11 1.77 -8.46
CA LEU B 291 -23.80 2.93 -7.89
C LEU B 291 -24.75 3.56 -8.92
N ALA B 292 -24.29 3.73 -10.16
CA ALA B 292 -25.13 4.31 -11.20
C ALA B 292 -26.30 3.40 -11.56
N ASN B 293 -26.10 2.08 -11.50
CA ASN B 293 -27.20 1.16 -11.76
C ASN B 293 -28.26 1.22 -10.66
N VAL B 294 -27.84 1.34 -9.40
CA VAL B 294 -28.89 1.43 -8.37
C VAL B 294 -29.53 2.81 -8.34
N ILE B 295 -28.84 3.86 -8.80
CA ILE B 295 -29.49 5.16 -8.96
C ILE B 295 -30.52 5.10 -10.08
N LYS B 296 -30.19 4.45 -11.19
CA LYS B 296 -31.13 4.30 -12.29
C LYS B 296 -32.32 3.42 -11.89
N LYS B 297 -32.08 2.42 -11.04
CA LYS B 297 -33.18 1.59 -10.56
C LYS B 297 -34.07 2.33 -9.57
N MET B 298 -33.49 3.20 -8.74
CA MET B 298 -34.29 3.92 -7.76
C MET B 298 -35.06 5.08 -8.38
N MET B 299 -34.47 5.76 -9.36
CA MET B 299 -35.17 6.86 -10.02
C MET B 299 -36.29 6.38 -10.93
N ALA B 300 -36.27 5.12 -11.33
CA ALA B 300 -37.35 4.54 -12.11
C ALA B 300 -38.48 3.98 -11.24
N LYS B 301 -38.30 4.00 -9.92
CA LYS B 301 -39.37 3.62 -9.00
C LYS B 301 -40.23 4.80 -8.58
N SER B 302 -39.73 6.03 -8.73
CA SER B 302 -40.53 7.20 -8.46
C SER B 302 -41.61 7.36 -9.51
N THR B 303 -42.86 7.53 -9.07
CA THR B 303 -43.99 7.64 -9.97
C THR B 303 -44.04 9.04 -10.59
N ASP B 304 -45.08 9.28 -11.39
CA ASP B 304 -45.17 10.52 -12.16
C ASP B 304 -45.54 11.72 -11.29
N GLU B 305 -46.08 11.50 -10.10
CA GLU B 305 -46.50 12.57 -9.22
C GLU B 305 -45.74 12.56 -7.88
N GLU B 306 -44.63 11.84 -7.80
CA GLU B 306 -43.94 11.61 -6.54
C GLU B 306 -42.69 12.47 -6.44
N LEU B 307 -42.36 12.84 -5.21
CA LEU B 307 -41.15 13.62 -4.91
C LEU B 307 -40.05 12.68 -4.44
N SER B 308 -38.82 12.97 -4.88
CA SER B 308 -37.65 12.20 -4.49
C SER B 308 -36.57 13.16 -4.04
N TYR B 309 -35.92 12.84 -2.91
CA TYR B 309 -34.93 13.71 -2.30
C TYR B 309 -33.73 12.88 -1.85
N THR B 310 -32.54 13.33 -2.21
CA THR B 310 -31.30 12.63 -1.87
C THR B 310 -30.57 13.39 -0.76
N ILE B 311 -30.23 12.66 0.30
CA ILE B 311 -29.34 13.11 1.35
C ILE B 311 -27.93 12.62 1.03
N THR B 312 -26.98 13.55 0.97
CA THR B 312 -25.57 13.24 1.06
C THR B 312 -25.23 13.22 2.55
N GLY B 313 -24.89 12.04 3.08
CA GLY B 313 -24.77 11.92 4.51
C GLY B 313 -23.47 11.34 5.00
N ASP B 314 -22.89 12.00 6.00
CA ASP B 314 -21.77 11.49 6.76
C ASP B 314 -22.23 11.20 8.18
N ASN B 315 -21.56 10.26 8.83
CA ASN B 315 -21.87 9.90 10.20
C ASN B 315 -20.79 10.41 11.13
N THR B 316 -21.21 11.01 12.24
CA THR B 316 -20.27 11.59 13.20
C THR B 316 -19.88 10.54 14.24
N LYS B 317 -18.57 10.40 14.45
CA LYS B 317 -17.96 9.57 15.49
C LYS B 317 -18.41 8.10 15.35
N TRP B 318 -17.97 7.51 14.25
CA TRP B 318 -18.42 6.17 13.88
C TRP B 318 -17.93 5.12 14.87
N ASN B 319 -16.61 4.98 15.03
CA ASN B 319 -16.08 3.91 15.87
C ASN B 319 -16.26 4.17 17.35
N GLU B 320 -16.55 5.41 17.76
CA GLU B 320 -16.82 5.68 19.16
C GLU B 320 -18.19 5.18 19.61
N ASN B 321 -19.05 4.79 18.67
CA ASN B 321 -20.38 4.30 18.99
C ASN B 321 -20.66 2.89 18.49
N GLN B 322 -19.81 2.33 17.62
CA GLN B 322 -19.97 0.94 17.18
C GLN B 322 -19.56 0.04 18.33
N ASN B 323 -20.54 -0.55 19.01
CA ASN B 323 -20.14 -1.39 20.13
C ASN B 323 -19.83 -2.80 19.65
N PRO B 324 -18.84 -3.47 20.27
CA PRO B 324 -18.55 -4.85 19.87
C PRO B 324 -19.61 -5.85 20.28
N ARG B 325 -20.41 -5.55 21.30
CA ARG B 325 -21.48 -6.47 21.69
C ARG B 325 -22.61 -6.46 20.68
N ILE B 326 -22.83 -5.32 20.03
CA ILE B 326 -23.78 -5.26 18.92
C ILE B 326 -23.28 -6.09 17.74
N PHE B 327 -21.97 -6.08 17.50
CA PHE B 327 -21.41 -6.93 16.45
C PHE B 327 -21.45 -8.41 16.85
N LEU B 328 -21.38 -8.71 18.15
CA LEU B 328 -21.59 -10.07 18.61
C LEU B 328 -23.02 -10.53 18.35
N ALA B 329 -23.99 -9.65 18.59
CA ALA B 329 -25.38 -9.97 18.27
C ALA B 329 -25.60 -10.14 16.77
N MET B 330 -24.92 -9.32 15.96
CA MET B 330 -25.03 -9.44 14.51
C MET B 330 -24.40 -10.73 14.00
N VAL B 331 -23.28 -11.14 14.58
CA VAL B 331 -22.63 -12.39 14.19
C VAL B 331 -23.48 -13.59 14.60
N LEU B 332 -24.08 -13.53 15.79
CA LEU B 332 -24.92 -14.64 16.22
C LEU B 332 -26.28 -14.67 15.51
N ARG B 333 -26.71 -13.56 14.92
CA ARG B 333 -27.95 -13.56 14.16
C ARG B 333 -27.74 -13.93 12.70
N ILE B 334 -26.61 -13.53 12.11
CA ILE B 334 -26.30 -13.92 10.74
C ILE B 334 -26.05 -15.42 10.67
N THR B 335 -25.35 -15.97 11.66
CA THR B 335 -24.96 -17.38 11.67
C THR B 335 -26.00 -18.27 12.36
N ALA B 336 -27.28 -17.89 12.31
CA ALA B 336 -28.33 -18.72 12.90
C ALA B 336 -28.64 -19.89 11.98
N GLY B 337 -28.46 -21.11 12.49
CA GLY B 337 -28.63 -22.32 11.71
C GLY B 337 -27.32 -23.01 11.39
N GLN B 338 -26.19 -22.36 11.63
CA GLN B 338 -24.88 -22.90 11.35
C GLN B 338 -24.41 -23.79 12.51
N PRO B 339 -23.39 -24.63 12.28
CA PRO B 339 -22.82 -25.39 13.40
C PRO B 339 -22.19 -24.49 14.44
N GLU B 340 -22.22 -24.95 15.69
CA GLU B 340 -21.87 -24.09 16.82
C GLU B 340 -20.39 -23.76 16.89
N TRP B 341 -19.52 -24.61 16.32
CA TRP B 341 -18.10 -24.28 16.26
C TRP B 341 -17.86 -23.07 15.35
N PHE B 342 -18.63 -22.98 14.26
CA PHE B 342 -18.52 -21.86 13.34
C PHE B 342 -19.02 -20.57 13.98
N ARG B 343 -20.11 -20.66 14.74
CA ARG B 343 -20.64 -19.51 15.45
C ARG B 343 -19.68 -19.04 16.56
N ASP B 344 -19.06 -19.98 17.27
CA ASP B 344 -18.08 -19.60 18.30
C ASP B 344 -16.83 -18.99 17.68
N LEU B 345 -16.36 -19.56 16.58
CA LEU B 345 -15.16 -19.05 15.92
C LEU B 345 -15.38 -17.66 15.34
N LEU B 346 -16.57 -17.42 14.77
CA LEU B 346 -16.89 -16.07 14.31
C LEU B 346 -17.23 -15.13 15.46
N ALA B 347 -17.60 -15.66 16.62
CA ALA B 347 -17.99 -14.82 17.74
C ALA B 347 -16.85 -14.47 18.67
N VAL B 348 -15.67 -15.09 18.48
CA VAL B 348 -14.51 -14.77 19.31
C VAL B 348 -14.10 -13.30 19.17
N ALA B 349 -14.03 -12.80 17.94
CA ALA B 349 -13.52 -11.45 17.68
C ALA B 349 -14.36 -10.30 18.25
N PRO B 350 -15.71 -10.33 18.25
CA PRO B 350 -16.42 -9.30 19.05
C PRO B 350 -16.23 -9.45 20.55
N ILE B 351 -15.99 -10.67 21.04
CA ILE B 351 -15.68 -10.84 22.46
C ILE B 351 -14.29 -10.30 22.77
N MET B 352 -13.33 -10.51 21.87
CA MET B 352 -11.99 -9.98 22.07
C MET B 352 -11.96 -8.46 21.91
N PHE B 353 -12.88 -7.90 21.13
CA PHE B 353 -12.95 -6.45 20.99
C PHE B 353 -13.82 -5.78 22.03
N SER B 354 -14.70 -6.52 22.70
CA SER B 354 -15.42 -5.97 23.84
C SER B 354 -14.59 -5.97 25.11
N ASN B 355 -13.47 -6.68 25.14
CA ASN B 355 -12.57 -6.71 26.28
C ASN B 355 -11.20 -6.13 25.95
N LYS B 356 -11.11 -5.30 24.90
CA LYS B 356 -9.83 -4.81 24.44
C LYS B 356 -9.31 -3.71 25.35
N VAL B 357 -8.00 -3.49 25.28
CA VAL B 357 -7.35 -2.34 25.88
C VAL B 357 -6.56 -1.65 24.79
N ALA B 358 -6.40 -0.33 24.93
CA ALA B 358 -5.69 0.48 23.97
C ALA B 358 -4.36 0.91 24.58
N ARG B 359 -3.27 0.61 23.89
CA ARG B 359 -1.98 1.10 24.31
C ARG B 359 -1.89 2.59 23.99
N LEU B 360 -1.38 3.37 24.94
CA LEU B 360 -1.49 4.83 24.90
C LEU B 360 -0.30 5.49 24.21
N GLY B 361 0.31 4.82 23.24
CA GLY B 361 1.39 5.42 22.49
C GLY B 361 2.71 5.39 23.22
N ARG B 362 3.49 6.47 23.12
CA ARG B 362 4.84 6.51 23.66
C ARG B 362 5.06 7.75 24.53
N GLY B 363 4.02 8.19 25.23
CA GLY B 363 4.18 9.26 26.21
C GLY B 363 4.23 10.63 25.57
N TYR B 364 4.96 11.53 26.24
CA TYR B 364 5.14 12.90 25.79
C TYR B 364 6.61 13.27 25.88
N MET B 365 6.90 14.53 25.59
CA MET B 365 8.25 15.07 25.67
C MET B 365 8.26 16.19 26.70
N PHE B 366 9.22 16.13 27.62
CA PHE B 366 9.29 17.03 28.76
C PHE B 366 10.56 17.84 28.69
N GLU B 367 10.44 19.16 28.91
CA GLU B 367 11.53 20.11 28.73
C GLU B 367 11.87 20.75 30.06
N SER B 368 13.04 20.41 30.59
CA SER B 368 13.62 21.14 31.72
C SER B 368 14.29 22.40 31.17
N LYS B 369 13.77 23.56 31.57
CA LYS B 369 14.35 24.84 31.17
C LYS B 369 15.61 25.17 31.95
N SER B 370 15.81 24.58 33.12
CA SER B 370 17.00 24.86 33.92
C SER B 370 18.20 24.04 33.43
N MET B 371 18.04 22.74 33.34
CA MET B 371 19.10 21.87 32.85
C MET B 371 19.20 21.83 31.33
N HIS B 372 18.26 22.52 30.64
CA HIS B 372 18.16 22.54 29.18
C HIS B 372 18.04 21.12 28.61
N LEU B 373 17.07 20.37 29.14
CA LEU B 373 16.91 18.97 28.83
C LEU B 373 15.57 18.70 28.18
N ARG B 374 15.51 17.67 27.37
CA ARG B 374 14.26 17.13 26.85
C ARG B 374 14.29 15.62 26.98
N THR B 375 13.16 15.05 27.38
CA THR B 375 13.11 13.61 27.62
C THR B 375 11.75 13.06 27.22
N GLN B 376 11.76 11.88 26.60
CA GLN B 376 10.54 11.19 26.21
C GLN B 376 10.07 10.34 27.39
N ILE B 377 8.97 10.74 27.99
CA ILE B 377 8.34 9.96 29.06
C ILE B 377 7.29 9.06 28.44
N SER B 378 7.39 7.75 28.72
CA SER B 378 6.52 6.78 28.10
C SER B 378 5.10 6.88 28.69
N ALA B 379 4.18 6.17 28.05
CA ALA B 379 2.78 6.20 28.47
C ALA B 379 2.55 5.38 29.73
N GLU B 380 3.44 4.45 30.05
CA GLU B 380 3.32 3.70 31.30
C GLU B 380 3.82 4.49 32.50
N ASN B 381 4.55 5.58 32.27
CA ASN B 381 5.11 6.39 33.34
C ASN B 381 4.28 7.62 33.64
N LEU B 382 3.16 7.82 32.95
CA LEU B 382 2.30 8.97 33.17
C LEU B 382 1.32 8.78 34.34
N SER B 383 1.50 7.74 35.15
CA SER B 383 0.61 7.47 36.27
C SER B 383 1.21 7.87 37.61
N ASP B 384 2.52 7.89 37.74
CA ASP B 384 3.20 8.31 38.97
C ASP B 384 3.89 9.65 38.81
N ILE B 385 3.32 10.53 37.98
CA ILE B 385 3.85 11.87 37.73
C ILE B 385 2.86 12.87 38.32
N ASN B 386 3.39 13.83 39.08
CA ASN B 386 2.58 14.94 39.59
C ASN B 386 1.97 15.73 38.44
N LEU B 387 0.67 16.02 38.55
CA LEU B 387 -0.09 16.66 37.49
C LEU B 387 0.27 18.12 37.24
N ARG B 388 1.17 18.71 38.04
CA ARG B 388 1.62 20.08 37.83
C ARG B 388 2.51 20.23 36.61
N TYR B 389 3.01 19.14 36.03
CA TYR B 389 3.97 19.21 34.94
C TYR B 389 3.32 19.24 33.57
N PHE B 390 2.08 18.78 33.43
CA PHE B 390 1.41 18.77 32.14
C PHE B 390 0.75 20.12 31.86
N ASN B 391 0.41 20.34 30.59
CA ASN B 391 -0.43 21.46 30.24
C ASN B 391 -1.89 21.11 30.55
N GLU B 392 -2.79 22.08 30.34
CA GLU B 392 -4.14 21.95 30.87
C GLU B 392 -4.98 20.93 30.11
N ASP B 393 -4.79 20.82 28.78
CA ASP B 393 -5.49 19.81 28.00
C ASP B 393 -5.06 18.40 28.40
N THR B 394 -3.76 18.19 28.53
CA THR B 394 -3.24 16.89 28.93
C THR B 394 -3.59 16.56 30.38
N LYS B 395 -3.66 17.58 31.24
CA LYS B 395 -4.06 17.35 32.63
C LYS B 395 -5.54 16.95 32.72
N LYS B 396 -6.40 17.60 31.93
CA LYS B 396 -7.80 17.20 31.86
C LYS B 396 -7.96 15.79 31.30
N LYS B 397 -7.17 15.45 30.28
CA LYS B 397 -7.27 14.12 29.68
C LYS B 397 -6.78 13.03 30.63
N ILE B 398 -5.72 13.31 31.38
CA ILE B 398 -5.20 12.30 32.30
C ILE B 398 -6.12 12.13 33.50
N GLU B 399 -6.73 13.23 33.99
CA GLU B 399 -7.70 13.11 35.06
C GLU B 399 -8.97 12.40 34.60
N LYS B 400 -9.35 12.54 33.33
CA LYS B 400 -10.51 11.82 32.83
C LYS B 400 -10.21 10.37 32.46
N ILE B 401 -8.94 10.02 32.24
CA ILE B 401 -8.60 8.68 31.78
C ILE B 401 -7.94 7.82 32.86
N ARG B 402 -7.61 8.39 34.03
CA ARG B 402 -6.80 7.70 35.03
C ARG B 402 -7.47 6.46 35.61
N HIS B 403 -8.80 6.47 35.72
CA HIS B 403 -9.49 5.32 36.30
C HIS B 403 -9.62 4.13 35.34
N LEU B 404 -9.16 4.28 34.09
CA LEU B 404 -9.19 3.20 33.11
C LEU B 404 -7.83 2.55 32.90
N MET B 405 -6.76 3.11 33.47
CA MET B 405 -5.40 2.62 33.22
C MET B 405 -5.17 1.31 33.95
N VAL B 406 -4.91 0.25 33.18
CA VAL B 406 -4.53 -1.05 33.72
C VAL B 406 -3.28 -1.50 32.96
N GLU B 407 -2.15 -1.56 33.69
CA GLU B 407 -0.86 -2.04 33.19
C GLU B 407 -0.36 -1.24 31.98
N GLY B 408 -0.45 0.09 32.10
CA GLY B 408 0.05 0.98 31.07
C GLY B 408 -0.84 1.13 29.85
N THR B 409 -1.98 0.43 29.80
CA THR B 409 -2.95 0.58 28.72
C THR B 409 -4.27 1.05 29.30
N ALA B 410 -5.06 1.72 28.47
CA ALA B 410 -6.37 2.23 28.88
C ALA B 410 -7.44 1.22 28.51
N SER B 411 -8.48 1.15 29.33
CA SER B 411 -9.59 0.24 29.03
C SER B 411 -10.51 0.89 27.99
N LEU B 412 -10.83 0.13 26.95
CA LEU B 412 -11.66 0.64 25.85
C LEU B 412 -12.74 -0.38 25.50
N SER B 413 -13.46 -0.85 26.52
CA SER B 413 -14.55 -1.79 26.27
C SER B 413 -15.69 -1.26 25.41
N PRO B 414 -16.21 -0.03 25.57
CA PRO B 414 -17.17 0.46 24.57
C PRO B 414 -16.45 0.88 23.30
N GLY B 415 -17.23 0.99 22.23
CA GLY B 415 -16.73 1.52 20.98
C GLY B 415 -15.72 0.66 20.25
N MET B 416 -15.34 1.10 19.07
CA MET B 416 -14.35 0.43 18.24
C MET B 416 -13.19 1.40 17.99
N MET B 417 -12.12 0.88 17.43
CA MET B 417 -11.08 1.71 16.84
C MET B 417 -11.33 1.82 15.33
N MET B 418 -10.56 2.69 14.69
CA MET B 418 -10.87 3.11 13.33
C MET B 418 -10.48 2.03 12.32
N GLY B 419 -11.43 1.70 11.44
CA GLY B 419 -11.17 0.77 10.37
C GLY B 419 -11.08 -0.69 10.76
N MET B 420 -11.68 -1.07 11.90
CA MET B 420 -11.59 -2.46 12.36
C MET B 420 -12.60 -3.35 11.63
N PHE B 421 -13.89 -3.07 11.81
CA PHE B 421 -14.97 -3.82 11.16
C PHE B 421 -15.64 -2.89 10.15
N ASN B 422 -15.08 -2.83 8.94
CA ASN B 422 -15.68 -2.02 7.89
C ASN B 422 -16.88 -2.72 7.26
N MET B 423 -16.72 -4.01 6.95
CA MET B 423 -17.75 -4.73 6.22
C MET B 423 -18.97 -5.02 7.10
N LEU B 424 -18.75 -5.33 8.38
CA LEU B 424 -19.87 -5.59 9.28
C LEU B 424 -20.66 -4.31 9.57
N SER B 425 -19.96 -3.17 9.66
CA SER B 425 -20.63 -1.89 9.79
C SER B 425 -21.39 -1.52 8.52
N THR B 426 -20.84 -1.90 7.36
CA THR B 426 -21.58 -1.74 6.10
C THR B 426 -22.82 -2.61 6.09
N VAL B 427 -22.75 -3.82 6.67
CA VAL B 427 -23.91 -4.70 6.77
C VAL B 427 -25.00 -4.07 7.66
N LEU B 428 -24.58 -3.46 8.77
CA LEU B 428 -25.53 -2.79 9.66
C LEU B 428 -26.19 -1.59 8.98
N GLY B 429 -25.40 -0.77 8.28
CA GLY B 429 -25.97 0.37 7.58
C GLY B 429 -26.87 -0.04 6.43
N VAL B 430 -26.53 -1.12 5.73
CA VAL B 430 -27.37 -1.63 4.65
C VAL B 430 -28.67 -2.22 5.22
N SER B 431 -28.62 -2.78 6.44
CA SER B 431 -29.85 -3.25 7.07
C SER B 431 -30.77 -2.08 7.43
N VAL B 432 -30.19 -0.97 7.89
CA VAL B 432 -30.99 0.24 8.15
C VAL B 432 -31.59 0.77 6.84
N LEU B 433 -30.81 0.74 5.75
CA LEU B 433 -31.33 1.16 4.45
C LEU B 433 -32.39 0.20 3.92
N ASN B 434 -32.30 -1.07 4.31
CA ASN B 434 -33.22 -2.10 3.87
C ASN B 434 -34.54 -2.09 4.64
N LEU B 435 -34.54 -1.46 5.82
CA LEU B 435 -35.79 -1.31 6.59
C LEU B 435 -36.85 -0.53 5.80
N GLY B 436 -36.46 0.56 5.17
CA GLY B 436 -37.44 1.49 4.61
C GLY B 436 -37.97 1.17 3.23
N GLN B 437 -38.31 -0.07 2.97
CA GLN B 437 -39.01 -0.43 1.74
C GLN B 437 -40.48 -0.07 1.87
N ARG B 438 -41.11 0.21 0.72
CA ARG B 438 -42.51 0.59 0.72
C ARG B 438 -43.46 -0.58 0.95
N GLU B 439 -42.95 -1.80 1.00
CA GLU B 439 -43.71 -2.96 1.42
C GLU B 439 -43.52 -3.31 2.89
N ILE B 440 -42.35 -3.00 3.46
CA ILE B 440 -42.12 -3.21 4.88
C ILE B 440 -42.79 -2.11 5.71
N LEU B 441 -42.60 -0.85 5.29
CA LEU B 441 -43.06 0.27 6.09
C LEU B 441 -44.59 0.43 6.02
N LYS B 442 -45.15 0.27 4.82
CA LYS B 442 -46.57 0.53 4.51
C LYS B 442 -46.98 1.95 4.90
N ARG B 443 -46.10 2.91 4.64
CA ARG B 443 -46.29 4.30 5.02
C ARG B 443 -46.31 5.17 3.77
N THR B 444 -46.35 6.48 3.98
CA THR B 444 -46.34 7.42 2.86
C THR B 444 -44.95 7.71 2.33
N TYR B 445 -43.93 7.48 3.14
CA TYR B 445 -42.53 7.65 2.74
C TYR B 445 -41.86 6.31 2.55
N TRP B 446 -40.83 6.30 1.72
CA TRP B 446 -40.00 5.11 1.58
C TRP B 446 -38.61 5.55 1.14
N TRP B 447 -37.61 4.70 1.35
CA TRP B 447 -36.26 5.09 1.01
C TRP B 447 -35.45 3.91 0.49
N ASP B 448 -34.37 4.25 -0.18
CA ASP B 448 -33.30 3.32 -0.54
C ASP B 448 -31.99 4.09 -0.40
N GLY B 449 -30.89 3.53 -0.87
CA GLY B 449 -29.66 4.29 -0.87
C GLY B 449 -28.44 3.41 -1.03
N LEU B 450 -27.32 3.93 -0.54
CA LEU B 450 -25.99 3.37 -0.72
C LEU B 450 -25.19 3.59 0.55
N GLN B 451 -24.39 2.60 0.93
CA GLN B 451 -23.74 2.59 2.22
C GLN B 451 -22.29 2.10 2.07
N SER B 452 -21.35 2.97 2.43
CA SER B 452 -19.95 2.63 2.58
C SER B 452 -19.72 2.13 4.02
N SER B 453 -18.48 2.14 4.49
CA SER B 453 -18.18 1.86 5.89
C SER B 453 -18.97 2.78 6.82
N ASP B 454 -18.93 4.09 6.56
CA ASP B 454 -19.84 5.02 7.25
C ASP B 454 -20.47 6.05 6.34
N ASP B 455 -19.90 6.37 5.19
CA ASP B 455 -20.49 7.34 4.28
C ASP B 455 -21.75 6.74 3.65
N PHE B 456 -22.76 7.58 3.45
CA PHE B 456 -23.98 7.05 2.85
C PHE B 456 -24.64 8.09 1.96
N ALA B 457 -25.50 7.60 1.08
CA ALA B 457 -26.38 8.42 0.28
C ALA B 457 -27.78 7.83 0.41
N LEU B 458 -28.75 8.66 0.76
CA LEU B 458 -30.11 8.21 1.01
C LEU B 458 -31.05 8.82 0.00
N ILE B 459 -31.97 8.02 -0.53
CA ILE B 459 -32.97 8.50 -1.48
C ILE B 459 -34.33 8.24 -0.87
N ILE B 460 -35.01 9.29 -0.44
CA ILE B 460 -36.33 9.20 0.16
C ILE B 460 -37.35 9.67 -0.86
N ASN B 461 -38.30 8.81 -1.19
CA ASN B 461 -39.45 9.19 -2.00
C ASN B 461 -40.67 9.34 -1.10
N GLY B 462 -41.55 10.24 -1.52
CA GLY B 462 -42.77 10.52 -0.78
C GLY B 462 -43.68 11.40 -1.61
N HIS B 463 -44.93 11.48 -1.17
CA HIS B 463 -45.92 12.23 -1.93
C HIS B 463 -45.78 13.73 -1.73
N PHE B 464 -45.39 14.17 -0.54
CA PHE B 464 -45.21 15.57 -0.22
C PHE B 464 -43.92 15.75 0.55
N LYS B 465 -43.51 17.01 0.73
CA LYS B 465 -42.29 17.29 1.48
C LYS B 465 -42.44 17.01 2.97
N GLU B 466 -43.69 17.03 3.48
CA GLU B 466 -43.95 16.59 4.84
C GLU B 466 -43.64 15.11 5.00
N ASP B 467 -43.98 14.31 3.98
CA ASP B 467 -43.63 12.89 4.00
C ASP B 467 -42.13 12.68 3.89
N ILE B 468 -41.43 13.55 3.15
CA ILE B 468 -39.97 13.47 3.08
C ILE B 468 -39.35 13.78 4.44
N GLN B 469 -39.88 14.78 5.15
CA GLN B 469 -39.38 15.10 6.49
C GLN B 469 -39.68 13.98 7.48
N GLN B 470 -40.87 13.36 7.36
CA GLN B 470 -41.20 12.20 8.19
C GLN B 470 -40.26 11.02 7.93
N GLY B 471 -39.91 10.79 6.65
CA GLY B 471 -38.99 9.72 6.33
C GLY B 471 -37.57 10.00 6.79
N VAL B 472 -37.14 11.26 6.72
CA VAL B 472 -35.83 11.65 7.23
C VAL B 472 -35.76 11.45 8.74
N ASN B 473 -36.82 11.85 9.46
CA ASN B 473 -36.85 11.65 10.91
C ASN B 473 -36.91 10.16 11.27
N HIS B 474 -37.61 9.36 10.46
CA HIS B 474 -37.69 7.92 10.71
C HIS B 474 -36.34 7.25 10.51
N PHE B 475 -35.64 7.59 9.42
CA PHE B 475 -34.31 7.04 9.17
C PHE B 475 -33.31 7.50 10.24
N TYR B 476 -33.40 8.77 10.66
CA TYR B 476 -32.48 9.30 11.66
C TYR B 476 -32.69 8.64 13.01
N ARG B 477 -33.94 8.45 13.42
CA ARG B 477 -34.19 7.82 14.72
C ARG B 477 -33.93 6.32 14.68
N THR B 478 -34.12 5.66 13.54
CA THR B 478 -33.75 4.25 13.46
C THR B 478 -32.24 4.06 13.42
N CYS B 479 -31.50 5.02 12.86
CA CYS B 479 -30.05 4.99 12.98
C CYS B 479 -29.63 5.25 14.43
N LYS B 480 -30.34 6.14 15.13
CA LYS B 480 -30.06 6.41 16.53
C LYS B 480 -30.37 5.23 17.44
N LEU B 481 -31.29 4.36 17.02
CA LEU B 481 -31.60 3.17 17.81
C LEU B 481 -30.44 2.19 17.88
N VAL B 482 -29.59 2.17 16.86
CA VAL B 482 -28.54 1.16 16.72
C VAL B 482 -27.16 1.75 16.92
N GLY B 483 -27.06 3.01 17.32
CA GLY B 483 -25.75 3.61 17.54
C GLY B 483 -25.12 4.20 16.30
N ILE B 484 -25.92 4.60 15.33
CA ILE B 484 -25.44 5.29 14.13
C ILE B 484 -25.91 6.74 14.23
N ASN B 485 -24.97 7.65 14.37
CA ASN B 485 -25.28 9.05 14.56
C ASN B 485 -24.99 9.79 13.27
N MET B 486 -26.04 10.24 12.59
CA MET B 486 -25.87 11.02 11.37
C MET B 486 -25.39 12.42 11.71
N SER B 487 -24.32 12.85 11.05
CA SER B 487 -23.77 14.18 11.27
C SER B 487 -24.69 15.21 10.63
N GLN B 488 -25.33 16.03 11.46
CA GLN B 488 -26.19 17.09 10.94
C GLN B 488 -25.40 18.24 10.34
N LYS B 489 -24.11 18.36 10.70
CA LYS B 489 -23.29 19.43 10.15
C LYS B 489 -22.80 19.13 8.74
N LYS B 490 -22.62 17.86 8.39
CA LYS B 490 -22.03 17.48 7.12
C LYS B 490 -23.00 16.82 6.15
N SER B 491 -24.20 16.47 6.58
CA SER B 491 -25.20 15.90 5.69
C SER B 491 -26.12 16.99 5.18
N TYR B 492 -26.52 16.87 3.91
CA TYR B 492 -27.43 17.84 3.34
C TYR B 492 -28.31 17.16 2.30
N ILE B 493 -29.52 17.66 2.16
CA ILE B 493 -30.56 17.02 1.36
C ILE B 493 -30.99 17.97 0.25
N ASN B 494 -31.03 17.47 -0.98
CA ASN B 494 -31.58 18.21 -2.11
C ASN B 494 -32.46 17.25 -2.90
N LYS B 495 -32.90 17.66 -4.08
CA LYS B 495 -33.64 16.72 -4.90
C LYS B 495 -32.68 15.73 -5.56
N THR B 496 -33.25 14.65 -6.10
CA THR B 496 -32.46 13.59 -6.68
C THR B 496 -31.93 14.00 -8.05
N GLY B 497 -30.66 13.69 -8.30
CA GLY B 497 -30.00 14.05 -9.54
C GLY B 497 -28.56 14.49 -9.31
N THR B 498 -28.28 15.09 -8.16
CA THR B 498 -26.94 15.44 -7.74
C THR B 498 -26.74 15.03 -6.29
N PHE B 499 -25.61 14.39 -6.02
CA PHE B 499 -25.16 14.11 -4.64
C PHE B 499 -23.67 13.81 -4.66
N GLU B 500 -23.15 13.38 -3.50
CA GLU B 500 -21.76 12.97 -3.34
C GLU B 500 -21.70 11.73 -2.47
N PHE B 501 -20.88 10.76 -2.86
CA PHE B 501 -20.72 9.53 -2.10
C PHE B 501 -19.28 9.05 -2.24
N THR B 502 -18.56 8.99 -1.12
CA THR B 502 -17.14 8.60 -1.03
C THR B 502 -16.28 9.39 -2.01
N SER B 503 -16.47 10.71 -2.00
CA SER B 503 -15.82 11.67 -2.90
C SER B 503 -16.08 11.37 -4.37
N PHE B 504 -17.22 10.75 -4.67
CA PHE B 504 -17.71 10.61 -6.03
C PHE B 504 -18.88 11.57 -6.20
N PHE B 505 -18.77 12.49 -7.14
CA PHE B 505 -19.77 13.53 -7.33
C PHE B 505 -20.68 13.14 -8.49
N TYR B 506 -21.96 12.93 -8.19
CA TYR B 506 -22.96 12.57 -9.19
C TYR B 506 -23.73 13.83 -9.54
N ARG B 507 -23.62 14.25 -10.81
CA ARG B 507 -24.45 15.31 -11.39
C ARG B 507 -24.96 14.76 -12.71
N TYR B 508 -26.10 14.06 -12.66
CA TYR B 508 -26.68 13.32 -13.79
C TYR B 508 -25.68 12.37 -14.42
N GLY B 509 -24.93 11.66 -13.58
CA GLY B 509 -23.80 10.87 -14.00
C GLY B 509 -22.60 11.30 -13.20
N PHE B 510 -21.71 10.35 -12.91
CA PHE B 510 -20.53 10.62 -12.11
C PHE B 510 -19.54 11.46 -12.90
N VAL B 511 -19.29 12.68 -12.43
CA VAL B 511 -18.33 13.55 -13.09
C VAL B 511 -16.91 13.10 -12.74
N ALA B 512 -15.97 13.52 -13.57
CA ALA B 512 -14.58 13.15 -13.36
C ALA B 512 -13.93 14.06 -12.32
N ASN B 513 -12.83 13.59 -11.76
CA ASN B 513 -12.08 14.36 -10.78
C ASN B 513 -10.61 14.00 -10.95
N PHE B 514 -9.89 14.81 -11.73
CA PHE B 514 -8.49 14.53 -12.01
C PHE B 514 -7.58 14.96 -10.87
N SER B 515 -7.98 15.97 -10.10
CA SER B 515 -7.15 16.50 -9.02
C SER B 515 -6.93 15.49 -7.90
N MET B 516 -7.82 14.51 -7.75
CA MET B 516 -7.58 13.45 -6.77
C MET B 516 -6.49 12.48 -7.22
N GLU B 517 -6.13 12.49 -8.50
CA GLU B 517 -5.10 11.59 -9.02
C GLU B 517 -3.84 12.33 -9.44
N LEU B 518 -3.60 13.51 -8.86
CA LEU B 518 -2.38 14.28 -9.06
C LEU B 518 -1.12 13.74 -8.35
N PRO B 519 -1.14 13.23 -7.11
CA PRO B 519 0.12 12.71 -6.53
C PRO B 519 0.64 11.43 -7.17
N SER B 520 -0.12 10.78 -8.05
CA SER B 520 0.38 9.61 -8.76
C SER B 520 1.23 9.98 -9.97
N PHE B 521 1.37 11.26 -10.28
CA PHE B 521 2.22 11.72 -11.37
C PHE B 521 3.63 11.98 -10.86
N GLY B 522 4.60 11.83 -11.74
CA GLY B 522 5.99 12.02 -11.40
C GLY B 522 6.77 10.71 -11.44
N VAL B 523 8.06 10.83 -11.17
CA VAL B 523 8.97 9.70 -11.22
C VAL B 523 8.82 8.89 -9.93
N ALA B 524 8.50 7.60 -10.06
CA ALA B 524 8.16 6.80 -8.89
C ALA B 524 9.38 6.40 -8.08
N GLY B 525 10.53 6.25 -8.73
CA GLY B 525 11.78 6.08 -8.01
C GLY B 525 12.26 4.66 -7.77
N ASN B 526 11.98 3.73 -8.68
CA ASN B 526 12.49 2.37 -8.56
C ASN B 526 13.77 2.17 -9.36
N ASN B 527 13.70 2.32 -10.68
CA ASN B 527 14.85 2.31 -11.58
C ASN B 527 14.43 3.07 -12.82
N GLU B 528 15.18 2.91 -13.91
CA GLU B 528 14.91 3.75 -15.09
C GLU B 528 13.72 3.23 -15.89
N SER B 529 13.75 1.95 -16.27
CA SER B 529 12.71 1.39 -17.14
C SER B 529 11.40 1.24 -16.39
N ALA B 530 11.47 0.88 -15.10
CA ALA B 530 10.26 0.75 -14.29
C ALA B 530 9.57 2.09 -14.11
N ASP B 531 10.34 3.17 -13.91
CA ASP B 531 9.72 4.48 -13.78
C ASP B 531 9.17 4.99 -15.10
N MET B 532 9.81 4.64 -16.22
CA MET B 532 9.26 4.99 -17.53
C MET B 532 7.90 4.31 -17.76
N SER B 533 7.83 3.02 -17.43
CA SER B 533 6.57 2.28 -17.56
C SER B 533 5.51 2.82 -16.61
N ILE B 534 5.90 3.17 -15.38
CA ILE B 534 4.96 3.73 -14.39
C ILE B 534 4.42 5.06 -14.86
N GLY B 535 5.27 5.94 -15.39
CA GLY B 535 4.81 7.24 -15.85
C GLY B 535 3.88 7.16 -17.04
N THR B 536 4.24 6.35 -18.04
CA THR B 536 3.37 6.23 -19.20
C THR B 536 2.06 5.52 -18.87
N THR B 537 2.09 4.53 -17.95
CA THR B 537 0.85 3.86 -17.59
C THR B 537 -0.03 4.74 -16.71
N VAL B 538 0.55 5.64 -15.91
CA VAL B 538 -0.25 6.56 -15.11
C VAL B 538 -0.93 7.59 -16.01
N ILE B 539 -0.20 8.10 -17.02
CA ILE B 539 -0.81 9.02 -17.98
C ILE B 539 -1.92 8.33 -18.78
N LYS B 540 -1.70 7.06 -19.17
CA LYS B 540 -2.71 6.32 -19.92
C LYS B 540 -3.94 6.01 -19.06
N THR B 541 -3.73 5.63 -17.79
CA THR B 541 -4.82 5.34 -16.88
C THR B 541 -5.66 6.57 -16.61
N ASN B 542 -5.02 7.74 -16.43
CA ASN B 542 -5.78 8.96 -16.24
C ASN B 542 -6.47 9.42 -17.52
N MET B 543 -5.91 9.08 -18.69
CA MET B 543 -6.64 9.33 -19.94
C MET B 543 -7.90 8.48 -20.03
N ILE B 544 -7.82 7.23 -19.58
CA ILE B 544 -8.98 6.35 -19.65
C ILE B 544 -9.99 6.67 -18.57
N ASN B 545 -9.58 6.59 -17.30
CA ASN B 545 -10.53 6.66 -16.20
C ASN B 545 -10.87 8.11 -15.83
N ASN B 546 -9.88 8.88 -15.40
CA ASN B 546 -10.11 10.18 -14.77
C ASN B 546 -10.24 11.32 -15.77
N ASP B 547 -10.42 11.00 -17.06
CA ASP B 547 -10.76 11.96 -18.12
C ASP B 547 -9.70 13.04 -18.30
N LEU B 548 -8.43 12.63 -18.25
CA LEU B 548 -7.33 13.52 -18.62
C LEU B 548 -7.40 13.79 -20.11
N GLY B 549 -7.54 15.06 -20.48
CA GLY B 549 -7.68 15.46 -21.86
C GLY B 549 -6.40 15.22 -22.65
N PRO B 550 -6.52 15.19 -23.99
CA PRO B 550 -5.36 14.79 -24.80
C PRO B 550 -4.22 15.79 -24.82
N ALA B 551 -4.52 17.10 -24.83
CA ALA B 551 -3.46 18.10 -24.78
C ALA B 551 -2.80 18.12 -23.41
N THR B 552 -3.58 17.98 -22.34
CA THR B 552 -3.00 17.86 -21.01
C THR B 552 -2.26 16.55 -20.83
N ALA B 553 -2.67 15.50 -21.57
CA ALA B 553 -1.90 14.25 -21.53
C ALA B 553 -0.56 14.40 -22.23
N GLN B 554 -0.53 15.14 -23.34
CA GLN B 554 0.74 15.42 -24.01
C GLN B 554 1.66 16.27 -23.14
N MET B 555 1.10 17.26 -22.45
CA MET B 555 1.90 18.07 -21.53
C MET B 555 2.34 17.26 -20.31
N ALA B 556 1.55 16.26 -19.91
CA ALA B 556 1.96 15.38 -18.82
C ALA B 556 3.10 14.47 -19.25
N ILE B 557 3.07 14.03 -20.51
CA ILE B 557 4.19 13.26 -21.08
C ILE B 557 5.45 14.12 -21.08
N GLN B 558 5.33 15.38 -21.49
CA GLN B 558 6.48 16.27 -21.54
C GLN B 558 7.04 16.56 -20.15
N LEU B 559 6.16 16.78 -19.16
CA LEU B 559 6.61 17.05 -17.81
C LEU B 559 7.23 15.81 -17.17
N PHE B 560 6.68 14.63 -17.47
CA PHE B 560 7.26 13.40 -16.96
C PHE B 560 8.63 13.14 -17.57
N ILE B 561 8.80 13.42 -18.87
CA ILE B 561 10.09 13.20 -19.52
C ILE B 561 11.12 14.19 -19.00
N LYS B 562 10.70 15.43 -18.71
CA LYS B 562 11.62 16.41 -18.12
C LYS B 562 12.06 15.99 -16.71
N ASP B 563 11.10 15.59 -15.86
CA ASP B 563 11.42 15.16 -14.51
C ASP B 563 12.22 13.87 -14.49
N TYR B 564 11.96 12.97 -15.44
CA TYR B 564 12.69 11.71 -15.53
C TYR B 564 14.10 11.91 -16.02
N ARG B 565 14.29 12.84 -16.97
CA ARG B 565 15.63 13.15 -17.46
C ARG B 565 16.46 13.86 -16.40
N TYR B 566 15.83 14.68 -15.56
CA TYR B 566 16.60 15.27 -14.47
C TYR B 566 16.92 14.23 -13.39
N THR B 567 15.94 13.37 -13.06
CA THR B 567 16.06 12.50 -11.90
C THR B 567 17.17 11.48 -12.07
N TYR B 568 17.26 10.85 -13.23
CA TYR B 568 18.29 9.87 -13.49
C TYR B 568 19.47 10.43 -14.27
N ARG B 569 19.53 11.76 -14.42
CA ARG B 569 20.65 12.50 -15.03
C ARG B 569 20.90 12.05 -16.46
N CYS B 570 19.81 11.79 -17.18
CA CYS B 570 19.87 11.15 -18.49
C CYS B 570 19.31 12.06 -19.56
N HIS B 571 19.78 13.31 -19.58
CA HIS B 571 19.41 14.28 -20.59
C HIS B 571 19.89 13.84 -21.98
N ARG B 572 19.38 14.53 -23.00
CA ARG B 572 19.65 14.19 -24.38
C ARG B 572 21.13 14.36 -24.72
N GLY B 573 21.60 13.56 -25.67
CA GLY B 573 23.03 13.51 -25.97
C GLY B 573 23.57 14.77 -26.63
N ASP B 574 22.71 15.56 -27.27
CA ASP B 574 23.12 16.79 -27.91
C ASP B 574 22.88 18.01 -27.01
N THR B 575 22.72 17.80 -25.71
CA THR B 575 22.49 18.91 -24.80
C THR B 575 23.78 19.66 -24.53
N ASN B 576 23.62 20.88 -24.03
CA ASN B 576 24.74 21.67 -23.53
C ASN B 576 24.89 21.57 -22.01
N LEU B 577 23.95 20.88 -21.35
CA LEU B 577 24.02 20.71 -19.90
C LEU B 577 25.14 19.75 -19.53
N GLU B 578 25.53 19.79 -18.26
CA GLU B 578 26.59 18.94 -17.75
C GLU B 578 26.16 18.34 -16.41
N THR B 579 26.33 17.04 -16.29
CA THR B 579 26.02 16.31 -15.07
C THR B 579 27.16 15.35 -14.77
N ARG B 580 26.94 14.42 -13.84
CA ARG B 580 27.99 13.46 -13.52
C ARG B 580 28.11 12.34 -14.55
N ARG B 581 27.17 12.24 -15.49
CA ARG B 581 27.21 11.20 -16.52
C ARG B 581 26.88 11.78 -17.89
N THR B 582 27.40 12.96 -18.19
CA THR B 582 27.17 13.57 -19.50
C THR B 582 28.20 13.13 -20.54
N LYS B 583 29.41 12.79 -20.11
CA LYS B 583 30.46 12.43 -21.07
C LYS B 583 30.22 11.04 -21.65
N SER B 584 29.75 10.10 -20.83
CA SER B 584 29.46 8.75 -21.32
C SER B 584 28.25 8.76 -22.25
N ILE B 585 27.21 9.52 -21.89
CA ILE B 585 26.04 9.68 -22.73
C ILE B 585 26.39 10.42 -24.02
N LYS B 586 27.35 11.35 -23.95
CA LYS B 586 27.79 12.06 -25.15
C LYS B 586 28.59 11.14 -26.08
N ARG B 587 29.40 10.25 -25.51
CA ARG B 587 30.12 9.26 -26.31
C ARG B 587 29.16 8.30 -26.99
N LEU B 588 28.16 7.81 -26.23
CA LEU B 588 27.15 6.93 -26.80
C LEU B 588 26.31 7.63 -27.85
N TRP B 589 26.06 8.93 -27.69
CA TRP B 589 25.31 9.68 -28.69
C TRP B 589 26.13 9.88 -29.96
N THR B 590 27.42 10.15 -29.82
CA THR B 590 28.25 10.41 -31.00
C THR B 590 28.59 9.14 -31.76
N GLU B 591 28.69 8.00 -31.08
CA GLU B 591 29.07 6.77 -31.75
C GLU B 591 27.87 5.98 -32.29
N THR B 592 26.65 6.42 -32.01
CA THR B 592 25.46 5.71 -32.48
C THR B 592 25.02 6.26 -33.82
N ILE B 593 24.80 5.36 -34.78
CA ILE B 593 24.36 5.77 -36.11
C ILE B 593 22.88 6.13 -36.10
N SER B 594 22.04 5.20 -35.65
CA SER B 594 20.60 5.44 -35.52
C SER B 594 20.33 5.92 -34.10
N LYS B 595 20.40 7.24 -33.92
CA LYS B 595 20.25 7.83 -32.60
C LYS B 595 18.80 7.84 -32.11
N ALA B 596 17.83 7.56 -32.98
CA ALA B 596 16.43 7.52 -32.60
C ALA B 596 16.03 6.21 -31.93
N GLY B 597 16.97 5.31 -31.69
CA GLY B 597 16.69 4.07 -30.99
C GLY B 597 17.32 4.02 -29.63
N LEU B 598 18.06 5.07 -29.28
CA LEU B 598 18.61 5.19 -27.93
C LEU B 598 17.48 5.49 -26.95
N LEU B 599 17.53 4.83 -25.80
CA LEU B 599 16.51 5.05 -24.78
C LEU B 599 16.71 6.41 -24.11
N VAL B 600 15.64 6.88 -23.44
CA VAL B 600 15.70 8.14 -22.71
C VAL B 600 16.67 8.03 -21.54
N ALA B 601 16.81 6.84 -20.96
CA ALA B 601 17.81 6.62 -19.92
C ALA B 601 19.23 6.63 -20.47
N ASP B 602 19.40 6.46 -21.78
CA ASP B 602 20.71 6.51 -22.42
C ASP B 602 20.88 7.77 -23.27
N GLY B 603 20.10 8.81 -22.99
CA GLY B 603 20.23 10.05 -23.72
C GLY B 603 19.61 10.06 -25.10
N GLY B 604 18.51 9.35 -25.29
CA GLY B 604 17.82 9.33 -26.56
C GLY B 604 16.61 10.24 -26.56
N PRO B 605 15.92 10.31 -27.70
CA PRO B 605 14.76 11.18 -27.79
C PRO B 605 13.53 10.59 -27.10
N ASN B 606 12.53 11.42 -26.95
CA ASN B 606 11.25 10.97 -26.39
C ASN B 606 10.39 10.41 -27.52
N PRO B 607 10.02 9.13 -27.47
CA PRO B 607 9.20 8.54 -28.54
C PRO B 607 7.71 8.60 -28.30
N TYR B 608 7.27 9.07 -27.14
CA TYR B 608 5.89 8.87 -26.71
C TYR B 608 4.97 9.98 -27.19
N ASN B 609 3.75 9.58 -27.51
CA ASN B 609 2.67 10.49 -27.86
C ASN B 609 1.39 9.84 -27.36
N LEU B 610 0.24 10.30 -27.87
CA LEU B 610 -1.03 9.76 -27.41
C LEU B 610 -1.31 8.36 -27.93
N ARG B 611 -0.72 8.00 -29.07
CA ARG B 611 -1.06 6.72 -29.68
C ARG B 611 -0.32 5.54 -29.07
N ASN B 612 0.82 5.76 -28.41
CA ASN B 612 1.70 4.66 -28.01
C ASN B 612 2.04 4.73 -26.53
N LEU B 613 1.06 5.08 -25.70
CA LEU B 613 1.28 5.03 -24.26
C LEU B 613 1.15 3.62 -23.70
N HIS B 614 0.57 2.69 -24.46
CA HIS B 614 0.39 1.32 -24.03
C HIS B 614 1.51 0.40 -24.49
N ILE B 615 2.63 0.95 -24.94
CA ILE B 615 3.74 0.18 -25.46
C ILE B 615 4.99 0.55 -24.67
N PRO B 616 5.76 -0.41 -24.17
CA PRO B 616 6.98 -0.09 -23.42
C PRO B 616 8.05 0.52 -24.32
N GLU B 617 9.07 1.08 -23.67
CA GLU B 617 10.07 1.89 -24.37
C GLU B 617 11.04 1.02 -25.17
N VAL B 618 11.43 -0.13 -24.64
CA VAL B 618 12.38 -0.99 -25.33
C VAL B 618 11.70 -1.65 -26.53
N CYS B 619 10.40 -1.89 -26.45
CA CYS B 619 9.67 -2.44 -27.58
C CYS B 619 9.42 -1.40 -28.66
N LEU B 620 9.07 -0.17 -28.25
CA LEU B 620 8.70 0.88 -29.19
C LEU B 620 9.89 1.38 -30.00
N LYS B 621 11.09 1.30 -29.45
CA LYS B 621 12.29 1.74 -30.13
C LYS B 621 13.09 0.60 -30.74
N TRP B 622 12.50 -0.61 -30.81
CA TRP B 622 13.28 -1.79 -31.18
C TRP B 622 13.62 -1.82 -32.66
N SER B 623 12.76 -1.27 -33.51
CA SER B 623 13.05 -1.21 -34.93
C SER B 623 14.09 -0.15 -35.27
N LEU B 624 14.36 0.78 -34.35
CA LEU B 624 15.29 1.86 -34.58
C LEU B 624 16.61 1.67 -33.87
N MET B 625 16.78 0.59 -33.11
CA MET B 625 18.00 0.37 -32.37
C MET B 625 19.12 -0.11 -33.29
N ASP B 626 20.35 0.24 -32.92
CA ASP B 626 21.51 -0.37 -33.55
C ASP B 626 21.62 -1.82 -33.11
N PRO B 627 22.19 -2.69 -33.96
CA PRO B 627 22.43 -4.07 -33.52
C PRO B 627 23.44 -4.16 -32.38
N ASP B 628 24.46 -3.30 -32.39
CA ASP B 628 25.42 -3.26 -31.30
C ASP B 628 24.78 -2.72 -30.03
N TYR B 629 23.93 -1.70 -30.16
CA TYR B 629 23.28 -1.12 -28.99
C TYR B 629 22.25 -2.07 -28.40
N ARG B 630 21.47 -2.75 -29.24
CA ARG B 630 20.52 -3.73 -28.72
C ARG B 630 21.21 -5.01 -28.27
N GLY B 631 22.45 -5.25 -28.69
CA GLY B 631 23.21 -6.37 -28.17
C GLY B 631 23.76 -6.08 -26.80
N ARG B 632 24.25 -4.85 -26.59
CA ARG B 632 24.79 -4.48 -25.30
C ARG B 632 23.69 -4.18 -24.28
N LEU B 633 22.55 -3.65 -24.73
CA LEU B 633 21.48 -3.25 -23.82
C LEU B 633 20.71 -4.45 -23.29
N CYS B 634 20.30 -5.36 -24.18
CA CYS B 634 19.58 -6.56 -23.82
C CYS B 634 20.50 -7.76 -23.74
N ASN B 635 21.72 -7.56 -23.26
CA ASN B 635 22.69 -8.62 -23.15
C ASN B 635 22.27 -9.61 -22.06
N PRO B 636 22.24 -10.91 -22.33
CA PRO B 636 21.90 -11.88 -21.27
C PRO B 636 22.99 -12.04 -20.22
N ASN B 637 24.21 -11.58 -20.50
CA ASN B 637 25.28 -11.59 -19.51
C ASN B 637 25.38 -10.26 -18.76
N ASN B 638 24.30 -9.49 -18.69
CA ASN B 638 24.39 -8.19 -18.05
C ASN B 638 24.42 -8.36 -16.52
N PRO B 639 25.24 -7.57 -15.82
CA PRO B 639 25.50 -7.83 -14.39
C PRO B 639 24.65 -7.03 -13.40
N PHE B 640 23.83 -6.09 -13.87
CA PHE B 640 23.10 -5.24 -12.96
C PHE B 640 21.86 -5.91 -12.37
N VAL B 641 21.42 -7.02 -12.96
CA VAL B 641 20.23 -7.72 -12.48
C VAL B 641 20.66 -9.05 -11.88
N HIS B 642 19.72 -9.78 -11.29
CA HIS B 642 20.03 -11.06 -10.67
C HIS B 642 19.87 -12.21 -11.66
N HIS B 643 20.78 -13.18 -11.58
CA HIS B 643 20.73 -14.38 -12.38
C HIS B 643 20.53 -15.58 -11.47
N MET B 644 19.62 -16.47 -11.87
CA MET B 644 19.35 -17.67 -11.11
C MET B 644 20.20 -18.83 -11.65
N GLU B 645 20.64 -19.68 -10.74
CA GLU B 645 21.43 -20.84 -11.14
C GLU B 645 20.51 -21.93 -11.68
N VAL B 646 20.99 -22.64 -12.70
CA VAL B 646 20.25 -23.78 -13.23
C VAL B 646 20.30 -24.92 -12.21
N GLU B 647 19.14 -25.48 -11.91
CA GLU B 647 18.99 -26.48 -10.85
C GLU B 647 19.45 -27.85 -11.34
N SER B 648 19.13 -28.89 -10.57
CA SER B 648 19.48 -30.25 -10.95
C SER B 648 18.68 -30.73 -12.16
N THR B 649 17.53 -30.14 -12.42
CA THR B 649 16.73 -30.49 -13.59
C THR B 649 17.10 -29.62 -14.78
N SER B 663 28.41 -21.35 -11.20
CA SER B 663 27.90 -22.39 -12.07
C SER B 663 27.20 -21.80 -13.29
N LEU B 664 26.50 -22.65 -14.03
CA LEU B 664 25.75 -22.20 -15.20
C LEU B 664 24.46 -21.53 -14.74
N GLU B 665 24.35 -20.22 -14.99
CA GLU B 665 23.19 -19.45 -14.60
C GLU B 665 22.24 -19.27 -15.77
N TYR B 666 20.99 -18.94 -15.45
CA TYR B 666 20.02 -18.61 -16.47
C TYR B 666 20.33 -17.25 -17.09
N ASP B 667 19.79 -17.01 -18.27
CA ASP B 667 20.00 -15.74 -18.94
C ASP B 667 19.15 -14.65 -18.30
N ALA B 668 19.46 -13.41 -18.66
CA ALA B 668 18.70 -12.25 -18.23
C ALA B 668 17.92 -11.69 -19.41
N VAL B 669 16.66 -11.33 -19.17
CA VAL B 669 15.84 -10.74 -20.21
C VAL B 669 15.75 -9.22 -20.07
N ALA B 670 15.79 -8.69 -18.85
CA ALA B 670 15.67 -7.27 -18.60
C ALA B 670 16.90 -6.53 -19.12
N THR B 671 16.71 -5.24 -19.39
CA THR B 671 17.78 -4.40 -19.90
C THR B 671 18.72 -4.01 -18.77
N THR B 672 19.74 -3.21 -19.13
CA THR B 672 20.70 -2.74 -18.15
C THR B 672 20.16 -1.62 -17.27
N HIS B 673 18.96 -1.13 -17.54
CA HIS B 673 18.34 -0.08 -16.75
C HIS B 673 17.44 -0.62 -15.64
N SER B 674 17.31 -1.94 -15.53
CA SER B 674 16.58 -2.56 -14.43
C SER B 674 17.53 -2.94 -13.28
N TRP B 675 18.31 -1.97 -12.83
CA TRP B 675 19.29 -2.20 -11.78
C TRP B 675 18.65 -2.04 -10.40
N THR B 676 19.43 -2.37 -9.37
CA THR B 676 18.95 -2.32 -8.00
C THR B 676 19.59 -1.16 -7.27
N PRO B 677 18.81 -0.21 -6.76
CA PRO B 677 19.39 0.91 -6.01
C PRO B 677 19.90 0.47 -4.65
N LYS B 678 20.73 1.33 -4.06
CA LYS B 678 21.36 1.03 -2.78
C LYS B 678 20.35 1.11 -1.65
N ARG B 679 20.45 0.17 -0.71
CA ARG B 679 19.53 0.08 0.42
C ARG B 679 20.24 0.50 1.70
N ASN B 680 19.66 1.46 2.41
CA ASN B 680 20.15 1.92 3.70
C ASN B 680 19.19 1.48 4.79
N ARG B 681 19.71 0.78 5.80
CA ARG B 681 18.90 0.30 6.90
C ARG B 681 19.47 0.63 8.28
N SER B 682 20.63 1.29 8.36
CA SER B 682 21.23 1.58 9.65
C SER B 682 20.49 2.70 10.36
N ILE B 683 20.34 2.56 11.67
CA ILE B 683 19.76 3.61 12.50
C ILE B 683 20.90 4.31 13.23
N LEU B 684 20.59 5.49 13.77
CA LEU B 684 21.58 6.30 14.46
C LEU B 684 21.97 5.67 15.80
N ASN B 685 23.27 5.42 15.98
CA ASN B 685 23.87 4.89 17.20
C ASN B 685 23.29 3.53 17.61
N THR B 686 22.84 2.74 16.63
CA THR B 686 22.15 1.49 16.90
C THR B 686 22.94 0.31 16.32
N ASN B 687 23.20 -0.68 17.17
CA ASN B 687 23.84 -1.92 16.76
C ASN B 687 22.77 -3.00 16.68
N GLN B 688 22.37 -3.36 15.46
CA GLN B 688 21.27 -4.29 15.24
C GLN B 688 21.73 -5.64 14.71
N ARG B 689 22.97 -6.03 15.00
CA ARG B 689 23.46 -7.32 14.51
C ARG B 689 22.87 -8.51 15.25
N GLY B 690 22.19 -8.29 16.38
CA GLY B 690 21.55 -9.38 17.09
C GLY B 690 20.18 -9.73 16.56
N ILE B 691 19.46 -8.74 16.01
CA ILE B 691 18.10 -8.98 15.51
C ILE B 691 18.06 -9.24 14.02
N LEU B 692 19.14 -8.96 13.28
CA LEU B 692 19.18 -9.21 11.85
C LEU B 692 19.77 -10.57 11.51
N GLU B 693 20.43 -11.22 12.46
CA GLU B 693 21.01 -12.53 12.19
C GLU B 693 19.93 -13.59 12.03
N ASP B 694 18.79 -13.43 12.69
CA ASP B 694 17.66 -14.32 12.48
C ASP B 694 17.13 -14.20 11.06
N GLU B 695 17.03 -12.97 10.56
CA GLU B 695 16.60 -12.75 9.18
C GLU B 695 17.62 -13.30 8.19
N ARG B 696 18.91 -13.19 8.51
CA ARG B 696 19.95 -13.71 7.61
C ARG B 696 19.92 -15.24 7.54
N ILE B 697 19.74 -15.91 8.68
CA ILE B 697 19.68 -17.37 8.67
C ILE B 697 18.37 -17.85 8.01
N TYR B 698 17.28 -17.09 8.20
CA TYR B 698 16.03 -17.42 7.53
C TYR B 698 16.15 -17.29 6.02
N GLN B 699 16.84 -16.24 5.54
CA GLN B 699 17.03 -16.09 4.11
C GLN B 699 18.01 -17.11 3.55
N LYS B 700 18.97 -17.57 4.36
CA LYS B 700 19.84 -18.67 3.93
C LYS B 700 19.06 -19.96 3.76
N CYS B 701 18.16 -20.27 4.70
CA CYS B 701 17.35 -21.48 4.60
C CYS B 701 16.37 -21.40 3.44
N CYS B 702 15.76 -20.24 3.23
CA CYS B 702 14.85 -20.09 2.09
C CYS B 702 15.59 -20.04 0.76
N GLN B 703 16.86 -19.65 0.75
CA GLN B 703 17.63 -19.69 -0.49
C GLN B 703 18.08 -21.10 -0.82
N VAL B 704 18.41 -21.90 0.20
CA VAL B 704 18.79 -23.28 -0.06
C VAL B 704 17.57 -24.17 -0.31
N PHE B 705 16.36 -23.73 0.09
CA PHE B 705 15.17 -24.53 -0.21
C PHE B 705 14.83 -24.50 -1.69
N GLU B 706 15.12 -23.40 -2.38
CA GLU B 706 14.77 -23.28 -3.79
C GLU B 706 15.72 -24.04 -4.71
N LYS B 707 16.86 -24.54 -4.18
CA LYS B 707 17.71 -25.41 -4.96
C LYS B 707 17.04 -26.75 -5.25
N PHE B 708 16.12 -27.17 -4.37
CA PHE B 708 15.42 -28.43 -4.52
C PHE B 708 14.02 -28.25 -5.08
N PHE B 709 13.37 -27.12 -4.80
CA PHE B 709 12.01 -26.84 -5.27
C PHE B 709 12.01 -25.52 -6.04
N PRO B 710 12.06 -25.56 -7.37
CA PRO B 710 12.21 -24.32 -8.14
C PRO B 710 10.94 -23.51 -8.28
N SER B 711 9.79 -24.06 -7.92
CA SER B 711 8.51 -23.37 -8.07
C SER B 711 8.08 -22.66 -6.80
N SER B 712 8.94 -22.61 -5.79
CA SER B 712 8.54 -22.05 -4.50
C SER B 712 8.48 -20.52 -4.50
N THR B 713 8.97 -19.86 -5.55
CA THR B 713 8.80 -18.42 -5.70
C THR B 713 7.68 -18.07 -6.67
N TYR B 714 7.37 -18.94 -7.62
CA TYR B 714 6.22 -18.73 -8.48
C TYR B 714 4.93 -18.93 -7.72
N ARG B 715 4.76 -20.09 -7.09
CA ARG B 715 3.62 -20.38 -6.24
C ARG B 715 4.11 -20.73 -4.84
N ARG B 716 3.26 -20.49 -3.85
CA ARG B 716 3.57 -20.83 -2.47
C ARG B 716 3.56 -22.34 -2.31
N PRO B 717 4.63 -22.96 -1.83
CA PRO B 717 4.61 -24.40 -1.58
C PRO B 717 3.86 -24.74 -0.30
N ILE B 718 3.23 -25.91 -0.32
CA ILE B 718 2.45 -26.40 0.80
C ILE B 718 3.17 -27.62 1.39
N GLY B 719 2.65 -28.11 2.51
CA GLY B 719 3.17 -29.31 3.13
C GLY B 719 3.27 -29.18 4.64
N MET B 720 3.13 -30.32 5.33
CA MET B 720 3.23 -30.37 6.77
C MET B 720 4.56 -30.94 7.25
N ALA B 721 5.34 -31.54 6.37
CA ALA B 721 6.67 -32.01 6.73
C ALA B 721 7.62 -30.83 6.92
N SER B 722 8.76 -31.11 7.54
CA SER B 722 9.75 -30.08 7.74
C SER B 722 10.46 -29.75 6.42
N MET B 723 11.28 -28.70 6.45
CA MET B 723 12.02 -28.32 5.25
C MET B 723 13.11 -29.34 4.95
N LEU B 724 13.76 -29.88 5.99
CA LEU B 724 14.87 -30.80 5.80
C LEU B 724 14.39 -32.14 5.24
N ASP B 725 13.26 -32.65 5.74
CA ASP B 725 12.70 -33.90 5.23
C ASP B 725 12.26 -33.76 3.78
N ALA B 726 11.66 -32.62 3.44
CA ALA B 726 11.24 -32.36 2.07
C ALA B 726 12.44 -32.27 1.13
N MET B 727 13.52 -31.62 1.58
CA MET B 727 14.70 -31.48 0.73
C MET B 727 15.44 -32.82 0.57
N LEU B 728 15.48 -33.63 1.63
CA LEU B 728 16.11 -34.94 1.51
C LEU B 728 15.31 -35.88 0.63
N SER B 729 13.97 -35.82 0.71
CA SER B 729 13.13 -36.66 -0.13
C SER B 729 13.21 -36.23 -1.59
N ARG B 730 13.24 -34.92 -1.86
CA ARG B 730 13.41 -34.44 -3.21
C ARG B 730 14.77 -34.78 -3.77
N ALA B 731 15.81 -34.75 -2.92
CA ALA B 731 17.16 -35.15 -3.33
C ALA B 731 17.21 -36.63 -3.70
N ARG B 732 16.59 -37.48 -2.89
CA ARG B 732 16.61 -38.92 -3.16
C ARG B 732 15.82 -39.26 -4.43
N ILE B 733 14.66 -38.63 -4.61
CA ILE B 733 13.87 -38.98 -5.79
C ILE B 733 14.48 -38.38 -7.06
N ASP B 734 15.16 -37.22 -6.95
CA ASP B 734 15.82 -36.67 -8.13
C ASP B 734 17.08 -37.46 -8.48
N ALA B 735 17.79 -37.97 -7.47
CA ALA B 735 18.93 -38.84 -7.75
C ALA B 735 18.50 -40.16 -8.37
N ARG B 736 17.37 -40.71 -7.93
CA ARG B 736 16.90 -41.96 -8.52
C ARG B 736 16.38 -41.76 -9.95
N ILE B 737 15.71 -40.64 -10.19
CA ILE B 737 15.25 -40.33 -11.55
C ILE B 737 16.43 -40.09 -12.48
N ASP B 738 17.47 -39.39 -11.99
CA ASP B 738 18.64 -39.15 -12.82
C ASP B 738 19.48 -40.42 -13.02
N LEU B 739 19.38 -41.38 -12.09
CA LEU B 739 20.08 -42.65 -12.30
C LEU B 739 19.34 -43.52 -13.31
N GLU B 740 18.01 -43.66 -13.14
CA GLU B 740 17.24 -44.52 -14.03
C GLU B 740 17.01 -43.90 -15.40
N SER B 741 17.19 -42.59 -15.55
CA SER B 741 16.99 -41.92 -16.83
C SER B 741 18.27 -41.78 -17.63
N GLY B 742 19.43 -42.01 -17.02
CA GLY B 742 20.68 -41.92 -17.74
C GLY B 742 21.34 -40.57 -17.73
N ARG B 743 21.14 -39.79 -16.67
CA ARG B 743 21.74 -38.47 -16.56
C ARG B 743 22.96 -38.44 -15.64
N ILE B 744 22.99 -39.27 -14.61
CA ILE B 744 24.14 -39.36 -13.72
C ILE B 744 24.67 -40.79 -13.73
N SER B 745 25.73 -41.03 -12.96
CA SER B 745 26.31 -42.36 -12.85
C SER B 745 25.85 -43.03 -11.56
N SER B 746 26.35 -44.24 -11.31
CA SER B 746 26.00 -44.95 -10.09
C SER B 746 26.75 -44.39 -8.89
N GLN B 747 27.97 -43.89 -9.08
CA GLN B 747 28.71 -43.32 -7.96
C GLN B 747 28.11 -41.98 -7.54
N ASP B 748 27.52 -41.24 -8.48
CA ASP B 748 26.80 -40.01 -8.13
C ASP B 748 25.57 -40.31 -7.29
N PHE B 749 24.81 -41.34 -7.67
CA PHE B 749 23.63 -41.76 -6.91
C PHE B 749 24.02 -42.26 -5.52
N SER B 750 25.10 -43.03 -5.44
CA SER B 750 25.57 -43.51 -4.14
C SER B 750 26.08 -42.38 -3.26
N GLU B 751 26.73 -41.37 -3.87
CA GLU B 751 27.22 -40.22 -3.10
C GLU B 751 26.07 -39.38 -2.57
N ILE B 752 25.03 -39.17 -3.39
CA ILE B 752 23.87 -38.40 -2.95
C ILE B 752 23.11 -39.14 -1.85
N THR B 753 22.93 -40.45 -2.01
CA THR B 753 22.20 -41.20 -0.98
C THR B 753 23.00 -41.34 0.31
N ASN B 754 24.32 -41.45 0.23
CA ASN B 754 25.13 -41.50 1.45
C ASN B 754 25.21 -40.14 2.14
N THR B 755 25.20 -39.05 1.37
CA THR B 755 25.14 -37.74 1.99
C THR B 755 23.78 -37.47 2.63
N CYS B 756 22.70 -37.99 2.02
CA CYS B 756 21.39 -37.89 2.65
C CYS B 756 21.32 -38.72 3.93
N LYS B 757 21.98 -39.89 3.94
CA LYS B 757 22.07 -40.67 5.16
C LYS B 757 22.88 -39.95 6.24
N ALA B 758 23.94 -39.23 5.84
CA ALA B 758 24.73 -38.48 6.81
C ALA B 758 23.95 -37.29 7.36
N ILE B 759 23.13 -36.65 6.53
CA ILE B 759 22.29 -35.54 7.01
C ILE B 759 21.20 -36.07 7.94
N GLU B 760 20.65 -37.25 7.64
CA GLU B 760 19.69 -37.89 8.55
C GLU B 760 20.34 -38.26 9.87
N ALA B 761 21.59 -38.75 9.84
CA ALA B 761 22.30 -39.08 11.07
C ALA B 761 22.68 -37.84 11.86
N LEU B 762 22.87 -36.71 11.18
CA LEU B 762 23.08 -35.45 11.89
C LEU B 762 21.80 -34.95 12.54
N LYS B 763 20.66 -35.11 11.85
CA LYS B 763 19.40 -34.66 12.42
C LYS B 763 18.89 -35.60 13.52
N ARG B 764 19.35 -36.85 13.55
CA ARG B 764 18.98 -37.76 14.63
C ARG B 764 19.71 -37.42 15.93
N GLN B 765 21.03 -37.47 15.90
CA GLN B 765 21.84 -37.24 17.10
C GLN B 765 22.44 -35.84 17.10
N SER C 8 25.68 -34.84 -10.38
CA SER C 8 25.43 -33.44 -10.70
C SER C 8 24.80 -32.73 -9.51
N GLY C 9 23.88 -33.41 -8.84
CA GLY C 9 23.18 -32.84 -7.70
C GLY C 9 23.90 -33.00 -6.39
N MET C 10 25.21 -33.30 -6.45
CA MET C 10 26.03 -33.40 -5.25
C MET C 10 26.37 -32.03 -4.67
N GLU C 11 26.29 -30.97 -5.48
CA GLU C 11 26.66 -29.64 -5.01
C GLU C 11 25.62 -29.10 -4.03
N ARG C 12 24.34 -29.17 -4.39
CA ARG C 12 23.29 -28.72 -3.49
C ARG C 12 23.16 -29.63 -2.28
N ILE C 13 23.50 -30.91 -2.41
CA ILE C 13 23.45 -31.80 -1.27
C ILE C 13 24.62 -31.53 -0.32
N LYS C 14 25.76 -31.06 -0.83
CA LYS C 14 26.84 -30.65 0.04
C LYS C 14 26.57 -29.29 0.68
N GLU C 15 25.86 -28.41 -0.04
CA GLU C 15 25.40 -27.16 0.56
C GLU C 15 24.41 -27.43 1.70
N LEU C 16 23.52 -28.41 1.51
CA LEU C 16 22.58 -28.77 2.57
C LEU C 16 23.29 -29.42 3.75
N MET C 17 24.34 -30.21 3.49
CA MET C 17 25.08 -30.81 4.61
C MET C 17 25.87 -29.75 5.38
N GLU C 18 26.47 -28.79 4.67
CA GLU C 18 27.18 -27.69 5.32
C GLU C 18 26.23 -26.82 6.13
N MET C 19 25.01 -26.61 5.63
CA MET C 19 24.04 -25.82 6.38
C MET C 19 23.39 -26.60 7.51
N VAL C 20 23.41 -27.93 7.47
CA VAL C 20 22.86 -28.70 8.58
C VAL C 20 23.93 -29.03 9.62
N LYS C 21 25.21 -28.79 9.30
CA LYS C 21 26.25 -28.94 10.33
C LYS C 21 26.13 -27.88 11.42
N ASN C 22 25.67 -26.68 11.08
CA ASN C 22 25.43 -25.65 12.08
C ASN C 22 24.16 -25.96 12.85
N SER C 23 24.21 -25.77 14.17
CA SER C 23 23.12 -26.22 15.03
C SER C 23 21.89 -25.32 14.92
N ARG C 24 22.08 -24.03 14.70
CA ARG C 24 20.94 -23.11 14.59
C ARG C 24 20.16 -23.35 13.30
N MET C 25 20.88 -23.49 12.18
CA MET C 25 20.21 -23.75 10.91
C MET C 25 19.62 -25.15 10.87
N ARG C 26 20.23 -26.11 11.59
CA ARG C 26 19.63 -27.44 11.71
C ARG C 26 18.33 -27.38 12.52
N GLU C 27 18.33 -26.61 13.61
CA GLU C 27 17.13 -26.42 14.41
C GLU C 27 16.02 -25.77 13.60
N ILE C 28 16.37 -24.77 12.78
CA ILE C 28 15.39 -24.07 11.97
C ILE C 28 14.85 -24.99 10.86
N LEU C 29 15.73 -25.71 10.17
CA LEU C 29 15.32 -26.59 9.10
C LEU C 29 14.56 -27.82 9.60
N THR C 30 14.76 -28.23 10.86
CA THR C 30 14.04 -29.36 11.40
C THR C 30 12.73 -28.98 12.09
N THR C 31 12.60 -27.74 12.58
CA THR C 31 11.38 -27.35 13.25
C THR C 31 10.39 -26.64 12.35
N THR C 32 10.85 -25.82 11.41
CA THR C 32 9.94 -25.12 10.50
C THR C 32 9.44 -26.06 9.42
N SER C 33 8.15 -26.00 9.15
CA SER C 33 7.53 -26.79 8.11
C SER C 33 7.62 -26.07 6.77
N VAL C 34 7.15 -26.75 5.73
CA VAL C 34 7.06 -26.12 4.41
C VAL C 34 5.99 -25.04 4.41
N ASP C 35 4.92 -25.24 5.18
CA ASP C 35 3.89 -24.22 5.32
C ASP C 35 4.39 -23.03 6.12
N HIS C 36 5.23 -23.28 7.13
CA HIS C 36 5.76 -22.21 7.96
C HIS C 36 6.87 -21.43 7.28
N MET C 37 7.41 -21.94 6.16
CA MET C 37 8.51 -21.26 5.47
C MET C 37 8.06 -19.92 4.90
N ALA C 38 6.80 -19.84 4.45
CA ALA C 38 6.24 -18.56 4.01
C ALA C 38 6.14 -17.57 5.17
N VAL C 39 6.01 -18.06 6.41
CA VAL C 39 6.03 -17.18 7.55
C VAL C 39 7.46 -16.72 7.88
N ILE C 40 8.47 -17.45 7.42
CA ILE C 40 9.86 -17.05 7.68
C ILE C 40 10.56 -16.51 6.45
N LYS C 41 9.99 -16.65 5.26
CA LYS C 41 10.58 -16.04 4.08
C LYS C 41 10.32 -14.54 4.06
N LYS C 42 9.19 -14.10 4.61
CA LYS C 42 8.83 -12.70 4.67
C LYS C 42 9.26 -12.05 5.98
N TYR C 43 10.07 -12.76 6.77
CA TYR C 43 10.55 -12.24 8.05
C TYR C 43 11.56 -11.11 7.82
N THR C 44 11.42 -10.05 8.61
CA THR C 44 12.36 -8.94 8.58
C THR C 44 12.34 -8.24 9.93
N SER C 45 13.49 -7.67 10.31
CA SER C 45 13.61 -6.98 11.58
C SER C 45 14.14 -5.55 11.46
N GLY C 46 14.85 -5.21 10.38
CA GLY C 46 15.26 -3.84 10.17
C GLY C 46 14.11 -2.97 9.72
N ARG C 47 14.39 -1.66 9.68
CA ARG C 47 13.38 -0.70 9.24
C ARG C 47 13.22 -0.77 7.72
N GLN C 48 12.00 -1.06 7.27
CA GLN C 48 11.73 -1.12 5.83
C GLN C 48 11.71 0.29 5.26
N GLU C 49 12.46 0.49 4.18
CA GLU C 49 12.63 1.81 3.60
C GLU C 49 11.37 2.22 2.82
N LYS C 50 10.82 3.38 3.15
CA LYS C 50 9.63 3.90 2.51
C LYS C 50 9.94 5.20 1.79
N ASN C 51 8.96 5.66 1.00
CA ASN C 51 9.01 6.83 0.12
C ASN C 51 10.20 6.75 -0.83
N PRO C 52 10.16 5.88 -1.84
CA PRO C 52 11.35 5.71 -2.70
C PRO C 52 11.53 6.81 -3.72
N ALA C 53 10.50 7.61 -3.99
CA ALA C 53 10.60 8.66 -5.01
C ALA C 53 11.55 9.77 -4.56
N LEU C 54 11.41 10.23 -3.32
CA LEU C 54 12.31 11.22 -2.77
C LEU C 54 13.74 10.68 -2.65
N ARG C 55 13.87 9.39 -2.29
CA ARG C 55 15.17 8.77 -2.17
C ARG C 55 15.86 8.65 -3.51
N MET C 56 15.11 8.44 -4.59
CA MET C 56 15.71 8.47 -5.91
C MET C 56 15.96 9.89 -6.40
N LYS C 57 15.22 10.88 -5.87
CA LYS C 57 15.53 12.27 -6.17
C LYS C 57 16.90 12.67 -5.62
N TRP C 58 17.16 12.36 -4.34
CA TRP C 58 18.44 12.79 -3.77
C TRP C 58 19.54 11.75 -3.89
N MET C 59 19.24 10.52 -4.26
CA MET C 59 20.24 9.46 -4.26
C MET C 59 21.01 9.37 -5.57
N MET C 60 20.45 9.88 -6.66
CA MET C 60 21.20 9.99 -7.90
C MET C 60 22.18 11.15 -7.87
N ALA C 61 22.06 12.06 -6.89
CA ALA C 61 23.10 13.04 -6.64
C ALA C 61 24.37 12.39 -6.09
N MET C 62 24.23 11.27 -5.38
CA MET C 62 25.37 10.52 -4.92
C MET C 62 26.10 9.88 -6.09
N LYS C 63 27.38 9.60 -5.88
CA LYS C 63 28.20 9.07 -6.96
C LYS C 63 27.98 7.58 -7.17
N TYR C 64 27.58 6.85 -6.13
CA TYR C 64 27.35 5.41 -6.20
C TYR C 64 25.97 5.07 -5.69
N PRO C 65 24.93 5.15 -6.53
CA PRO C 65 23.58 4.83 -6.09
C PRO C 65 23.10 3.41 -6.40
N ILE C 66 23.90 2.59 -7.08
CA ILE C 66 23.48 1.28 -7.54
C ILE C 66 24.32 0.22 -6.82
N SER C 67 23.65 -0.82 -6.32
CA SER C 67 24.32 -1.96 -5.68
C SER C 67 24.14 -3.18 -6.57
N ALA C 68 25.16 -3.49 -7.36
CA ALA C 68 25.16 -4.67 -8.21
C ALA C 68 25.92 -5.80 -7.52
N SER C 69 26.01 -6.94 -8.21
CA SER C 69 26.71 -8.10 -7.66
C SER C 69 28.22 -7.90 -7.75
N SER C 70 28.96 -8.77 -7.06
CA SER C 70 30.41 -8.65 -6.99
C SER C 70 31.07 -8.97 -8.33
N ARG C 71 30.41 -9.80 -9.16
CA ARG C 71 30.98 -10.25 -10.42
C ARG C 71 31.20 -9.12 -11.42
N ILE C 72 30.54 -7.98 -11.21
CA ILE C 72 30.74 -6.79 -12.03
C ILE C 72 32.17 -6.26 -11.92
N ARG C 73 32.89 -6.59 -10.84
CA ARG C 73 34.29 -6.23 -10.71
C ARG C 73 35.16 -6.91 -11.76
N GLU C 74 34.69 -8.02 -12.34
CA GLU C 74 35.38 -8.64 -13.46
C GLU C 74 34.79 -8.27 -14.81
N MET C 75 33.65 -7.58 -14.84
CA MET C 75 32.97 -7.34 -16.12
C MET C 75 33.23 -5.95 -16.69
N ILE C 76 33.41 -4.95 -15.84
CA ILE C 76 33.65 -3.58 -16.29
C ILE C 76 34.95 -3.09 -15.66
N PRO C 77 35.65 -2.11 -16.25
CA PRO C 77 36.81 -1.53 -15.57
C PRO C 77 36.37 -0.66 -14.40
N GLU C 78 37.36 -0.33 -13.56
CA GLU C 78 37.09 0.54 -12.43
C GLU C 78 37.03 2.00 -12.83
N LYS C 79 37.68 2.37 -13.93
CA LYS C 79 37.66 3.74 -14.42
C LYS C 79 37.11 3.78 -15.84
N ASP C 80 36.47 4.90 -16.17
CA ASP C 80 35.99 5.15 -17.52
C ASP C 80 37.13 5.72 -18.35
N GLU C 81 36.86 6.10 -19.60
CA GLU C 81 37.85 6.82 -20.38
C GLU C 81 38.08 8.23 -19.84
N ASP C 82 37.05 8.83 -19.27
CA ASP C 82 37.11 10.16 -18.69
C ASP C 82 37.56 10.16 -17.24
N GLY C 83 37.86 9.01 -16.68
CA GLY C 83 38.28 8.91 -15.29
C GLY C 83 37.16 8.73 -14.30
N ASN C 84 35.94 8.43 -14.75
CA ASN C 84 34.83 8.21 -13.85
C ASN C 84 34.98 6.87 -13.14
N THR C 85 34.99 6.90 -11.82
CA THR C 85 35.09 5.67 -11.03
C THR C 85 33.76 4.93 -11.09
N LEU C 86 33.74 3.82 -11.84
CA LEU C 86 32.48 3.13 -12.13
C LEU C 86 31.98 2.34 -10.92
N TRP C 87 32.89 1.70 -10.18
CA TRP C 87 32.48 0.90 -9.03
C TRP C 87 33.53 1.01 -7.93
N THR C 88 33.06 0.88 -6.69
CA THR C 88 33.93 0.84 -5.52
C THR C 88 33.49 -0.29 -4.61
N ASN C 89 34.43 -0.74 -3.78
CA ASN C 89 34.11 -1.75 -2.79
C ASN C 89 33.30 -1.13 -1.65
N THR C 90 32.58 -2.00 -0.93
CA THR C 90 31.86 -1.59 0.25
C THR C 90 32.76 -1.74 1.46
N LYS C 91 32.62 -0.84 2.42
CA LYS C 91 33.45 -0.85 3.64
C LYS C 91 32.97 -2.00 4.53
N ASP C 92 33.43 -3.20 4.21
CA ASP C 92 32.98 -4.41 4.85
C ASP C 92 34.06 -5.47 4.73
N ALA C 93 34.14 -6.34 5.72
CA ALA C 93 35.05 -7.48 5.70
C ALA C 93 34.40 -8.72 5.09
N GLY C 94 33.85 -8.56 3.88
CA GLY C 94 33.14 -9.63 3.21
C GLY C 94 33.21 -9.50 1.72
N SER C 95 32.11 -9.79 1.05
CA SER C 95 32.04 -9.82 -0.41
C SER C 95 30.60 -9.65 -0.84
N ASN C 96 30.30 -10.01 -2.09
CA ASN C 96 29.01 -10.23 -2.74
C ASN C 96 28.29 -8.94 -3.12
N ARG C 97 28.83 -7.77 -2.83
CA ARG C 97 28.16 -6.53 -3.18
C ARG C 97 29.18 -5.42 -3.40
N VAL C 98 28.89 -4.55 -4.35
CA VAL C 98 29.70 -3.36 -4.64
C VAL C 98 28.78 -2.22 -5.01
N LEU C 99 29.24 -1.00 -4.77
CA LEU C 99 28.48 0.20 -5.10
C LEU C 99 28.88 0.70 -6.48
N VAL C 100 27.88 0.97 -7.32
CA VAL C 100 28.07 1.13 -8.76
C VAL C 100 27.52 2.49 -9.19
N SER C 101 28.29 3.22 -10.03
CA SER C 101 27.93 4.48 -10.66
C SER C 101 27.03 4.24 -11.88
N PRO C 102 26.18 5.20 -12.25
CA PRO C 102 25.40 5.06 -13.49
C PRO C 102 26.23 5.19 -14.76
N ASN C 103 27.42 5.78 -14.65
CA ASN C 103 28.38 5.76 -15.76
C ASN C 103 28.79 4.34 -16.13
N ALA C 104 28.73 3.40 -15.18
CA ALA C 104 28.94 2.00 -15.51
C ALA C 104 27.83 1.46 -16.41
N VAL C 105 26.58 1.89 -16.16
CA VAL C 105 25.46 1.46 -17.00
C VAL C 105 25.60 2.04 -18.39
N THR C 106 26.00 3.31 -18.49
CA THR C 106 26.23 3.90 -19.81
C THR C 106 27.46 3.29 -20.49
N TRP C 107 28.46 2.88 -19.73
CA TRP C 107 29.63 2.22 -20.31
C TRP C 107 29.28 0.84 -20.85
N TRP C 108 28.43 0.10 -20.13
CA TRP C 108 27.98 -1.18 -20.65
C TRP C 108 27.10 -1.01 -21.88
N ASN C 109 26.33 0.07 -21.93
CA ASN C 109 25.47 0.28 -23.09
C ASN C 109 26.19 0.85 -24.30
N ARG C 110 27.38 1.45 -24.13
CA ARG C 110 28.11 1.97 -25.27
C ARG C 110 29.38 1.22 -25.63
N ALA C 111 29.95 0.44 -24.71
CA ALA C 111 31.23 -0.22 -24.98
C ALA C 111 31.30 -1.63 -24.38
N GLY C 112 30.16 -2.23 -24.05
CA GLY C 112 30.17 -3.55 -23.47
C GLY C 112 30.16 -4.63 -24.53
N PRO C 113 30.06 -5.89 -24.10
CA PRO C 113 30.04 -7.00 -25.07
C PRO C 113 28.72 -7.04 -25.83
N VAL C 114 28.82 -7.13 -27.15
CA VAL C 114 27.65 -7.24 -28.00
C VAL C 114 27.23 -8.70 -28.06
N SER C 115 25.99 -8.98 -27.66
CA SER C 115 25.47 -10.34 -27.69
C SER C 115 24.78 -10.62 -29.01
N ASP C 116 24.74 -11.90 -29.38
CA ASP C 116 24.03 -12.32 -30.58
C ASP C 116 22.63 -12.81 -30.28
N VAL C 117 22.41 -13.40 -29.11
CA VAL C 117 21.10 -13.86 -28.67
C VAL C 117 20.52 -12.82 -27.72
N VAL C 118 19.33 -12.34 -28.04
CA VAL C 118 18.55 -11.49 -27.15
C VAL C 118 17.19 -12.15 -26.93
N HIS C 119 16.66 -12.02 -25.72
CA HIS C 119 15.43 -12.68 -25.35
C HIS C 119 14.24 -11.74 -25.27
N TYR C 120 14.45 -10.45 -25.47
CA TYR C 120 13.37 -9.46 -25.39
C TYR C 120 12.30 -9.56 -26.48
N PRO C 121 12.58 -9.91 -27.76
CA PRO C 121 11.46 -10.12 -28.70
C PRO C 121 10.60 -11.33 -28.40
N ARG C 122 11.11 -12.33 -27.67
CA ARG C 122 10.31 -13.53 -27.43
C ARG C 122 9.51 -13.44 -26.14
N VAL C 123 10.15 -13.00 -25.05
CA VAL C 123 9.50 -12.98 -23.73
C VAL C 123 8.42 -11.90 -23.68
N TYR C 124 8.66 -10.77 -24.34
CA TYR C 124 7.73 -9.65 -24.36
C TYR C 124 7.06 -9.52 -25.72
N LYS C 125 6.68 -10.65 -26.32
CA LYS C 125 6.11 -10.68 -27.65
C LYS C 125 4.70 -10.07 -27.71
N MET C 126 4.00 -9.99 -26.57
CA MET C 126 2.67 -9.39 -26.56
C MET C 126 2.74 -7.90 -26.85
N TYR C 127 3.73 -7.21 -26.29
CA TYR C 127 3.90 -5.80 -26.56
C TYR C 127 4.37 -5.54 -27.99
N PHE C 128 5.14 -6.47 -28.56
CA PHE C 128 5.50 -6.37 -29.97
C PHE C 128 4.29 -6.60 -30.86
N ASP C 129 3.37 -7.47 -30.45
CA ASP C 129 2.12 -7.63 -31.19
C ASP C 129 1.28 -6.36 -31.13
N ARG C 130 1.22 -5.72 -29.96
CA ARG C 130 0.49 -4.45 -29.83
C ARG C 130 1.13 -3.36 -30.67
N LEU C 131 2.47 -3.34 -30.74
CA LEU C 131 3.17 -2.36 -31.58
C LEU C 131 2.92 -2.62 -33.05
N GLU C 132 2.85 -3.89 -33.46
CA GLU C 132 2.56 -4.20 -34.86
C GLU C 132 1.11 -3.92 -35.21
N ARG C 133 0.21 -3.98 -34.23
CA ARG C 133 -1.17 -3.55 -34.47
C ARG C 133 -1.26 -2.05 -34.61
N LEU C 134 -0.52 -1.31 -33.77
CA LEU C 134 -0.57 0.15 -33.82
C LEU C 134 0.09 0.70 -35.07
N THR C 135 1.19 0.09 -35.50
CA THR C 135 1.97 0.59 -36.63
C THR C 135 1.19 0.45 -37.94
N HIS C 136 0.55 -0.71 -38.16
CA HIS C 136 -0.24 -0.94 -39.36
C HIS C 136 -1.70 -0.57 -39.18
N GLY C 137 -2.01 0.36 -38.28
CA GLY C 137 -3.36 0.79 -38.05
C GLY C 137 -3.88 1.71 -39.13
N THR C 138 -5.11 2.18 -38.92
CA THR C 138 -5.78 3.06 -39.87
C THR C 138 -6.60 4.06 -39.08
N PHE C 139 -6.24 5.34 -39.16
CA PHE C 139 -6.94 6.40 -38.44
C PHE C 139 -7.95 7.05 -39.36
N GLY C 140 -9.16 7.22 -38.86
CA GLY C 140 -10.20 7.94 -39.57
C GLY C 140 -10.33 9.35 -39.02
N PRO C 141 -11.38 10.06 -39.43
CA PRO C 141 -11.61 11.41 -38.92
C PRO C 141 -12.10 11.37 -37.48
N VAL C 142 -12.08 12.54 -36.84
CA VAL C 142 -12.49 12.69 -35.46
C VAL C 142 -13.89 13.28 -35.44
N LYS C 143 -14.84 12.55 -34.86
CA LYS C 143 -16.18 13.06 -34.64
C LYS C 143 -16.26 13.66 -33.24
N PHE C 144 -17.02 14.74 -33.10
CA PHE C 144 -17.16 15.44 -31.83
C PHE C 144 -18.62 15.36 -31.39
N TYR C 145 -18.88 14.58 -30.36
CA TYR C 145 -20.23 14.45 -29.79
C TYR C 145 -20.07 13.92 -28.37
N ASN C 146 -21.17 13.94 -27.63
CA ASN C 146 -21.14 13.51 -26.23
C ASN C 146 -21.04 12.00 -26.15
N GLN C 147 -19.93 11.52 -25.59
CA GLN C 147 -19.68 10.09 -25.47
C GLN C 147 -20.54 9.50 -24.36
N VAL C 148 -21.39 8.55 -24.72
CA VAL C 148 -22.19 7.82 -23.71
C VAL C 148 -21.35 6.62 -23.30
N LYS C 149 -20.45 6.86 -22.35
CA LYS C 149 -19.55 5.82 -21.86
C LYS C 149 -20.22 5.05 -20.75
N VAL C 150 -20.18 3.72 -20.86
CA VAL C 150 -20.74 2.82 -19.86
C VAL C 150 -19.62 1.93 -19.35
N ARG C 151 -19.43 1.91 -18.03
CA ARG C 151 -18.36 1.12 -17.43
C ARG C 151 -18.75 -0.35 -17.46
N LYS C 152 -18.08 -1.11 -18.33
CA LYS C 152 -18.36 -2.53 -18.53
C LYS C 152 -17.08 -3.33 -18.31
N ARG C 153 -17.25 -4.62 -18.10
CA ARG C 153 -16.11 -5.53 -17.94
C ARG C 153 -15.66 -5.99 -19.32
N VAL C 154 -14.39 -5.69 -19.65
CA VAL C 154 -13.83 -5.98 -20.96
C VAL C 154 -12.46 -6.63 -20.78
N ASP C 155 -12.00 -7.30 -21.84
CA ASP C 155 -10.77 -8.06 -21.81
C ASP C 155 -9.60 -7.14 -22.15
N ILE C 156 -8.74 -6.86 -21.18
CA ILE C 156 -7.49 -6.17 -21.47
C ILE C 156 -6.42 -7.12 -21.99
N ASN C 157 -6.63 -8.43 -21.83
CA ASN C 157 -5.76 -9.47 -22.35
C ASN C 157 -6.74 -10.51 -22.89
N PRO C 158 -6.61 -10.90 -24.17
CA PRO C 158 -7.56 -11.87 -24.71
C PRO C 158 -7.36 -13.28 -24.19
N GLY C 159 -6.13 -13.68 -23.90
CA GLY C 159 -5.88 -15.04 -23.47
C GLY C 159 -5.99 -16.01 -24.65
N HIS C 160 -6.10 -17.29 -24.31
CA HIS C 160 -6.33 -18.31 -25.31
C HIS C 160 -7.83 -18.53 -25.47
N LYS C 161 -8.26 -18.79 -26.70
CA LYS C 161 -9.68 -19.00 -26.97
C LYS C 161 -10.20 -20.31 -26.41
N ASP C 162 -9.32 -21.29 -26.20
CA ASP C 162 -9.71 -22.61 -25.72
C ASP C 162 -9.45 -22.81 -24.24
N LEU C 163 -9.06 -21.76 -23.52
CA LEU C 163 -8.71 -21.87 -22.11
C LEU C 163 -9.37 -20.77 -21.31
N THR C 164 -9.81 -21.11 -20.10
CA THR C 164 -10.20 -20.12 -19.11
C THR C 164 -8.95 -19.69 -18.33
N SER C 165 -9.12 -18.92 -17.26
CA SER C 165 -7.97 -18.46 -16.49
C SER C 165 -7.35 -19.60 -15.67
N ARG C 166 -8.20 -20.40 -15.02
CA ARG C 166 -7.72 -21.51 -14.21
C ARG C 166 -7.06 -22.59 -15.07
N GLU C 167 -7.67 -22.89 -16.22
CA GLU C 167 -7.10 -23.89 -17.12
C GLU C 167 -5.77 -23.41 -17.71
N ALA C 168 -5.66 -22.11 -17.99
CA ALA C 168 -4.40 -21.57 -18.49
C ALA C 168 -3.31 -21.62 -17.43
N GLN C 169 -3.64 -21.30 -16.18
CA GLN C 169 -2.63 -21.39 -15.12
C GLN C 169 -2.24 -22.84 -14.85
N GLU C 170 -3.17 -23.79 -15.01
CA GLU C 170 -2.82 -25.20 -14.90
C GLU C 170 -1.91 -25.64 -16.05
N VAL C 171 -2.14 -25.10 -17.25
CA VAL C 171 -1.27 -25.41 -18.39
C VAL C 171 0.12 -24.84 -18.17
N ILE C 172 0.21 -23.63 -17.60
CA ILE C 172 1.51 -23.01 -17.33
C ILE C 172 2.27 -23.78 -16.27
N MET C 173 1.56 -24.22 -15.21
CA MET C 173 2.20 -25.01 -14.16
C MET C 173 2.63 -26.39 -14.67
N GLU C 174 1.89 -26.96 -15.62
CA GLU C 174 2.32 -28.24 -16.17
C GLU C 174 3.49 -28.08 -17.14
N VAL C 175 3.57 -26.95 -17.85
CA VAL C 175 4.67 -26.75 -18.78
C VAL C 175 5.96 -26.42 -18.05
N VAL C 176 5.92 -25.43 -17.17
CA VAL C 176 7.16 -24.88 -16.62
C VAL C 176 7.65 -25.70 -15.44
N PHE C 177 6.78 -25.98 -14.48
CA PHE C 177 7.15 -26.68 -13.25
C PHE C 177 6.37 -27.98 -13.12
N PRO C 178 6.71 -29.00 -13.90
CA PRO C 178 5.81 -30.17 -14.02
C PRO C 178 5.88 -31.14 -12.85
N ASN C 179 6.96 -31.17 -12.08
CA ASN C 179 7.09 -32.12 -10.99
C ASN C 179 6.63 -31.54 -9.65
N GLU C 180 6.03 -30.36 -9.65
CA GLU C 180 5.54 -29.71 -8.44
C GLU C 180 4.09 -29.30 -8.59
N VAL C 181 3.33 -30.04 -9.41
CA VAL C 181 1.93 -29.71 -9.68
C VAL C 181 0.96 -30.30 -8.67
N GLY C 182 1.46 -31.24 -7.86
CA GLY C 182 0.63 -31.91 -6.83
C GLY C 182 -0.31 -32.93 -7.45
N ALA C 183 -1.47 -33.15 -6.82
CA ALA C 183 -2.47 -34.11 -7.35
C ALA C 183 -3.53 -33.35 -8.16
N ARG C 184 -3.08 -32.53 -9.11
CA ARG C 184 -4.00 -31.72 -9.95
C ARG C 184 -3.74 -32.05 -11.44
N THR C 185 -4.65 -32.79 -12.07
CA THR C 185 -4.51 -33.17 -13.50
C THR C 185 -5.52 -32.35 -14.32
N LEU C 186 -5.08 -31.85 -15.49
CA LEU C 186 -5.96 -31.05 -16.37
C LEU C 186 -6.99 -31.98 -17.03
N SER C 187 -8.28 -31.72 -16.80
CA SER C 187 -9.33 -32.55 -17.37
C SER C 187 -9.63 -32.23 -18.84
N SER C 188 -9.39 -31.00 -19.27
CA SER C 188 -9.75 -30.61 -20.61
C SER C 188 -8.80 -31.22 -21.63
N ASP C 189 -9.25 -31.25 -22.89
CA ASP C 189 -8.50 -31.89 -23.96
C ASP C 189 -7.69 -30.92 -24.80
N ALA C 190 -8.05 -29.64 -24.81
CA ALA C 190 -7.21 -28.63 -25.42
C ALA C 190 -6.05 -28.24 -24.50
N GLN C 191 -6.19 -28.47 -23.19
CA GLN C 191 -5.10 -28.24 -22.25
C GLN C 191 -3.89 -29.10 -22.60
N LEU C 192 -4.11 -30.36 -22.96
CA LEU C 192 -3.00 -31.25 -23.30
C LEU C 192 -2.35 -30.85 -24.62
N THR C 193 -3.14 -30.38 -25.59
CA THR C 193 -2.57 -29.98 -26.88
C THR C 193 -1.74 -28.70 -26.75
N ILE C 194 -2.25 -27.71 -26.02
CA ILE C 194 -1.49 -26.48 -25.79
C ILE C 194 -0.28 -26.76 -24.89
N THR C 195 -0.40 -27.69 -23.94
CA THR C 195 0.73 -28.06 -23.10
C THR C 195 1.84 -28.73 -23.90
N LYS C 196 1.48 -29.62 -24.82
CA LYS C 196 2.49 -30.27 -25.65
C LYS C 196 3.10 -29.29 -26.66
N GLU C 197 2.31 -28.35 -27.17
CA GLU C 197 2.85 -27.32 -28.07
C GLU C 197 3.84 -26.41 -27.34
N LYS C 198 3.51 -26.00 -26.12
CA LYS C 198 4.42 -25.15 -25.35
C LYS C 198 5.65 -25.91 -24.88
N LYS C 199 5.51 -27.20 -24.56
CA LYS C 199 6.67 -28.00 -24.18
C LYS C 199 7.59 -28.25 -25.35
N GLU C 200 7.04 -28.38 -26.56
CA GLU C 200 7.90 -28.47 -27.74
C GLU C 200 8.55 -27.13 -28.05
N GLU C 201 7.85 -26.02 -27.77
CA GLU C 201 8.41 -24.70 -28.06
C GLU C 201 9.48 -24.30 -27.06
N LEU C 202 9.38 -24.78 -25.81
CA LEU C 202 10.23 -24.29 -24.73
C LEU C 202 11.23 -25.34 -24.24
N LYS C 203 11.66 -26.23 -25.13
CA LYS C 203 12.73 -27.15 -24.79
C LYS C 203 14.08 -26.51 -25.11
N ASN C 204 15.08 -26.86 -24.29
CA ASN C 204 16.42 -26.24 -24.29
C ASN C 204 16.33 -24.73 -24.17
N CYS C 205 15.45 -24.26 -23.27
CA CYS C 205 15.27 -22.84 -23.04
C CYS C 205 16.39 -22.32 -22.17
N LYS C 206 16.97 -21.18 -22.57
CA LYS C 206 18.10 -20.61 -21.87
C LYS C 206 17.71 -19.55 -20.86
N ILE C 207 16.43 -19.29 -20.67
CA ILE C 207 15.97 -18.25 -19.78
C ILE C 207 15.44 -18.86 -18.48
N SER C 208 15.16 -18.00 -17.50
CA SER C 208 14.70 -18.42 -16.20
C SER C 208 13.33 -19.07 -16.29
N PRO C 209 13.01 -20.01 -15.40
CA PRO C 209 11.68 -20.64 -15.44
C PRO C 209 10.55 -19.68 -15.09
N ILE C 210 10.76 -18.76 -14.15
CA ILE C 210 9.72 -17.81 -13.80
C ILE C 210 9.50 -16.80 -14.93
N MET C 211 10.56 -16.50 -15.70
CA MET C 211 10.38 -15.64 -16.88
C MET C 211 9.55 -16.33 -17.95
N VAL C 212 9.77 -17.64 -18.15
CA VAL C 212 8.95 -18.41 -19.08
C VAL C 212 7.51 -18.51 -18.58
N ALA C 213 7.34 -18.65 -17.26
CA ALA C 213 6.01 -18.72 -16.67
C ALA C 213 5.26 -17.41 -16.81
N TYR C 214 5.95 -16.28 -16.65
CA TYR C 214 5.29 -14.99 -16.84
C TYR C 214 5.03 -14.68 -18.31
N MET C 215 5.88 -15.18 -19.21
CA MET C 215 5.60 -15.06 -20.64
C MET C 215 4.35 -15.83 -21.02
N LEU C 216 4.24 -17.08 -20.56
CA LEU C 216 3.03 -17.86 -20.81
C LEU C 216 1.83 -17.33 -20.03
N GLU C 217 2.06 -16.59 -18.94
CA GLU C 217 0.97 -15.98 -18.20
C GLU C 217 0.40 -14.76 -18.92
N ARG C 218 1.27 -13.96 -19.53
CA ARG C 218 0.78 -12.84 -20.34
C ARG C 218 0.37 -13.28 -21.74
N GLU C 219 0.62 -14.53 -22.12
CA GLU C 219 0.11 -15.06 -23.38
C GLU C 219 -1.22 -15.78 -23.22
N LEU C 220 -1.33 -16.68 -22.23
CA LEU C 220 -2.46 -17.60 -22.14
C LEU C 220 -3.58 -17.14 -21.20
N VAL C 221 -3.25 -16.44 -20.12
CA VAL C 221 -4.26 -16.06 -19.14
C VAL C 221 -4.90 -14.76 -19.58
N ARG C 222 -6.23 -14.72 -19.61
CA ARG C 222 -6.96 -13.51 -19.93
C ARG C 222 -7.23 -12.71 -18.66
N ARG C 223 -7.11 -11.39 -18.77
CA ARG C 223 -7.38 -10.48 -17.67
C ARG C 223 -8.54 -9.58 -18.06
N THR C 224 -9.40 -9.25 -17.10
CA THR C 224 -10.57 -8.43 -17.34
C THR C 224 -10.61 -7.28 -16.35
N ARG C 225 -10.96 -6.08 -16.84
CA ARG C 225 -11.08 -4.90 -16.02
C ARG C 225 -12.40 -4.20 -16.33
N PHE C 226 -12.83 -3.35 -15.40
CA PHE C 226 -14.01 -2.51 -15.57
C PHE C 226 -13.56 -1.15 -16.11
N LEU C 227 -13.92 -0.84 -17.35
CA LEU C 227 -13.47 0.38 -17.99
C LEU C 227 -14.65 1.04 -18.71
N PRO C 228 -14.67 2.39 -18.76
CA PRO C 228 -15.74 3.06 -19.50
C PRO C 228 -15.60 2.91 -21.00
N ILE C 229 -16.46 2.09 -21.59
CA ILE C 229 -16.36 1.72 -23.00
C ILE C 229 -17.42 2.48 -23.78
N ALA C 230 -16.97 3.26 -24.77
CA ALA C 230 -17.84 3.86 -25.77
C ALA C 230 -17.39 3.31 -27.11
N GLY C 231 -18.04 2.24 -27.56
CA GLY C 231 -17.64 1.60 -28.79
C GLY C 231 -17.44 0.10 -28.66
N ALA C 232 -16.39 -0.42 -29.30
CA ALA C 232 -16.17 -1.85 -29.35
C ALA C 232 -15.58 -2.37 -28.04
N THR C 233 -15.85 -3.63 -27.75
CA THR C 233 -15.39 -4.29 -26.53
C THR C 233 -14.38 -5.39 -26.82
N SER C 234 -13.83 -5.44 -28.03
CA SER C 234 -12.84 -6.45 -28.35
C SER C 234 -11.50 -6.11 -27.68
N SER C 235 -10.66 -7.15 -27.51
CA SER C 235 -9.41 -7.00 -26.78
C SER C 235 -8.38 -6.16 -27.52
N THR C 236 -8.55 -5.94 -28.83
CA THR C 236 -7.70 -5.04 -29.58
C THR C 236 -8.12 -3.58 -29.47
N TYR C 237 -9.31 -3.32 -28.94
CA TYR C 237 -9.80 -1.96 -28.77
C TYR C 237 -9.70 -1.46 -27.34
N VAL C 238 -9.58 -2.37 -26.37
CA VAL C 238 -9.37 -1.95 -24.98
C VAL C 238 -7.94 -1.44 -24.78
N GLU C 239 -6.98 -1.98 -25.55
CA GLU C 239 -5.59 -1.56 -25.43
C GLU C 239 -5.36 -0.17 -26.01
N VAL C 240 -6.25 0.31 -26.89
CA VAL C 240 -6.12 1.64 -27.48
C VAL C 240 -7.29 2.49 -27.03
N LEU C 241 -7.79 2.22 -25.82
CA LEU C 241 -8.95 2.95 -25.30
C LEU C 241 -8.61 4.41 -25.00
N HIS C 242 -7.37 4.69 -24.63
CA HIS C 242 -6.95 6.07 -24.40
C HIS C 242 -6.85 6.86 -25.71
N LEU C 243 -6.62 6.17 -26.82
CA LEU C 243 -6.46 6.80 -28.12
C LEU C 243 -7.78 6.99 -28.86
N THR C 244 -8.69 6.03 -28.75
CA THR C 244 -9.89 6.02 -29.58
C THR C 244 -11.02 6.88 -29.04
N GLN C 245 -11.03 7.20 -27.75
CA GLN C 245 -12.15 7.93 -27.17
C GLN C 245 -11.66 8.87 -26.09
N GLY C 246 -12.51 9.85 -25.79
CA GLY C 246 -12.25 10.81 -24.73
C GLY C 246 -13.50 11.10 -23.92
N THR C 247 -13.85 12.37 -23.80
CA THR C 247 -15.13 12.77 -23.23
C THR C 247 -16.08 13.37 -24.24
N CYS C 248 -15.56 14.08 -25.24
CA CYS C 248 -16.37 14.72 -26.26
C CYS C 248 -15.96 14.35 -27.67
N TRP C 249 -15.02 13.43 -27.84
CA TRP C 249 -14.51 13.12 -29.17
C TRP C 249 -14.35 11.61 -29.32
N GLU C 250 -14.29 11.18 -30.58
CA GLU C 250 -14.11 9.78 -30.92
C GLU C 250 -13.12 9.69 -32.07
N GLN C 251 -12.04 8.94 -31.86
CA GLN C 251 -11.07 8.67 -32.91
C GLN C 251 -11.43 7.36 -33.60
N GLN C 252 -11.65 7.42 -34.91
CA GLN C 252 -11.99 6.23 -35.68
C GLN C 252 -10.70 5.49 -36.01
N TYR C 253 -10.48 4.35 -35.36
CA TYR C 253 -9.24 3.61 -35.46
C TYR C 253 -9.54 2.15 -35.79
N THR C 254 -8.72 1.59 -36.68
CA THR C 254 -8.87 0.19 -37.10
C THR C 254 -7.50 -0.47 -36.97
N PRO C 255 -7.35 -1.50 -36.13
CA PRO C 255 -6.04 -2.14 -35.96
C PRO C 255 -5.63 -3.01 -37.14
N GLY C 256 -4.45 -3.63 -37.03
CA GLY C 256 -3.96 -4.51 -38.07
C GLY C 256 -3.73 -5.92 -37.58
MG MG F . -17.33 10.31 10.25
MG MG G . -20.47 11.63 2.44
#